data_1LV3
#
_entry.id   1LV3
#
loop_
_entity.id
_entity.type
_entity.pdbx_description
1 polymer 'HYPOTHETICAL PROTEIN YacG'
2 non-polymer 'ZINC ION'
#
_entity_poly.entity_id   1
_entity_poly.type   'polypeptide(L)'
_entity_poly.pdbx_seq_one_letter_code
;GSHMSETITVNCPTCGKTVVWGEISPFRPFCSKRCQLIDLGEWAAEEKRIPSSGDLSESDDWSEEPKQ
;
_entity_poly.pdbx_strand_id   A
#
# COMPACT_ATOMS: atom_id res chain seq x y z
N MET A 4 -15.33 5.87 19.39
CA MET A 4 -16.68 6.33 19.83
C MET A 4 -17.70 6.07 18.70
N SER A 5 -18.85 5.51 19.05
CA SER A 5 -19.90 5.23 18.02
C SER A 5 -19.31 4.31 16.93
N GLU A 6 -19.29 3.02 17.19
CA GLU A 6 -18.71 2.04 16.22
C GLU A 6 -17.18 2.25 16.15
N THR A 7 -16.43 1.37 16.78
CA THR A 7 -14.94 1.53 16.76
C THR A 7 -14.28 0.17 16.46
N ILE A 8 -14.59 -0.42 15.33
CA ILE A 8 -13.98 -1.74 14.95
C ILE A 8 -12.59 -1.49 14.34
N THR A 9 -11.66 -2.40 14.54
CA THR A 9 -10.28 -2.19 13.99
C THR A 9 -10.08 -3.04 12.73
N VAL A 10 -9.69 -2.42 11.64
CA VAL A 10 -9.46 -3.18 10.36
C VAL A 10 -7.95 -3.25 10.10
N ASN A 11 -7.47 -4.38 9.63
CA ASN A 11 -6.00 -4.52 9.36
C ASN A 11 -5.67 -4.06 7.94
N CYS A 12 -4.61 -3.30 7.79
CA CYS A 12 -4.20 -2.81 6.44
C CYS A 12 -3.71 -4.00 5.59
N PRO A 13 -4.37 -4.22 4.48
CA PRO A 13 -4.03 -5.33 3.56
C PRO A 13 -2.79 -5.01 2.70
N THR A 14 -2.16 -3.88 2.90
CA THR A 14 -0.95 -3.52 2.09
C THR A 14 0.32 -3.71 2.94
N CYS A 15 0.35 -3.14 4.11
CA CYS A 15 1.57 -3.28 4.99
C CYS A 15 1.29 -4.22 6.17
N GLY A 16 0.04 -4.35 6.58
CA GLY A 16 -0.28 -5.23 7.74
C GLY A 16 -0.23 -4.39 9.02
N LYS A 17 -1.28 -3.65 9.29
CA LYS A 17 -1.32 -2.78 10.50
C LYS A 17 -2.75 -2.64 11.01
N THR A 18 -2.96 -2.72 12.30
CA THR A 18 -4.35 -2.59 12.86
C THR A 18 -4.75 -1.10 12.87
N VAL A 19 -5.66 -0.72 12.00
CA VAL A 19 -6.11 0.70 11.95
C VAL A 19 -7.55 0.78 12.49
N VAL A 20 -7.80 1.67 13.42
CA VAL A 20 -9.18 1.79 14.00
C VAL A 20 -10.15 2.33 12.94
N TRP A 21 -11.30 1.71 12.83
CA TRP A 21 -12.33 2.15 11.84
C TRP A 21 -13.61 2.57 12.57
N GLY A 22 -14.40 3.44 11.98
CA GLY A 22 -15.66 3.89 12.64
C GLY A 22 -15.65 5.41 12.80
N GLU A 23 -15.85 5.90 14.00
CA GLU A 23 -15.87 7.37 14.24
C GLU A 23 -14.86 7.70 15.36
N ILE A 24 -13.61 7.90 15.00
CA ILE A 24 -12.57 8.22 16.03
C ILE A 24 -11.29 8.75 15.36
N SER A 25 -10.84 8.11 14.31
CA SER A 25 -9.60 8.56 13.62
C SER A 25 -9.94 9.12 12.23
N PRO A 26 -9.04 9.91 11.68
CA PRO A 26 -9.22 10.54 10.36
C PRO A 26 -8.94 9.52 9.24
N PHE A 27 -8.03 8.59 9.47
CA PHE A 27 -7.72 7.56 8.42
C PHE A 27 -8.22 6.19 8.88
N ARG A 28 -9.52 6.01 8.93
CA ARG A 28 -10.09 4.69 9.37
C ARG A 28 -9.70 3.59 8.36
N PRO A 29 -9.92 3.83 7.07
CA PRO A 29 -9.58 2.87 6.02
C PRO A 29 -8.07 2.89 5.74
N PHE A 30 -7.40 1.77 5.95
CA PHE A 30 -5.91 1.71 5.72
C PHE A 30 -5.19 2.61 6.73
N CYS A 31 -3.91 2.38 6.92
CA CYS A 31 -3.13 3.21 7.90
C CYS A 31 -2.62 4.50 7.22
N SER A 32 -2.34 4.45 5.94
CA SER A 32 -1.83 5.66 5.22
C SER A 32 -2.46 5.75 3.83
N LYS A 33 -2.30 6.88 3.17
CA LYS A 33 -2.87 7.06 1.80
C LYS A 33 -2.10 6.18 0.81
N ARG A 34 -0.79 6.07 0.98
CA ARG A 34 0.03 5.23 0.05
C ARG A 34 -0.38 3.75 0.16
N CYS A 35 -0.65 3.28 1.36
CA CYS A 35 -1.06 1.84 1.53
C CYS A 35 -2.36 1.60 0.74
N GLN A 36 -3.36 2.42 0.95
CA GLN A 36 -4.64 2.24 0.19
C GLN A 36 -4.37 2.37 -1.31
N LEU A 37 -3.44 3.22 -1.69
CA LEU A 37 -3.10 3.40 -3.13
C LEU A 37 -2.53 2.08 -3.68
N ILE A 38 -1.37 1.68 -3.22
CA ILE A 38 -0.74 0.41 -3.71
C ILE A 38 -1.75 -0.75 -3.65
N ASP A 39 -2.69 -0.70 -2.71
CA ASP A 39 -3.71 -1.80 -2.60
C ASP A 39 -4.39 -2.03 -3.95
N LEU A 40 -4.79 -0.98 -4.63
CA LEU A 40 -5.47 -1.16 -5.96
C LEU A 40 -4.46 -1.80 -6.93
N GLY A 41 -3.34 -1.14 -7.16
CA GLY A 41 -2.30 -1.71 -8.08
C GLY A 41 -2.22 -0.90 -9.39
N GLU A 42 -2.65 0.34 -9.38
CA GLU A 42 -2.58 1.17 -10.63
C GLU A 42 -1.74 2.42 -10.34
N TRP A 43 -0.66 2.27 -9.62
CA TRP A 43 0.22 3.44 -9.29
C TRP A 43 1.69 3.07 -9.51
N ALA A 44 2.33 3.67 -10.47
CA ALA A 44 3.77 3.37 -10.75
C ALA A 44 4.63 4.57 -10.35
N ALA A 45 5.92 4.50 -10.63
CA ALA A 45 6.84 5.64 -10.28
C ALA A 45 6.36 6.92 -10.99
N GLU A 46 5.78 6.77 -12.16
CA GLU A 46 5.27 7.95 -12.93
C GLU A 46 3.89 8.38 -12.38
N GLU A 47 3.48 9.58 -12.67
CA GLU A 47 2.16 10.08 -12.18
C GLU A 47 1.03 9.49 -13.04
N LYS A 48 0.93 9.92 -14.26
CA LYS A 48 -0.13 9.41 -15.18
C LYS A 48 0.43 9.37 -16.59
N ARG A 49 0.91 8.22 -17.02
CA ARG A 49 1.52 8.11 -18.38
C ARG A 49 2.81 8.95 -18.40
N ILE A 50 3.71 8.67 -19.30
CA ILE A 50 4.96 9.48 -19.35
C ILE A 50 5.00 10.27 -20.68
N PRO A 51 4.89 11.58 -20.56
CA PRO A 51 4.92 12.50 -21.72
C PRO A 51 6.35 12.61 -22.26
N SER A 52 7.34 12.56 -21.38
CA SER A 52 8.76 12.64 -21.83
C SER A 52 9.14 11.31 -22.49
N SER A 53 9.60 11.34 -23.72
CA SER A 53 9.97 10.07 -24.42
C SER A 53 11.02 10.36 -25.49
N GLY A 54 11.99 9.49 -25.62
CA GLY A 54 13.06 9.69 -26.64
C GLY A 54 14.43 9.65 -25.96
N ASP A 55 15.23 10.68 -26.16
CA ASP A 55 16.59 10.74 -25.52
C ASP A 55 17.31 9.38 -25.73
N LEU A 56 17.87 8.80 -24.70
CA LEU A 56 18.56 7.48 -24.85
C LEU A 56 18.02 6.51 -23.79
N SER A 57 17.32 5.48 -24.21
CA SER A 57 16.75 4.48 -23.24
C SER A 57 15.85 5.24 -22.24
N GLU A 58 15.01 6.10 -22.74
CA GLU A 58 14.08 6.88 -21.85
C GLU A 58 12.64 6.40 -22.07
N SER A 59 11.91 6.23 -21.00
CA SER A 59 10.48 5.76 -21.11
C SER A 59 10.42 4.37 -21.74
N ASP A 60 10.67 3.34 -20.95
CA ASP A 60 10.62 1.95 -21.48
C ASP A 60 9.17 1.45 -21.42
N ASP A 61 8.42 1.66 -22.47
CA ASP A 61 6.99 1.21 -22.50
C ASP A 61 6.72 0.34 -23.74
N TRP A 62 7.17 0.76 -24.91
CA TRP A 62 6.94 -0.06 -26.15
C TRP A 62 7.90 0.36 -27.27
N SER A 63 8.70 -0.57 -27.76
CA SER A 63 9.67 -0.29 -28.87
C SER A 63 10.54 0.95 -28.55
N GLU A 64 11.58 0.77 -27.75
CA GLU A 64 12.48 1.92 -27.43
C GLU A 64 13.74 1.81 -28.29
N GLU A 65 14.47 0.71 -28.16
CA GLU A 65 15.71 0.50 -28.97
C GLU A 65 16.81 1.50 -28.53
N PRO A 66 18.05 1.16 -28.86
CA PRO A 66 19.22 1.99 -28.55
C PRO A 66 19.38 3.17 -29.54
N LYS A 67 18.58 3.21 -30.58
CA LYS A 67 18.69 4.32 -31.58
C LYS A 67 17.84 5.53 -31.14
N GLN A 68 16.72 5.29 -30.50
CA GLN A 68 15.86 6.44 -30.06
C GLN A 68 15.26 6.15 -28.66
N MET A 4 -23.68 -2.42 22.34
CA MET A 4 -22.20 -2.62 22.49
C MET A 4 -21.46 -1.47 21.81
N SER A 5 -20.58 -0.81 22.52
CA SER A 5 -19.80 0.30 21.92
C SER A 5 -18.51 -0.31 21.32
N GLU A 6 -18.65 -1.47 20.72
CA GLU A 6 -17.51 -2.21 20.12
C GLU A 6 -16.85 -1.39 19.01
N THR A 7 -15.57 -1.13 19.17
CA THR A 7 -14.82 -0.40 18.13
C THR A 7 -14.04 -1.44 17.33
N ILE A 8 -14.52 -1.80 16.18
CA ILE A 8 -13.82 -2.84 15.36
C ILE A 8 -12.61 -2.19 14.69
N THR A 9 -11.56 -2.95 14.47
CA THR A 9 -10.33 -2.37 13.86
C THR A 9 -10.00 -3.09 12.54
N VAL A 10 -9.97 -2.35 11.46
CA VAL A 10 -9.63 -2.96 10.13
C VAL A 10 -8.10 -3.00 9.98
N ASN A 11 -7.56 -4.11 9.56
CA ASN A 11 -6.08 -4.22 9.42
C ASN A 11 -5.66 -3.84 8.00
N CYS A 12 -4.62 -3.04 7.88
CA CYS A 12 -4.12 -2.61 6.54
C CYS A 12 -3.56 -3.84 5.81
N PRO A 13 -4.16 -4.17 4.68
CA PRO A 13 -3.74 -5.33 3.86
C PRO A 13 -2.45 -5.04 3.07
N THR A 14 -2.06 -3.79 2.94
CA THR A 14 -0.82 -3.47 2.17
C THR A 14 0.43 -3.68 3.04
N CYS A 15 0.46 -3.13 4.22
CA CYS A 15 1.67 -3.29 5.10
C CYS A 15 1.34 -4.19 6.31
N GLY A 16 0.09 -4.24 6.72
CA GLY A 16 -0.28 -5.09 7.90
C GLY A 16 -0.24 -4.22 9.16
N LYS A 17 -1.22 -3.36 9.32
CA LYS A 17 -1.26 -2.47 10.51
C LYS A 17 -2.70 -2.36 11.03
N THR A 18 -2.91 -2.58 12.30
CA THR A 18 -4.29 -2.52 12.88
C THR A 18 -4.75 -1.05 12.91
N VAL A 19 -5.79 -0.74 12.16
CA VAL A 19 -6.31 0.66 12.15
C VAL A 19 -7.75 0.65 12.70
N VAL A 20 -7.99 1.43 13.72
CA VAL A 20 -9.36 1.49 14.32
C VAL A 20 -10.41 1.79 13.24
N TRP A 21 -11.53 1.10 13.29
CA TRP A 21 -12.61 1.31 12.28
C TRP A 21 -13.84 1.94 12.96
N GLY A 22 -14.66 2.61 12.19
CA GLY A 22 -15.89 3.25 12.74
C GLY A 22 -15.77 4.77 12.56
N GLU A 23 -15.40 5.47 13.60
CA GLU A 23 -15.26 6.96 13.49
C GLU A 23 -14.35 7.46 14.63
N ILE A 24 -13.14 6.94 14.69
CA ILE A 24 -12.18 7.36 15.74
C ILE A 24 -10.93 7.95 15.09
N SER A 25 -10.34 7.23 14.18
CA SER A 25 -9.10 7.74 13.49
C SER A 25 -9.49 8.46 12.19
N PRO A 26 -8.53 9.17 11.63
CA PRO A 26 -8.74 9.91 10.38
C PRO A 26 -8.66 8.93 9.19
N PHE A 27 -7.85 7.91 9.30
CA PHE A 27 -7.70 6.92 8.21
C PHE A 27 -8.23 5.56 8.67
N ARG A 28 -9.52 5.47 8.91
CA ARG A 28 -10.12 4.17 9.36
C ARG A 28 -9.69 3.04 8.41
N PRO A 29 -9.95 3.22 7.12
CA PRO A 29 -9.55 2.23 6.10
C PRO A 29 -8.05 2.39 5.79
N PHE A 30 -7.28 1.34 6.01
CA PHE A 30 -5.79 1.40 5.76
C PHE A 30 -5.12 2.34 6.78
N CYS A 31 -3.84 2.19 6.98
CA CYS A 31 -3.11 3.07 7.94
C CYS A 31 -2.58 4.32 7.22
N SER A 32 -2.16 4.18 5.99
CA SER A 32 -1.64 5.36 5.22
C SER A 32 -2.26 5.38 3.82
N LYS A 33 -2.14 6.48 3.11
CA LYS A 33 -2.71 6.57 1.73
C LYS A 33 -1.87 5.74 0.77
N ARG A 34 -0.56 5.71 0.94
CA ARG A 34 0.30 4.88 0.03
C ARG A 34 -0.15 3.42 0.10
N CYS A 35 -0.57 2.98 1.26
CA CYS A 35 -1.05 1.57 1.42
C CYS A 35 -2.33 1.40 0.61
N GLN A 36 -3.33 2.21 0.88
CA GLN A 36 -4.61 2.12 0.11
C GLN A 36 -4.33 2.32 -1.39
N LEU A 37 -3.34 3.15 -1.70
CA LEU A 37 -2.99 3.39 -3.13
C LEU A 37 -2.50 2.07 -3.74
N ILE A 38 -1.38 1.56 -3.27
CA ILE A 38 -0.84 0.27 -3.81
C ILE A 38 -1.94 -0.80 -3.84
N ASP A 39 -2.92 -0.71 -2.95
CA ASP A 39 -4.02 -1.73 -2.93
C ASP A 39 -4.76 -1.75 -4.27
N LEU A 40 -4.98 -0.61 -4.87
CA LEU A 40 -5.68 -0.56 -6.19
C LEU A 40 -4.83 -1.29 -7.24
N GLY A 41 -3.62 -0.81 -7.46
CA GLY A 41 -2.71 -1.46 -8.44
C GLY A 41 -2.49 -0.57 -9.68
N GLU A 42 -2.65 0.72 -9.53
CA GLU A 42 -2.44 1.65 -10.70
C GLU A 42 -1.43 2.73 -10.31
N TRP A 43 -0.39 2.36 -9.60
CA TRP A 43 0.64 3.35 -9.16
C TRP A 43 2.05 2.76 -9.34
N ALA A 44 3.07 3.51 -8.99
CA ALA A 44 4.46 2.99 -9.13
C ALA A 44 4.98 2.51 -7.77
N ALA A 45 4.68 1.28 -7.42
CA ALA A 45 5.14 0.73 -6.11
C ALA A 45 5.05 -0.81 -6.12
N GLU A 46 5.74 -1.44 -7.05
CA GLU A 46 5.71 -2.94 -7.14
C GLU A 46 4.25 -3.42 -7.27
N GLU A 47 3.67 -3.30 -8.45
CA GLU A 47 2.26 -3.75 -8.63
C GLU A 47 1.89 -3.81 -10.13
N LYS A 48 2.35 -2.86 -10.91
CA LYS A 48 2.02 -2.86 -12.37
C LYS A 48 3.27 -2.49 -13.17
N ARG A 49 3.74 -3.39 -14.02
CA ARG A 49 4.96 -3.10 -14.84
C ARG A 49 4.55 -2.58 -16.21
N ILE A 50 5.10 -1.45 -16.61
CA ILE A 50 4.76 -0.86 -17.94
C ILE A 50 6.03 -0.78 -18.81
N PRO A 51 6.19 -1.75 -19.70
CA PRO A 51 7.35 -1.81 -20.62
C PRO A 51 7.23 -0.80 -21.77
N SER A 52 8.30 -0.65 -22.53
CA SER A 52 8.30 0.31 -23.69
C SER A 52 7.27 -0.12 -24.75
N SER A 53 7.06 -1.42 -24.90
CA SER A 53 6.06 -1.90 -25.91
C SER A 53 4.69 -1.29 -25.58
N GLY A 54 4.36 -1.25 -24.30
CA GLY A 54 3.05 -0.66 -23.88
C GLY A 54 2.71 -1.19 -22.48
N ASP A 55 1.77 -2.11 -22.40
CA ASP A 55 1.39 -2.67 -21.06
C ASP A 55 1.45 -4.21 -21.13
N LEU A 56 2.20 -4.83 -20.24
CA LEU A 56 2.32 -6.32 -20.25
C LEU A 56 1.99 -6.90 -18.87
N SER A 57 1.28 -8.01 -18.84
CA SER A 57 0.92 -8.66 -17.54
C SER A 57 0.23 -7.67 -16.60
N GLU A 58 -1.04 -7.44 -16.79
CA GLU A 58 -1.79 -6.50 -15.90
C GLU A 58 -2.21 -7.24 -14.64
N SER A 59 -1.93 -6.67 -13.48
CA SER A 59 -2.29 -7.34 -12.19
C SER A 59 -1.45 -8.62 -12.01
N ASP A 60 -0.16 -8.46 -11.82
CA ASP A 60 0.73 -9.65 -11.62
C ASP A 60 1.71 -9.35 -10.48
N ASP A 61 1.57 -10.05 -9.37
CA ASP A 61 2.47 -9.83 -8.19
C ASP A 61 2.21 -8.44 -7.61
N TRP A 62 1.38 -8.35 -6.61
CA TRP A 62 1.07 -7.02 -5.97
C TRP A 62 1.86 -6.88 -4.68
N SER A 63 1.90 -5.69 -4.13
CA SER A 63 2.63 -5.47 -2.84
C SER A 63 1.90 -6.23 -1.72
N GLU A 64 0.58 -6.20 -1.74
CA GLU A 64 -0.21 -6.93 -0.70
C GLU A 64 -0.02 -8.44 -0.88
N GLU A 65 -0.36 -8.93 -2.05
CA GLU A 65 -0.26 -10.38 -2.34
C GLU A 65 0.61 -10.60 -3.58
N PRO A 66 1.81 -11.09 -3.39
CA PRO A 66 2.74 -11.37 -4.49
C PRO A 66 2.35 -12.64 -5.23
N LYS A 67 2.10 -13.73 -4.53
CA LYS A 67 1.71 -15.00 -5.21
C LYS A 67 0.88 -15.89 -4.26
N GLN A 68 -0.23 -16.43 -4.74
CA GLN A 68 -1.10 -17.30 -3.88
C GLN A 68 -1.33 -18.65 -4.57
N MET A 4 -10.45 -4.35 19.14
CA MET A 4 -10.54 -5.76 19.60
C MET A 4 -11.80 -5.94 20.47
N SER A 5 -11.80 -5.44 21.68
CA SER A 5 -13.02 -5.58 22.56
C SER A 5 -13.90 -4.34 22.39
N GLU A 6 -13.32 -3.17 22.51
CA GLU A 6 -14.10 -1.90 22.34
C GLU A 6 -13.81 -1.33 20.95
N THR A 7 -14.82 -1.19 20.12
CA THR A 7 -14.65 -0.64 18.74
C THR A 7 -13.86 -1.65 17.87
N ILE A 8 -14.35 -1.95 16.70
CA ILE A 8 -13.64 -2.94 15.81
C ILE A 8 -12.47 -2.24 15.10
N THR A 9 -11.42 -2.98 14.80
CA THR A 9 -10.24 -2.38 14.12
C THR A 9 -9.97 -3.11 12.79
N VAL A 10 -9.84 -2.38 11.72
CA VAL A 10 -9.57 -3.00 10.39
C VAL A 10 -8.05 -3.07 10.16
N ASN A 11 -7.56 -4.17 9.63
CA ASN A 11 -6.10 -4.32 9.39
C ASN A 11 -5.76 -3.88 7.95
N CYS A 12 -4.68 -3.14 7.79
CA CYS A 12 -4.27 -2.69 6.42
C CYS A 12 -3.81 -3.91 5.61
N PRO A 13 -4.48 -4.14 4.50
CA PRO A 13 -4.17 -5.28 3.60
C PRO A 13 -2.92 -5.03 2.75
N THR A 14 -2.31 -3.87 2.85
CA THR A 14 -1.09 -3.59 2.03
C THR A 14 0.17 -3.81 2.87
N CYS A 15 0.25 -3.23 4.04
CA CYS A 15 1.45 -3.40 4.91
C CYS A 15 1.15 -4.31 6.10
N GLY A 16 -0.09 -4.32 6.58
CA GLY A 16 -0.44 -5.18 7.75
C GLY A 16 -0.36 -4.32 9.02
N LYS A 17 -1.30 -3.42 9.19
CA LYS A 17 -1.30 -2.54 10.40
C LYS A 17 -2.71 -2.45 10.98
N THR A 18 -2.85 -2.57 12.27
CA THR A 18 -4.20 -2.49 12.91
C THR A 18 -4.67 -1.04 12.97
N VAL A 19 -5.69 -0.71 12.21
CA VAL A 19 -6.21 0.69 12.20
C VAL A 19 -7.61 0.69 12.83
N VAL A 20 -7.84 1.54 13.81
CA VAL A 20 -9.18 1.59 14.48
C VAL A 20 -10.27 1.95 13.46
N TRP A 21 -11.41 1.28 13.54
CA TRP A 21 -12.53 1.56 12.60
C TRP A 21 -13.65 2.31 13.34
N GLY A 22 -14.47 3.04 12.62
CA GLY A 22 -15.58 3.80 13.26
C GLY A 22 -15.20 5.28 13.38
N GLU A 23 -16.07 6.08 13.94
CA GLU A 23 -15.79 7.54 14.09
C GLU A 23 -14.74 7.75 15.19
N ILE A 24 -13.51 8.02 14.80
CA ILE A 24 -12.42 8.23 15.80
C ILE A 24 -11.13 8.66 15.07
N SER A 25 -10.84 8.04 13.95
CA SER A 25 -9.60 8.39 13.18
C SER A 25 -9.98 8.92 11.79
N PRO A 26 -9.08 9.68 11.19
CA PRO A 26 -9.30 10.27 9.86
C PRO A 26 -9.11 9.21 8.76
N PHE A 27 -8.19 8.28 8.95
CA PHE A 27 -7.96 7.22 7.93
C PHE A 27 -8.43 5.87 8.50
N ARG A 28 -9.72 5.72 8.68
CA ARG A 28 -10.28 4.43 9.23
C ARG A 28 -9.83 3.25 8.36
N PRO A 29 -10.08 3.33 7.07
CA PRO A 29 -9.68 2.27 6.11
C PRO A 29 -8.18 2.41 5.81
N PHE A 30 -7.43 1.34 5.93
CA PHE A 30 -5.95 1.38 5.67
C PHE A 30 -5.28 2.29 6.72
N CYS A 31 -3.96 2.33 6.71
CA CYS A 31 -3.22 3.19 7.70
C CYS A 31 -2.71 4.47 7.02
N SER A 32 -2.35 4.39 5.76
CA SER A 32 -1.83 5.61 5.04
C SER A 32 -2.43 5.69 3.63
N LYS A 33 -2.33 6.84 3.00
CA LYS A 33 -2.86 7.02 1.62
C LYS A 33 -2.08 6.13 0.65
N ARG A 34 -0.78 6.02 0.83
CA ARG A 34 0.05 5.17 -0.07
C ARG A 34 -0.37 3.70 0.04
N CYS A 35 -0.64 3.23 1.25
CA CYS A 35 -1.08 1.81 1.43
C CYS A 35 -2.37 1.57 0.65
N GLN A 36 -3.35 2.42 0.82
CA GLN A 36 -4.63 2.28 0.07
C GLN A 36 -4.36 2.40 -1.44
N LEU A 37 -3.42 3.25 -1.80
CA LEU A 37 -3.08 3.43 -3.25
C LEU A 37 -2.46 2.14 -3.79
N ILE A 38 -1.29 1.77 -3.31
CA ILE A 38 -0.60 0.52 -3.79
C ILE A 38 -1.58 -0.67 -3.71
N ASP A 39 -2.50 -0.67 -2.78
CA ASP A 39 -3.47 -1.81 -2.65
C ASP A 39 -4.16 -2.06 -4.01
N LEU A 40 -4.54 -1.00 -4.71
CA LEU A 40 -5.19 -1.17 -6.05
C LEU A 40 -4.20 -1.82 -7.01
N GLY A 41 -3.08 -1.19 -7.24
CA GLY A 41 -2.05 -1.79 -8.16
C GLY A 41 -1.98 -1.01 -9.48
N GLU A 42 -2.33 0.27 -9.47
CA GLU A 42 -2.27 1.08 -10.73
C GLU A 42 -1.53 2.39 -10.44
N TRP A 43 -0.39 2.30 -9.79
CA TRP A 43 0.39 3.53 -9.45
C TRP A 43 1.89 3.26 -9.63
N ALA A 44 2.39 2.23 -8.99
CA ALA A 44 3.83 1.90 -9.10
C ALA A 44 4.67 3.11 -8.63
N ALA A 45 4.37 3.59 -7.44
CA ALA A 45 5.13 4.76 -6.88
C ALA A 45 6.11 4.25 -5.82
N GLU A 46 5.71 3.25 -5.05
CA GLU A 46 6.58 2.67 -4.00
C GLU A 46 7.13 1.31 -4.49
N GLU A 47 8.37 1.26 -4.90
CA GLU A 47 8.96 -0.03 -5.40
C GLU A 47 10.46 -0.10 -5.07
N LYS A 48 10.80 -0.61 -3.91
CA LYS A 48 12.23 -0.74 -3.52
C LYS A 48 12.55 -2.23 -3.31
N ARG A 49 12.73 -2.95 -4.39
CA ARG A 49 13.02 -4.42 -4.32
C ARG A 49 14.27 -4.75 -5.16
N ILE A 50 14.73 -5.97 -5.10
CA ILE A 50 15.92 -6.39 -5.90
C ILE A 50 15.43 -6.95 -7.25
N PRO A 51 15.99 -6.44 -8.34
CA PRO A 51 15.61 -6.88 -9.70
C PRO A 51 16.17 -8.28 -9.99
N SER A 52 17.39 -8.54 -9.58
CA SER A 52 17.99 -9.89 -9.82
C SER A 52 18.85 -10.26 -8.61
N SER A 53 18.68 -11.45 -8.09
CA SER A 53 19.48 -11.89 -6.90
C SER A 53 20.85 -12.41 -7.37
N GLY A 54 21.81 -12.45 -6.48
CA GLY A 54 23.18 -12.93 -6.87
C GLY A 54 24.07 -11.72 -7.17
N ASP A 55 23.51 -10.69 -7.76
CA ASP A 55 24.31 -9.47 -8.08
C ASP A 55 23.95 -8.34 -7.11
N LEU A 56 22.68 -8.20 -6.78
CA LEU A 56 22.24 -7.12 -5.85
C LEU A 56 22.10 -7.67 -4.44
N SER A 57 21.24 -8.65 -4.26
CA SER A 57 21.02 -9.25 -2.91
C SER A 57 22.30 -9.95 -2.43
N GLU A 58 22.80 -10.87 -3.21
CA GLU A 58 24.03 -11.63 -2.82
C GLU A 58 25.29 -10.87 -3.25
N SER A 59 26.18 -10.62 -2.32
CA SER A 59 27.46 -9.91 -2.66
C SER A 59 28.60 -10.93 -2.65
N ASP A 60 28.73 -11.69 -1.58
CA ASP A 60 29.80 -12.72 -1.49
C ASP A 60 29.36 -13.97 -2.23
N ASP A 61 29.75 -14.14 -3.48
CA ASP A 61 29.32 -15.36 -4.24
C ASP A 61 29.89 -16.58 -3.52
N TRP A 62 29.09 -17.60 -3.35
CA TRP A 62 29.56 -18.80 -2.61
C TRP A 62 30.06 -19.90 -3.53
N SER A 63 31.03 -19.57 -4.36
CA SER A 63 31.64 -20.60 -5.25
C SER A 63 32.61 -21.42 -4.39
N GLU A 64 32.08 -22.06 -3.35
CA GLU A 64 32.89 -22.87 -2.37
C GLU A 64 34.33 -23.09 -2.83
N GLU A 65 34.57 -24.09 -3.62
CA GLU A 65 35.97 -24.36 -4.07
C GLU A 65 36.16 -23.98 -5.54
N PRO A 66 36.57 -22.75 -5.78
CA PRO A 66 36.83 -22.30 -7.14
C PRO A 66 38.17 -22.88 -7.65
N LYS A 67 39.07 -23.27 -6.75
CA LYS A 67 40.37 -23.87 -7.19
C LYS A 67 41.34 -24.00 -6.02
N GLN A 68 41.92 -25.17 -5.82
CA GLN A 68 42.92 -25.37 -4.73
C GLN A 68 42.34 -24.89 -3.37
N MET A 4 -22.72 1.80 25.47
CA MET A 4 -21.49 1.11 24.97
C MET A 4 -21.36 1.32 23.44
N SER A 5 -20.19 1.69 22.98
CA SER A 5 -19.98 1.92 21.51
C SER A 5 -19.23 0.73 20.90
N GLU A 6 -18.14 0.32 21.52
CA GLU A 6 -17.34 -0.84 21.01
C GLU A 6 -16.73 -0.47 19.64
N THR A 7 -15.52 0.02 19.64
CA THR A 7 -14.87 0.40 18.35
C THR A 7 -13.97 -0.75 17.87
N ILE A 8 -14.19 -1.22 16.67
CA ILE A 8 -13.35 -2.34 16.12
C ILE A 8 -12.20 -1.76 15.28
N THR A 9 -11.21 -2.57 14.97
CA THR A 9 -10.06 -2.07 14.17
C THR A 9 -9.85 -2.97 12.93
N VAL A 10 -9.72 -2.37 11.77
CA VAL A 10 -9.50 -3.16 10.52
C VAL A 10 -8.00 -3.19 10.19
N ASN A 11 -7.46 -4.35 9.92
CA ASN A 11 -6.01 -4.46 9.59
C ASN A 11 -5.77 -4.06 8.12
N CYS A 12 -4.71 -3.36 7.86
CA CYS A 12 -4.40 -2.93 6.45
C CYS A 12 -3.92 -4.14 5.64
N PRO A 13 -4.57 -4.39 4.52
CA PRO A 13 -4.24 -5.51 3.63
C PRO A 13 -3.01 -5.20 2.75
N THR A 14 -2.47 -4.01 2.84
CA THR A 14 -1.28 -3.67 2.00
C THR A 14 0.00 -3.84 2.83
N CYS A 15 0.09 -3.19 3.97
CA CYS A 15 1.32 -3.31 4.82
C CYS A 15 1.08 -4.28 5.99
N GLY A 16 -0.13 -4.37 6.48
CA GLY A 16 -0.42 -5.29 7.62
C GLY A 16 -0.30 -4.52 8.94
N LYS A 17 -1.14 -3.52 9.12
CA LYS A 17 -1.11 -2.71 10.38
C LYS A 17 -2.54 -2.54 10.91
N THR A 18 -2.71 -2.61 12.21
CA THR A 18 -4.08 -2.44 12.81
C THR A 18 -4.50 -0.98 12.74
N VAL A 19 -5.55 -0.69 12.00
CA VAL A 19 -6.05 0.72 11.88
C VAL A 19 -7.45 0.80 12.49
N VAL A 20 -7.73 1.85 13.25
CA VAL A 20 -9.07 2.01 13.88
C VAL A 20 -10.17 2.03 12.80
N TRP A 21 -11.28 1.39 13.06
CA TRP A 21 -12.40 1.35 12.08
C TRP A 21 -13.63 2.05 12.68
N GLY A 22 -14.49 2.59 11.85
CA GLY A 22 -15.71 3.28 12.36
C GLY A 22 -15.72 4.74 11.88
N GLU A 23 -16.24 5.64 12.69
CA GLU A 23 -16.28 7.08 12.29
C GLU A 23 -15.26 7.87 13.11
N ILE A 24 -14.04 7.95 12.64
CA ILE A 24 -12.98 8.70 13.38
C ILE A 24 -11.91 9.21 12.41
N SER A 25 -11.51 8.40 11.46
CA SER A 25 -10.47 8.83 10.46
C SER A 25 -10.96 8.51 9.04
N PRO A 26 -10.33 9.16 8.08
CA PRO A 26 -10.66 8.97 6.65
C PRO A 26 -10.07 7.64 6.13
N PHE A 27 -9.15 7.06 6.86
CA PHE A 27 -8.54 5.76 6.43
C PHE A 27 -8.83 4.72 7.51
N ARG A 28 -10.04 4.22 7.54
CA ARG A 28 -10.42 3.20 8.58
C ARG A 28 -9.79 1.83 8.23
N PRO A 29 -9.95 1.40 6.99
CA PRO A 29 -9.40 0.10 6.54
C PRO A 29 -7.89 0.19 6.28
N PHE A 30 -7.45 1.26 5.65
CA PHE A 30 -5.99 1.42 5.36
C PHE A 30 -5.36 2.36 6.40
N CYS A 31 -4.05 2.36 6.49
CA CYS A 31 -3.36 3.25 7.49
C CYS A 31 -3.28 4.67 6.93
N SER A 32 -2.80 4.82 5.71
CA SER A 32 -2.68 6.18 5.09
C SER A 32 -3.07 6.11 3.60
N LYS A 33 -2.87 7.19 2.89
CA LYS A 33 -3.22 7.23 1.43
C LYS A 33 -2.32 6.26 0.65
N ARG A 34 -1.08 6.14 1.04
CA ARG A 34 -0.14 5.21 0.33
C ARG A 34 -0.60 3.76 0.48
N CYS A 35 -1.05 3.38 1.66
CA CYS A 35 -1.52 1.98 1.88
C CYS A 35 -2.69 1.69 0.91
N GLN A 36 -3.65 2.58 0.83
CA GLN A 36 -4.80 2.38 -0.11
C GLN A 36 -4.29 2.44 -1.55
N LEU A 37 -3.29 3.26 -1.81
CA LEU A 37 -2.73 3.39 -3.18
C LEU A 37 -2.14 2.04 -3.61
N ILE A 38 -1.09 1.59 -2.97
CA ILE A 38 -0.45 0.28 -3.34
C ILE A 38 -1.53 -0.82 -3.40
N ASP A 39 -2.58 -0.72 -2.62
CA ASP A 39 -3.65 -1.75 -2.64
C ASP A 39 -4.21 -1.91 -4.06
N LEU A 40 -4.45 -0.83 -4.76
CA LEU A 40 -4.99 -0.92 -6.15
C LEU A 40 -3.97 -1.67 -7.02
N GLY A 41 -2.78 -1.13 -7.15
CA GLY A 41 -1.73 -1.81 -7.97
C GLY A 41 -1.43 -1.04 -9.26
N GLU A 42 -1.79 0.23 -9.33
CA GLU A 42 -1.51 1.03 -10.56
C GLU A 42 -0.59 2.21 -10.20
N TRP A 43 0.38 1.97 -9.35
CA TRP A 43 1.32 3.07 -8.93
C TRP A 43 2.76 2.55 -9.03
N ALA A 44 3.64 3.32 -9.62
CA ALA A 44 5.05 2.87 -9.79
C ALA A 44 5.95 3.41 -8.67
N ALA A 45 7.01 2.71 -8.37
CA ALA A 45 7.96 3.17 -7.30
C ALA A 45 9.06 4.02 -7.94
N GLU A 46 9.59 3.56 -9.05
CA GLU A 46 10.67 4.31 -9.75
C GLU A 46 10.12 5.58 -10.38
N GLU A 47 9.02 5.47 -11.10
CA GLU A 47 8.43 6.66 -11.78
C GLU A 47 8.09 7.77 -10.78
N LYS A 48 7.47 7.44 -9.67
CA LYS A 48 7.09 8.50 -8.68
C LYS A 48 6.50 7.89 -7.41
N ARG A 49 6.81 8.45 -6.27
CA ARG A 49 6.27 7.95 -4.97
C ARG A 49 6.79 6.53 -4.68
N ILE A 50 7.44 6.36 -3.56
CA ILE A 50 7.97 5.00 -3.22
C ILE A 50 6.95 4.25 -2.34
N PRO A 51 6.39 3.19 -2.89
CA PRO A 51 5.41 2.35 -2.18
C PRO A 51 6.14 1.43 -1.18
N SER A 52 6.92 2.01 -0.28
CA SER A 52 7.67 1.18 0.72
C SER A 52 7.70 1.94 2.05
N SER A 53 7.48 1.24 3.14
CA SER A 53 7.50 1.90 4.48
C SER A 53 8.94 2.09 4.93
N GLY A 54 9.69 1.01 5.07
CA GLY A 54 11.11 1.12 5.51
C GLY A 54 12.05 0.59 4.42
N ASP A 55 12.40 1.45 3.48
CA ASP A 55 13.32 1.02 2.38
C ASP A 55 14.74 1.55 2.67
N LEU A 56 15.75 0.92 2.12
CA LEU A 56 17.15 1.40 2.35
C LEU A 56 17.89 1.54 1.02
N SER A 57 17.67 2.63 0.33
CA SER A 57 18.36 2.85 -0.98
C SER A 57 19.40 3.96 -0.78
N GLU A 58 18.98 5.10 -0.28
CA GLU A 58 19.92 6.23 -0.05
C GLU A 58 20.72 5.97 1.22
N SER A 59 22.01 5.81 1.10
CA SER A 59 22.88 5.56 2.30
C SER A 59 22.57 4.19 2.91
N ASP A 60 23.36 3.76 3.86
CA ASP A 60 23.14 2.44 4.51
C ASP A 60 22.49 2.62 5.89
N ASP A 61 22.45 3.83 6.42
CA ASP A 61 21.83 4.05 7.76
C ASP A 61 20.67 5.07 7.64
N TRP A 62 20.06 5.15 6.48
CA TRP A 62 18.93 6.12 6.30
C TRP A 62 17.60 5.40 6.51
N SER A 63 16.74 5.97 7.31
CA SER A 63 15.40 5.34 7.56
C SER A 63 14.57 5.40 6.28
N GLU A 64 14.61 6.52 5.58
CA GLU A 64 13.82 6.67 4.32
C GLU A 64 12.35 6.40 4.62
N GLU A 65 11.60 7.43 4.96
CA GLU A 65 10.16 7.25 5.30
C GLU A 65 10.08 6.44 6.61
N PRO A 66 10.29 7.12 7.72
CA PRO A 66 10.28 6.48 9.04
C PRO A 66 8.84 6.13 9.45
N LYS A 67 8.43 4.92 9.17
CA LYS A 67 7.05 4.47 9.51
C LYS A 67 7.13 3.09 10.18
N GLN A 68 6.58 2.98 11.36
CA GLN A 68 6.61 1.66 12.08
C GLN A 68 5.18 1.12 12.24
N MET A 4 -20.14 5.08 20.89
CA MET A 4 -20.37 5.98 19.72
C MET A 4 -19.52 5.51 18.53
N SER A 5 -20.10 5.50 17.34
CA SER A 5 -19.33 5.05 16.13
C SER A 5 -18.72 3.67 16.39
N GLU A 6 -19.49 2.63 16.16
CA GLU A 6 -19.01 1.23 16.40
C GLU A 6 -17.54 1.09 15.99
N THR A 7 -16.67 1.00 16.97
CA THR A 7 -15.21 0.91 16.69
C THR A 7 -14.86 -0.39 15.95
N ILE A 8 -14.78 -0.33 14.63
CA ILE A 8 -14.42 -1.53 13.83
C ILE A 8 -12.93 -1.42 13.45
N THR A 9 -12.13 -2.41 13.79
CA THR A 9 -10.68 -2.34 13.47
C THR A 9 -10.42 -2.93 12.07
N VAL A 10 -9.85 -2.14 11.20
CA VAL A 10 -9.54 -2.62 9.81
C VAL A 10 -8.02 -2.69 9.65
N ASN A 11 -7.49 -3.88 9.48
CA ASN A 11 -6.00 -4.02 9.33
C ASN A 11 -5.57 -3.71 7.89
N CYS A 12 -4.40 -3.12 7.74
CA CYS A 12 -3.90 -2.78 6.37
C CYS A 12 -3.42 -4.05 5.68
N PRO A 13 -4.00 -4.34 4.53
CA PRO A 13 -3.65 -5.53 3.74
C PRO A 13 -2.34 -5.32 2.95
N THR A 14 -1.80 -4.12 2.95
CA THR A 14 -0.52 -3.86 2.21
C THR A 14 0.68 -4.02 3.15
N CYS A 15 0.71 -3.27 4.23
CA CYS A 15 1.85 -3.36 5.19
C CYS A 15 1.50 -4.28 6.38
N GLY A 16 0.25 -4.33 6.77
CA GLY A 16 -0.15 -5.19 7.92
C GLY A 16 -0.19 -4.35 9.20
N LYS A 17 -1.16 -3.47 9.30
CA LYS A 17 -1.27 -2.60 10.51
C LYS A 17 -2.75 -2.46 10.90
N THR A 18 -3.11 -2.93 12.07
CA THR A 18 -4.54 -2.83 12.52
C THR A 18 -4.89 -1.36 12.79
N VAL A 19 -5.67 -0.76 11.93
CA VAL A 19 -6.07 0.66 12.12
C VAL A 19 -7.52 0.71 12.60
N VAL A 20 -7.71 1.01 13.87
CA VAL A 20 -9.09 1.08 14.43
C VAL A 20 -9.87 2.21 13.75
N TRP A 21 -10.90 1.87 13.02
CA TRP A 21 -11.70 2.92 12.30
C TRP A 21 -12.80 3.47 13.23
N GLY A 22 -13.13 4.72 13.07
CA GLY A 22 -14.19 5.35 13.93
C GLY A 22 -13.73 6.76 14.32
N GLU A 23 -13.00 6.86 15.41
CA GLU A 23 -12.50 8.20 15.87
C GLU A 23 -11.34 8.02 16.87
N ILE A 24 -10.53 7.01 16.66
CA ILE A 24 -9.39 6.77 17.60
C ILE A 24 -8.06 6.91 16.84
N SER A 25 -7.88 6.17 15.79
CA SER A 25 -6.61 6.26 14.99
C SER A 25 -6.88 7.04 13.70
N PRO A 26 -6.21 8.16 13.55
CA PRO A 26 -6.35 9.02 12.36
C PRO A 26 -5.51 8.45 11.19
N PHE A 27 -5.59 7.16 10.94
CA PHE A 27 -4.81 6.54 9.82
C PHE A 27 -5.78 5.95 8.79
N ARG A 28 -7.00 6.45 8.73
CA ARG A 28 -8.00 5.95 7.74
C ARG A 28 -8.34 4.46 8.02
N PRO A 29 -9.31 3.93 7.29
CA PRO A 29 -9.73 2.53 7.47
C PRO A 29 -8.66 1.55 6.93
N PHE A 30 -7.76 2.02 6.11
CA PHE A 30 -6.69 1.12 5.58
C PHE A 30 -5.47 1.22 6.49
N CYS A 31 -4.81 2.35 6.47
CA CYS A 31 -3.59 2.54 7.33
C CYS A 31 -2.85 3.81 6.88
N SER A 32 -2.76 4.02 5.59
CA SER A 32 -2.06 5.23 5.06
C SER A 32 -2.58 5.55 3.65
N LYS A 33 -2.39 6.76 3.20
CA LYS A 33 -2.87 7.15 1.83
C LYS A 33 -2.13 6.31 0.76
N ARG A 34 -0.86 6.06 0.96
CA ARG A 34 -0.07 5.25 -0.03
C ARG A 34 -0.45 3.76 0.10
N CYS A 35 -0.67 3.28 1.30
CA CYS A 35 -1.03 1.83 1.49
C CYS A 35 -2.34 1.53 0.74
N GLN A 36 -3.35 2.34 0.94
CA GLN A 36 -4.65 2.12 0.23
C GLN A 36 -4.44 2.29 -1.28
N LEU A 37 -3.52 3.15 -1.67
CA LEU A 37 -3.24 3.36 -3.12
C LEU A 37 -2.71 2.06 -3.73
N ILE A 38 -1.53 1.64 -3.33
CA ILE A 38 -0.94 0.37 -3.86
C ILE A 38 -1.97 -0.78 -3.76
N ASP A 39 -2.84 -0.74 -2.77
CA ASP A 39 -3.88 -1.81 -2.62
C ASP A 39 -4.63 -2.02 -3.94
N LEU A 40 -5.03 -0.95 -4.60
CA LEU A 40 -5.76 -1.09 -5.91
C LEU A 40 -4.80 -1.70 -6.93
N GLY A 41 -3.68 -1.05 -7.18
CA GLY A 41 -2.69 -1.59 -8.16
C GLY A 41 -2.71 -0.76 -9.46
N GLU A 42 -3.11 0.48 -9.41
CA GLU A 42 -3.14 1.33 -10.63
C GLU A 42 -2.27 2.58 -10.40
N TRP A 43 -1.12 2.39 -9.80
CA TRP A 43 -0.20 3.55 -9.51
C TRP A 43 1.24 3.14 -9.82
N ALA A 44 1.73 2.10 -9.17
CA ALA A 44 3.12 1.63 -9.41
C ALA A 44 3.09 0.28 -10.14
N ALA A 45 3.69 0.20 -11.31
CA ALA A 45 3.70 -1.08 -12.07
C ALA A 45 5.15 -1.48 -12.37
N GLU A 46 5.87 -1.94 -11.37
CA GLU A 46 7.29 -2.36 -11.58
C GLU A 46 7.36 -3.87 -11.77
N GLU A 47 6.79 -4.63 -10.86
CA GLU A 47 6.81 -6.12 -10.97
C GLU A 47 5.55 -6.69 -10.30
N LYS A 48 4.40 -6.34 -10.82
CA LYS A 48 3.10 -6.82 -10.24
C LYS A 48 2.52 -7.93 -11.13
N ARG A 49 2.52 -9.15 -10.65
CA ARG A 49 1.97 -10.31 -11.45
C ARG A 49 2.75 -10.52 -12.76
N ILE A 50 3.96 -9.98 -12.85
CA ILE A 50 4.77 -10.16 -14.09
C ILE A 50 6.20 -10.56 -13.74
N PRO A 51 6.81 -11.32 -14.62
CA PRO A 51 8.20 -11.79 -14.45
C PRO A 51 9.18 -10.65 -14.75
N SER A 52 8.92 -9.89 -15.79
CA SER A 52 9.80 -8.75 -16.17
C SER A 52 8.91 -7.55 -16.59
N SER A 53 9.32 -6.35 -16.29
CA SER A 53 8.50 -5.16 -16.67
C SER A 53 8.99 -4.55 -17.99
N GLY A 54 10.16 -3.94 -17.98
CA GLY A 54 10.71 -3.32 -19.23
C GLY A 54 10.78 -4.37 -20.35
N ASP A 55 11.78 -5.21 -20.33
CA ASP A 55 11.89 -6.27 -21.37
C ASP A 55 11.64 -7.63 -20.70
N LEU A 56 11.10 -8.58 -21.43
CA LEU A 56 10.78 -9.92 -20.83
C LEU A 56 12.01 -10.84 -20.81
N SER A 57 12.12 -11.63 -19.76
CA SER A 57 13.26 -12.59 -19.62
C SER A 57 14.59 -11.81 -19.72
N GLU A 58 14.92 -11.09 -18.68
CA GLU A 58 16.18 -10.28 -18.67
C GLU A 58 17.17 -10.83 -17.64
N SER A 59 18.44 -10.65 -17.89
CA SER A 59 19.48 -11.14 -16.94
C SER A 59 20.54 -10.07 -16.71
N ASP A 60 20.27 -9.14 -15.83
CA ASP A 60 21.26 -8.06 -15.52
C ASP A 60 22.26 -8.59 -14.48
N ASP A 61 23.48 -8.84 -14.88
CA ASP A 61 24.48 -9.37 -13.92
C ASP A 61 25.61 -8.36 -13.68
N TRP A 62 26.23 -8.43 -12.53
CA TRP A 62 27.35 -7.50 -12.19
C TRP A 62 28.61 -8.29 -11.85
N SER A 63 28.51 -9.28 -10.98
CA SER A 63 29.70 -10.11 -10.62
C SER A 63 30.12 -10.92 -11.85
N GLU A 64 31.39 -10.88 -12.21
CA GLU A 64 31.86 -11.64 -13.41
C GLU A 64 31.48 -13.12 -13.29
N GLU A 65 30.79 -13.62 -14.29
CA GLU A 65 30.36 -15.05 -14.27
C GLU A 65 29.42 -15.29 -13.09
N PRO A 66 28.15 -15.13 -13.36
CA PRO A 66 27.09 -15.30 -12.35
C PRO A 66 26.85 -16.79 -12.06
N LYS A 67 26.44 -17.11 -10.85
CA LYS A 67 26.17 -18.53 -10.50
C LYS A 67 25.22 -19.14 -11.54
N GLN A 68 24.34 -18.33 -12.11
CA GLN A 68 23.42 -18.84 -13.16
C GLN A 68 24.05 -18.58 -14.54
N MET A 4 -25.54 -2.26 18.40
CA MET A 4 -24.28 -2.79 18.96
C MET A 4 -23.17 -1.74 18.80
N SER A 5 -22.56 -1.34 19.88
CA SER A 5 -21.47 -0.32 19.81
C SER A 5 -20.11 -1.02 20.00
N GLU A 6 -19.66 -1.71 18.99
CA GLU A 6 -18.35 -2.43 19.10
C GLU A 6 -17.35 -1.79 18.12
N THR A 7 -16.33 -1.14 18.64
CA THR A 7 -15.32 -0.48 17.75
C THR A 7 -14.40 -1.55 17.16
N ILE A 8 -14.65 -1.95 15.93
CA ILE A 8 -13.79 -2.97 15.28
C ILE A 8 -12.56 -2.29 14.67
N THR A 9 -11.49 -3.02 14.47
CA THR A 9 -10.26 -2.41 13.88
C THR A 9 -9.92 -3.08 12.55
N VAL A 10 -9.88 -2.30 11.48
CA VAL A 10 -9.55 -2.87 10.14
C VAL A 10 -8.03 -2.97 9.99
N ASN A 11 -7.54 -4.10 9.53
CA ASN A 11 -6.06 -4.27 9.36
C ASN A 11 -5.65 -3.89 7.94
N CYS A 12 -4.61 -3.09 7.81
CA CYS A 12 -4.12 -2.68 6.46
C CYS A 12 -3.63 -3.92 5.70
N PRO A 13 -4.25 -4.18 4.57
CA PRO A 13 -3.90 -5.35 3.73
C PRO A 13 -2.61 -5.11 2.91
N THR A 14 -2.10 -3.89 2.89
CA THR A 14 -0.87 -3.61 2.11
C THR A 14 0.38 -3.84 2.98
N CYS A 15 0.41 -3.25 4.15
CA CYS A 15 1.60 -3.43 5.05
C CYS A 15 1.25 -4.33 6.25
N GLY A 16 0.01 -4.33 6.69
CA GLY A 16 -0.36 -5.17 7.86
C GLY A 16 -0.31 -4.32 9.13
N LYS A 17 -1.32 -3.52 9.35
CA LYS A 17 -1.35 -2.64 10.55
C LYS A 17 -2.78 -2.54 11.10
N THR A 18 -2.93 -2.63 12.39
CA THR A 18 -4.30 -2.54 13.00
C THR A 18 -4.73 -1.07 13.09
N VAL A 19 -5.73 -0.70 12.33
CA VAL A 19 -6.23 0.70 12.35
C VAL A 19 -7.68 0.72 12.86
N VAL A 20 -7.98 1.59 13.78
CA VAL A 20 -9.38 1.65 14.34
C VAL A 20 -10.37 1.97 13.21
N TRP A 21 -11.52 1.32 13.23
CA TRP A 21 -12.55 1.56 12.17
C TRP A 21 -13.84 2.08 12.83
N GLY A 22 -14.57 2.91 12.13
CA GLY A 22 -15.85 3.47 12.70
C GLY A 22 -15.86 4.99 12.57
N GLU A 23 -15.49 5.69 13.61
CA GLU A 23 -15.48 7.18 13.56
C GLU A 23 -14.56 7.73 14.67
N ILE A 24 -13.33 7.24 14.72
CA ILE A 24 -12.37 7.72 15.76
C ILE A 24 -11.17 8.39 15.08
N SER A 25 -10.46 7.66 14.26
CA SER A 25 -9.27 8.25 13.56
C SER A 25 -9.69 8.84 12.21
N PRO A 26 -8.82 9.64 11.63
CA PRO A 26 -9.08 10.29 10.33
C PRO A 26 -8.89 9.27 9.19
N PHE A 27 -7.89 8.42 9.29
CA PHE A 27 -7.66 7.40 8.23
C PHE A 27 -8.11 6.02 8.75
N ARG A 28 -9.39 5.87 9.02
CA ARG A 28 -9.92 4.57 9.53
C ARG A 28 -9.55 3.43 8.56
N PRO A 29 -9.88 3.59 7.29
CA PRO A 29 -9.57 2.59 6.26
C PRO A 29 -8.08 2.66 5.91
N PHE A 30 -7.37 1.54 6.03
CA PHE A 30 -5.90 1.52 5.74
C PHE A 30 -5.16 2.39 6.77
N CYS A 31 -3.85 2.39 6.74
CA CYS A 31 -3.06 3.21 7.71
C CYS A 31 -2.54 4.49 7.03
N SER A 32 -2.30 4.43 5.74
CA SER A 32 -1.79 5.65 5.01
C SER A 32 -2.37 5.70 3.59
N LYS A 33 -2.30 6.84 2.96
CA LYS A 33 -2.84 6.98 1.57
C LYS A 33 -2.07 6.07 0.61
N ARG A 34 -0.77 5.91 0.83
CA ARG A 34 0.06 5.04 -0.07
C ARG A 34 -0.38 3.58 0.06
N CYS A 35 -0.61 3.10 1.27
CA CYS A 35 -1.05 1.69 1.46
C CYS A 35 -2.34 1.47 0.67
N GLN A 36 -3.29 2.39 0.81
CA GLN A 36 -4.57 2.27 0.06
C GLN A 36 -4.29 2.41 -1.45
N LEU A 37 -3.33 3.24 -1.81
CA LEU A 37 -2.98 3.44 -3.26
C LEU A 37 -2.45 2.11 -3.83
N ILE A 38 -1.29 1.66 -3.36
CA ILE A 38 -0.70 0.38 -3.85
C ILE A 38 -1.75 -0.75 -3.81
N ASP A 39 -2.66 -0.70 -2.85
CA ASP A 39 -3.71 -1.76 -2.75
C ASP A 39 -4.48 -1.87 -4.08
N LEU A 40 -4.81 -0.75 -4.70
CA LEU A 40 -5.55 -0.80 -6.00
C LEU A 40 -4.68 -1.52 -7.04
N GLY A 41 -3.52 -0.99 -7.34
CA GLY A 41 -2.61 -1.66 -8.33
C GLY A 41 -2.47 -0.82 -9.60
N GLU A 42 -2.71 0.47 -9.53
CA GLU A 42 -2.58 1.34 -10.75
C GLU A 42 -1.60 2.48 -10.45
N TRP A 43 -0.52 2.18 -9.76
CA TRP A 43 0.48 3.24 -9.41
C TRP A 43 1.90 2.69 -9.58
N ALA A 44 2.89 3.55 -9.54
CA ALA A 44 4.31 3.09 -9.70
C ALA A 44 4.99 3.08 -8.32
N ALA A 45 4.64 2.14 -7.49
CA ALA A 45 5.25 2.05 -6.12
C ALA A 45 5.46 0.58 -5.74
N GLU A 46 6.07 -0.19 -6.62
CA GLU A 46 6.33 -1.63 -6.36
C GLU A 46 5.01 -2.36 -6.04
N GLU A 47 4.22 -2.63 -7.06
CA GLU A 47 2.92 -3.32 -6.86
C GLU A 47 2.58 -4.15 -8.11
N LYS A 48 3.57 -4.57 -8.86
CA LYS A 48 3.32 -5.36 -10.10
C LYS A 48 4.04 -6.71 -10.04
N ARG A 49 3.45 -7.74 -10.61
CA ARG A 49 4.10 -9.10 -10.62
C ARG A 49 5.29 -9.06 -11.58
N ILE A 50 5.06 -8.57 -12.78
CA ILE A 50 6.14 -8.48 -13.81
C ILE A 50 7.09 -7.30 -13.48
N PRO A 51 8.32 -7.43 -13.91
CA PRO A 51 9.35 -6.39 -13.69
C PRO A 51 9.15 -5.24 -14.67
N SER A 52 8.89 -4.05 -14.17
CA SER A 52 8.67 -2.87 -15.08
C SER A 52 9.94 -2.59 -15.88
N SER A 53 11.06 -2.50 -15.22
CA SER A 53 12.35 -2.23 -15.93
C SER A 53 12.91 -3.53 -16.52
N GLY A 54 12.89 -4.60 -15.76
CA GLY A 54 13.41 -5.91 -16.26
C GLY A 54 14.79 -6.19 -15.66
N ASP A 55 15.81 -5.56 -16.19
CA ASP A 55 17.20 -5.76 -15.66
C ASP A 55 17.87 -4.40 -15.43
N LEU A 56 17.16 -3.47 -14.87
CA LEU A 56 17.73 -2.11 -14.59
C LEU A 56 17.99 -1.96 -13.09
N SER A 57 19.22 -1.68 -12.73
CA SER A 57 19.57 -1.51 -11.27
C SER A 57 19.28 -2.80 -10.49
N GLU A 58 19.35 -2.73 -9.18
CA GLU A 58 19.10 -3.94 -8.34
C GLU A 58 17.60 -4.09 -8.04
N SER A 59 17.06 -5.27 -8.28
CA SER A 59 15.61 -5.54 -8.00
C SER A 59 14.71 -4.74 -8.96
N ASP A 60 13.96 -5.43 -9.78
CA ASP A 60 13.05 -4.73 -10.74
C ASP A 60 11.60 -5.11 -10.41
N ASP A 61 10.94 -4.30 -9.61
CA ASP A 61 9.51 -4.56 -9.21
C ASP A 61 9.42 -5.70 -8.19
N TRP A 62 10.46 -6.49 -8.00
CA TRP A 62 10.41 -7.60 -7.01
C TRP A 62 11.66 -7.54 -6.12
N SER A 63 11.45 -7.55 -4.82
CA SER A 63 12.61 -7.49 -3.87
C SER A 63 13.29 -8.86 -3.78
N GLU A 64 12.56 -9.94 -3.91
CA GLU A 64 13.16 -11.30 -3.81
C GLU A 64 13.83 -11.68 -5.15
N GLU A 65 15.07 -11.28 -5.33
CA GLU A 65 15.79 -11.62 -6.60
C GLU A 65 16.97 -12.54 -6.27
N PRO A 66 17.05 -13.64 -6.97
CA PRO A 66 18.13 -14.63 -6.78
C PRO A 66 19.46 -14.10 -7.34
N LYS A 67 19.42 -13.12 -8.22
CA LYS A 67 20.68 -12.55 -8.78
C LYS A 67 21.06 -11.27 -8.01
N GLN A 68 20.16 -10.32 -7.93
CA GLN A 68 20.44 -9.04 -7.22
C GLN A 68 19.77 -9.03 -5.83
N MET A 4 -17.74 5.07 22.04
CA MET A 4 -18.03 3.75 21.42
C MET A 4 -17.46 2.63 22.29
N SER A 5 -18.29 1.74 22.77
CA SER A 5 -17.79 0.61 23.62
C SER A 5 -17.24 -0.51 22.72
N GLU A 6 -17.99 -0.92 21.73
CA GLU A 6 -17.50 -1.99 20.81
C GLU A 6 -16.93 -1.35 19.54
N THR A 7 -15.63 -1.15 19.52
CA THR A 7 -14.99 -0.52 18.33
C THR A 7 -14.14 -1.56 17.58
N ILE A 8 -14.51 -1.86 16.35
CA ILE A 8 -13.74 -2.86 15.55
C ILE A 8 -12.54 -2.17 14.88
N THR A 9 -11.49 -2.92 14.61
CA THR A 9 -10.28 -2.32 13.97
C THR A 9 -9.99 -3.06 12.64
N VAL A 10 -9.87 -2.32 11.57
CA VAL A 10 -9.57 -2.95 10.23
C VAL A 10 -8.05 -3.00 10.04
N ASN A 11 -7.54 -4.13 9.59
CA ASN A 11 -6.07 -4.27 9.38
C ASN A 11 -5.70 -3.87 7.94
N CYS A 12 -4.63 -3.13 7.79
CA CYS A 12 -4.18 -2.70 6.43
C CYS A 12 -3.69 -3.93 5.64
N PRO A 13 -4.33 -4.21 4.53
CA PRO A 13 -4.00 -5.36 3.68
C PRO A 13 -2.74 -5.10 2.83
N THR A 14 -2.25 -3.89 2.79
CA THR A 14 -1.04 -3.58 1.98
C THR A 14 0.23 -3.82 2.81
N CYS A 15 0.31 -3.24 3.99
CA CYS A 15 1.53 -3.43 4.84
C CYS A 15 1.21 -4.31 6.07
N GLY A 16 0.00 -4.29 6.55
CA GLY A 16 -0.36 -5.12 7.74
C GLY A 16 -0.30 -4.23 8.99
N LYS A 17 -1.28 -3.36 9.15
CA LYS A 17 -1.28 -2.46 10.34
C LYS A 17 -2.71 -2.36 10.90
N THR A 18 -2.87 -2.57 12.18
CA THR A 18 -4.23 -2.49 12.81
C THR A 18 -4.69 -1.03 12.86
N VAL A 19 -5.72 -0.70 12.14
CA VAL A 19 -6.24 0.70 12.14
C VAL A 19 -7.66 0.72 12.71
N VAL A 20 -7.91 1.54 13.70
CA VAL A 20 -9.27 1.61 14.32
C VAL A 20 -10.33 1.96 13.25
N TRP A 21 -11.46 1.31 13.32
CA TRP A 21 -12.56 1.58 12.34
C TRP A 21 -13.74 2.26 13.05
N GLY A 22 -14.54 3.00 12.31
CA GLY A 22 -15.70 3.70 12.92
C GLY A 22 -15.56 5.20 12.71
N GLU A 23 -15.18 5.93 13.74
CA GLU A 23 -15.01 7.41 13.61
C GLU A 23 -14.03 7.89 14.69
N ILE A 24 -12.88 7.27 14.78
CA ILE A 24 -11.86 7.67 15.79
C ILE A 24 -10.61 8.22 15.08
N SER A 25 -10.05 7.44 14.19
CA SER A 25 -8.83 7.89 13.46
C SER A 25 -9.23 8.63 12.17
N PRO A 26 -8.30 9.38 11.62
CA PRO A 26 -8.52 10.14 10.38
C PRO A 26 -8.49 9.21 9.17
N PHE A 27 -7.73 8.14 9.26
CA PHE A 27 -7.64 7.16 8.13
C PHE A 27 -8.18 5.80 8.62
N ARG A 28 -9.48 5.72 8.86
CA ARG A 28 -10.09 4.44 9.33
C ARG A 28 -9.69 3.29 8.40
N PRO A 29 -9.96 3.44 7.11
CA PRO A 29 -9.62 2.41 6.11
C PRO A 29 -8.11 2.49 5.80
N PHE A 30 -7.40 1.40 5.98
CA PHE A 30 -5.92 1.38 5.72
C PHE A 30 -5.20 2.27 6.75
N CYS A 31 -3.90 2.19 6.83
CA CYS A 31 -3.14 3.02 7.81
C CYS A 31 -2.60 4.29 7.13
N SER A 32 -2.22 4.21 5.88
CA SER A 32 -1.68 5.41 5.17
C SER A 32 -2.31 5.52 3.78
N LYS A 33 -2.26 6.68 3.18
CA LYS A 33 -2.83 6.87 1.83
C LYS A 33 -2.05 6.03 0.81
N ARG A 34 -0.74 5.95 0.97
CA ARG A 34 0.08 5.14 0.02
C ARG A 34 -0.32 3.67 0.11
N CYS A 35 -0.59 3.17 1.30
CA CYS A 35 -1.01 1.74 1.45
C CYS A 35 -2.31 1.52 0.69
N GLN A 36 -3.31 2.34 0.94
CA GLN A 36 -4.61 2.20 0.22
C GLN A 36 -4.37 2.36 -1.30
N LEU A 37 -3.42 3.20 -1.67
CA LEU A 37 -3.10 3.39 -3.11
C LEU A 37 -2.52 2.10 -3.68
N ILE A 38 -1.35 1.70 -3.24
CA ILE A 38 -0.72 0.44 -3.73
C ILE A 38 -1.71 -0.73 -3.66
N ASP A 39 -2.62 -0.70 -2.72
CA ASP A 39 -3.63 -1.81 -2.59
C ASP A 39 -4.34 -2.02 -3.94
N LEU A 40 -4.73 -0.95 -4.59
CA LEU A 40 -5.42 -1.09 -5.92
C LEU A 40 -4.43 -1.69 -6.93
N GLY A 41 -3.31 -1.04 -7.13
CA GLY A 41 -2.28 -1.56 -8.09
C GLY A 41 -2.24 -0.71 -9.37
N GLU A 42 -2.62 0.54 -9.30
CA GLU A 42 -2.60 1.41 -10.52
C GLU A 42 -1.75 2.66 -10.24
N TRP A 43 -0.64 2.49 -9.55
CA TRP A 43 0.24 3.66 -9.23
C TRP A 43 1.71 3.28 -9.46
N ALA A 44 2.19 2.32 -8.71
CA ALA A 44 3.62 1.87 -8.87
C ALA A 44 3.64 0.52 -9.59
N ALA A 45 4.30 0.45 -10.73
CA ALA A 45 4.37 -0.82 -11.51
C ALA A 45 2.94 -1.26 -11.89
N GLU A 46 2.43 -0.75 -12.97
CA GLU A 46 1.04 -1.11 -13.40
C GLU A 46 1.05 -2.43 -14.17
N GLU A 47 0.37 -3.42 -13.64
CA GLU A 47 0.32 -4.75 -14.31
C GLU A 47 -0.88 -4.77 -15.27
N LYS A 48 -0.61 -4.63 -16.55
CA LYS A 48 -1.72 -4.64 -17.56
C LYS A 48 -1.48 -5.80 -18.53
N ARG A 49 -2.26 -6.84 -18.41
CA ARG A 49 -2.08 -8.02 -19.30
C ARG A 49 -3.02 -7.94 -20.50
N ILE A 50 -2.54 -7.42 -21.60
CA ILE A 50 -3.37 -7.34 -22.82
C ILE A 50 -2.82 -8.36 -23.83
N PRO A 51 -3.42 -9.51 -23.88
CA PRO A 51 -2.99 -10.57 -24.80
C PRO A 51 -3.34 -10.21 -26.25
N SER A 52 -4.28 -9.30 -26.44
CA SER A 52 -4.67 -8.90 -27.83
C SER A 52 -4.95 -10.18 -28.62
N SER A 53 -4.63 -10.20 -29.90
CA SER A 53 -4.85 -11.45 -30.68
C SER A 53 -3.49 -12.05 -31.03
N GLY A 54 -3.24 -13.28 -30.62
CA GLY A 54 -1.92 -13.93 -30.91
C GLY A 54 -1.40 -13.52 -32.29
N ASP A 55 -2.10 -13.90 -33.34
CA ASP A 55 -1.66 -13.51 -34.71
C ASP A 55 -2.90 -13.38 -35.60
N LEU A 56 -2.93 -12.38 -36.45
CA LEU A 56 -4.11 -12.19 -37.34
C LEU A 56 -3.69 -12.39 -38.79
N SER A 57 -3.78 -13.60 -39.27
CA SER A 57 -3.39 -13.91 -40.68
C SER A 57 -1.87 -13.76 -40.85
N GLU A 58 -1.38 -12.54 -40.84
CA GLU A 58 0.08 -12.30 -41.01
C GLU A 58 0.63 -11.46 -39.85
N SER A 59 0.03 -10.33 -39.60
CA SER A 59 0.52 -9.44 -38.49
C SER A 59 0.13 -10.03 -37.13
N ASP A 60 1.07 -10.07 -36.23
CA ASP A 60 0.80 -10.63 -34.86
C ASP A 60 -0.09 -9.65 -34.08
N ASP A 61 0.18 -8.37 -34.18
CA ASP A 61 -0.63 -7.35 -33.45
C ASP A 61 -1.95 -7.06 -34.21
N TRP A 62 -2.86 -6.35 -33.57
CA TRP A 62 -4.15 -5.99 -34.25
C TRP A 62 -3.87 -4.85 -35.23
N SER A 63 -3.71 -5.18 -36.50
CA SER A 63 -3.39 -4.11 -37.50
C SER A 63 -4.41 -4.11 -38.65
N GLU A 64 -5.63 -4.54 -38.40
CA GLU A 64 -6.65 -4.53 -39.49
C GLU A 64 -7.39 -3.20 -39.52
N GLU A 65 -8.14 -2.91 -38.47
CA GLU A 65 -8.94 -1.65 -38.41
C GLU A 65 -10.06 -1.75 -39.46
N PRO A 66 -11.28 -1.75 -39.00
CA PRO A 66 -12.46 -1.90 -39.87
C PRO A 66 -12.67 -0.65 -40.75
N LYS A 67 -12.66 0.53 -40.18
CA LYS A 67 -12.87 1.75 -41.00
C LYS A 67 -11.54 2.27 -41.54
N GLN A 68 -10.53 2.29 -40.71
CA GLN A 68 -9.20 2.78 -41.15
C GLN A 68 -8.25 1.59 -41.40
N MET A 4 -19.34 -1.05 26.83
CA MET A 4 -20.63 -0.65 26.20
C MET A 4 -20.44 -0.55 24.67
N SER A 5 -19.84 0.52 24.17
CA SER A 5 -19.63 0.63 22.70
C SER A 5 -18.23 0.10 22.34
N GLU A 6 -18.16 -0.82 21.41
CA GLU A 6 -16.84 -1.41 21.02
C GLU A 6 -16.39 -0.87 19.66
N THR A 7 -15.16 -0.43 19.59
CA THR A 7 -14.61 0.08 18.30
C THR A 7 -13.77 -1.03 17.64
N ILE A 8 -14.21 -1.54 16.51
CA ILE A 8 -13.43 -2.63 15.83
C ILE A 8 -12.24 -2.02 15.10
N THR A 9 -11.26 -2.82 14.73
CA THR A 9 -10.06 -2.26 14.03
C THR A 9 -9.80 -3.01 12.70
N VAL A 10 -9.83 -2.28 11.60
CA VAL A 10 -9.57 -2.92 10.26
C VAL A 10 -8.05 -2.99 10.04
N ASN A 11 -7.56 -4.10 9.54
CA ASN A 11 -6.09 -4.23 9.31
C ASN A 11 -5.73 -3.82 7.87
N CYS A 12 -4.68 -3.05 7.71
CA CYS A 12 -4.25 -2.61 6.34
C CYS A 12 -3.80 -3.85 5.54
N PRO A 13 -4.48 -4.10 4.44
CA PRO A 13 -4.18 -5.26 3.56
C PRO A 13 -2.92 -5.01 2.70
N THR A 14 -2.36 -3.83 2.73
CA THR A 14 -1.13 -3.55 1.91
C THR A 14 0.13 -3.81 2.75
N CYS A 15 0.21 -3.21 3.93
CA CYS A 15 1.43 -3.41 4.79
C CYS A 15 1.10 -4.30 6.00
N GLY A 16 -0.14 -4.30 6.44
CA GLY A 16 -0.51 -5.12 7.64
C GLY A 16 -0.42 -4.24 8.88
N LYS A 17 -1.40 -3.38 9.07
CA LYS A 17 -1.38 -2.45 10.24
C LYS A 17 -2.79 -2.39 10.87
N THR A 18 -2.88 -2.58 12.17
CA THR A 18 -4.21 -2.53 12.86
C THR A 18 -4.68 -1.07 12.94
N VAL A 19 -5.66 -0.72 12.16
CA VAL A 19 -6.19 0.68 12.17
C VAL A 19 -7.59 0.71 12.78
N VAL A 20 -7.79 1.52 13.79
CA VAL A 20 -9.14 1.61 14.46
C VAL A 20 -10.25 1.88 13.42
N TRP A 21 -11.35 1.17 13.52
CA TRP A 21 -12.48 1.34 12.54
C TRP A 21 -13.74 1.84 13.27
N GLY A 22 -14.60 2.52 12.55
CA GLY A 22 -15.86 3.05 13.15
C GLY A 22 -15.90 4.56 12.99
N GLU A 23 -15.85 5.29 14.08
CA GLU A 23 -15.87 6.78 14.00
C GLU A 23 -14.92 7.33 15.07
N ILE A 24 -13.69 7.58 14.70
CA ILE A 24 -12.69 8.10 15.68
C ILE A 24 -11.42 8.56 14.96
N SER A 25 -10.95 7.81 14.00
CA SER A 25 -9.71 8.20 13.25
C SER A 25 -10.07 8.77 11.87
N PRO A 26 -9.12 9.47 11.28
CA PRO A 26 -9.29 10.07 9.95
C PRO A 26 -9.15 9.01 8.85
N PHE A 27 -8.20 8.10 9.01
CA PHE A 27 -8.00 7.02 7.99
C PHE A 27 -8.40 5.67 8.59
N ARG A 28 -9.67 5.50 8.89
CA ARG A 28 -10.14 4.20 9.47
C ARG A 28 -9.70 3.03 8.57
N PRO A 29 -10.03 3.11 7.29
CA PRO A 29 -9.65 2.07 6.32
C PRO A 29 -8.17 2.23 5.95
N PHE A 30 -7.40 1.17 6.07
CA PHE A 30 -5.92 1.24 5.76
C PHE A 30 -5.22 2.14 6.79
N CYS A 31 -3.92 2.11 6.83
CA CYS A 31 -3.16 2.96 7.81
C CYS A 31 -2.66 4.25 7.14
N SER A 32 -2.39 4.21 5.85
CA SER A 32 -1.89 5.43 5.14
C SER A 32 -2.49 5.51 3.74
N LYS A 33 -2.46 6.68 3.13
CA LYS A 33 -3.01 6.83 1.74
C LYS A 33 -2.18 5.99 0.77
N ARG A 34 -0.88 5.96 0.95
CA ARG A 34 0.00 5.17 0.05
C ARG A 34 -0.38 3.68 0.13
N CYS A 35 -0.62 3.19 1.32
CA CYS A 35 -1.00 1.74 1.47
C CYS A 35 -2.31 1.51 0.71
N GLN A 36 -3.33 2.30 0.98
CA GLN A 36 -4.62 2.14 0.25
C GLN A 36 -4.38 2.31 -1.26
N LEU A 37 -3.43 3.17 -1.63
CA LEU A 37 -3.11 3.37 -3.08
C LEU A 37 -2.48 2.09 -3.64
N ILE A 38 -1.30 1.75 -3.17
CA ILE A 38 -0.61 0.51 -3.66
C ILE A 38 -1.56 -0.70 -3.58
N ASP A 39 -2.50 -0.69 -2.65
CA ASP A 39 -3.46 -1.83 -2.53
C ASP A 39 -4.13 -2.10 -3.88
N LEU A 40 -4.52 -1.05 -4.58
CA LEU A 40 -5.17 -1.23 -5.93
C LEU A 40 -4.14 -1.84 -6.89
N GLY A 41 -3.01 -1.18 -7.07
CA GLY A 41 -1.95 -1.72 -7.97
C GLY A 41 -1.88 -0.92 -9.29
N GLU A 42 -2.34 0.31 -9.28
CA GLU A 42 -2.29 1.15 -10.53
C GLU A 42 -1.49 2.43 -10.24
N TRP A 43 -0.36 2.32 -9.58
CA TRP A 43 0.45 3.53 -9.25
C TRP A 43 1.94 3.25 -9.46
N ALA A 44 2.57 3.96 -10.37
CA ALA A 44 4.03 3.76 -10.62
C ALA A 44 4.76 5.10 -10.53
N ALA A 45 5.85 5.13 -9.77
CA ALA A 45 6.66 6.38 -9.61
C ALA A 45 5.85 7.48 -8.88
N GLU A 46 5.61 7.31 -7.60
CA GLU A 46 4.87 8.34 -6.81
C GLU A 46 5.87 9.16 -6.01
N GLU A 47 6.64 8.51 -5.18
CA GLU A 47 7.66 9.21 -4.34
C GLU A 47 8.82 9.71 -5.21
N LYS A 48 9.03 11.01 -5.26
CA LYS A 48 10.16 11.57 -6.08
C LYS A 48 11.19 12.22 -5.13
N ARG A 49 12.46 11.93 -5.33
CA ARG A 49 13.52 12.53 -4.46
C ARG A 49 13.57 14.05 -4.67
N ILE A 50 13.73 14.50 -5.89
CA ILE A 50 13.76 15.97 -6.18
C ILE A 50 12.35 16.42 -6.56
N PRO A 51 11.71 17.15 -5.67
CA PRO A 51 10.34 17.66 -5.91
C PRO A 51 10.37 18.80 -6.94
N SER A 52 11.49 19.47 -7.08
CA SER A 52 11.59 20.57 -8.08
C SER A 52 12.88 20.42 -8.91
N SER A 53 12.89 19.49 -9.84
CA SER A 53 14.11 19.28 -10.69
C SER A 53 13.97 20.15 -11.97
N GLY A 54 13.32 19.67 -13.00
CA GLY A 54 13.13 20.49 -14.24
C GLY A 54 11.82 21.25 -14.08
N ASP A 55 11.86 22.39 -13.42
CA ASP A 55 10.60 23.16 -13.16
C ASP A 55 10.27 24.14 -14.28
N LEU A 56 8.99 24.35 -14.49
CA LEU A 56 8.50 25.31 -15.51
C LEU A 56 8.67 26.74 -14.97
N SER A 57 9.29 27.62 -15.71
CA SER A 57 9.49 29.03 -15.24
C SER A 57 10.09 29.02 -13.82
N GLU A 58 11.19 28.33 -13.64
CA GLU A 58 11.84 28.26 -12.30
C GLU A 58 13.36 28.37 -12.45
N SER A 59 13.81 29.30 -13.26
CA SER A 59 15.28 29.50 -13.48
C SER A 59 15.94 28.17 -13.90
N ASP A 60 15.23 27.34 -14.64
CA ASP A 60 15.80 26.04 -15.08
C ASP A 60 15.09 25.56 -16.35
N ASP A 61 13.82 25.22 -16.26
CA ASP A 61 13.08 24.74 -17.47
C ASP A 61 12.12 25.84 -17.96
N TRP A 62 11.80 25.82 -19.24
CA TRP A 62 10.89 26.85 -19.82
C TRP A 62 10.16 26.26 -21.03
N SER A 63 9.06 26.87 -21.43
CA SER A 63 8.30 26.37 -22.62
C SER A 63 8.97 26.90 -23.90
N GLU A 64 9.39 28.16 -23.89
CA GLU A 64 10.05 28.76 -25.09
C GLU A 64 11.45 28.17 -25.29
N GLU A 65 12.11 27.79 -24.22
CA GLU A 65 13.48 27.20 -24.32
C GLU A 65 13.42 25.80 -24.94
N PRO A 66 14.17 25.61 -26.01
CA PRO A 66 14.23 24.31 -26.72
C PRO A 66 15.11 23.32 -25.94
N LYS A 67 16.17 23.79 -25.32
CA LYS A 67 17.06 22.89 -24.53
C LYS A 67 16.36 22.45 -23.25
N GLN A 68 16.09 23.39 -22.36
CA GLN A 68 15.40 23.04 -21.08
C GLN A 68 14.05 23.77 -21.01
N MET A 4 -12.78 -6.18 17.67
CA MET A 4 -13.54 -5.84 18.91
C MET A 4 -15.05 -5.80 18.61
N SER A 5 -15.87 -5.74 19.63
CA SER A 5 -17.35 -5.70 19.43
C SER A 5 -17.83 -4.24 19.42
N GLU A 6 -17.37 -3.43 20.35
CA GLU A 6 -17.80 -2.00 20.41
C GLU A 6 -16.98 -1.18 19.41
N THR A 7 -15.68 -1.32 19.40
CA THR A 7 -14.82 -0.54 18.45
C THR A 7 -14.21 -1.50 17.42
N ILE A 8 -14.66 -1.45 16.19
CA ILE A 8 -14.09 -2.36 15.14
C ILE A 8 -12.72 -1.83 14.68
N THR A 9 -11.91 -2.69 14.11
CA THR A 9 -10.56 -2.25 13.65
C THR A 9 -10.27 -2.84 12.26
N VAL A 10 -9.90 -2.01 11.31
CA VAL A 10 -9.59 -2.51 9.94
C VAL A 10 -8.07 -2.69 9.81
N ASN A 11 -7.64 -3.91 9.52
CA ASN A 11 -6.18 -4.17 9.38
C ASN A 11 -5.73 -3.82 7.95
N CYS A 12 -4.64 -3.10 7.83
CA CYS A 12 -4.12 -2.72 6.48
C CYS A 12 -3.60 -3.98 5.76
N PRO A 13 -4.20 -4.29 4.64
CA PRO A 13 -3.83 -5.47 3.82
C PRO A 13 -2.56 -5.20 2.99
N THR A 14 -2.13 -3.96 2.90
CA THR A 14 -0.90 -3.64 2.11
C THR A 14 0.35 -3.87 2.95
N CYS A 15 0.44 -3.26 4.11
CA CYS A 15 1.65 -3.43 4.97
C CYS A 15 1.35 -4.36 6.16
N GLY A 16 0.12 -4.38 6.63
CA GLY A 16 -0.23 -5.25 7.79
C GLY A 16 -0.18 -4.43 9.08
N LYS A 17 -1.20 -3.63 9.31
CA LYS A 17 -1.23 -2.78 10.54
C LYS A 17 -2.67 -2.64 11.02
N THR A 18 -2.92 -2.89 12.29
CA THR A 18 -4.30 -2.77 12.84
C THR A 18 -4.66 -1.28 13.01
N VAL A 19 -5.65 -0.83 12.29
CA VAL A 19 -6.08 0.60 12.39
C VAL A 19 -7.49 0.66 12.97
N VAL A 20 -7.76 1.59 13.85
CA VAL A 20 -9.13 1.68 14.45
C VAL A 20 -10.17 1.98 13.38
N TRP A 21 -11.34 1.41 13.50
CA TRP A 21 -12.43 1.63 12.49
C TRP A 21 -13.70 2.12 13.20
N GLY A 22 -14.49 2.92 12.52
CA GLY A 22 -15.76 3.45 13.13
C GLY A 22 -15.80 4.97 12.96
N GLU A 23 -15.47 5.70 13.99
CA GLU A 23 -15.48 7.19 13.92
C GLU A 23 -14.60 7.76 15.03
N ILE A 24 -13.30 7.83 14.79
CA ILE A 24 -12.36 8.37 15.82
C ILE A 24 -11.09 8.87 15.14
N SER A 25 -10.56 8.14 14.20
CA SER A 25 -9.32 8.56 13.48
C SER A 25 -9.68 9.10 12.09
N PRO A 26 -8.75 9.83 11.50
CA PRO A 26 -8.94 10.40 10.15
C PRO A 26 -8.77 9.32 9.08
N PHE A 27 -7.82 8.43 9.25
CA PHE A 27 -7.61 7.33 8.25
C PHE A 27 -8.04 5.99 8.87
N ARG A 28 -9.31 5.85 9.16
CA ARG A 28 -9.82 4.57 9.77
C ARG A 28 -9.49 3.38 8.84
N PRO A 29 -9.84 3.51 7.57
CA PRO A 29 -9.57 2.46 6.57
C PRO A 29 -8.09 2.52 6.16
N PHE A 30 -7.38 1.41 6.24
CA PHE A 30 -5.92 1.40 5.89
C PHE A 30 -5.14 2.27 6.89
N CYS A 31 -3.84 2.28 6.79
CA CYS A 31 -3.02 3.11 7.72
C CYS A 31 -2.52 4.39 7.05
N SER A 32 -2.34 4.37 5.74
CA SER A 32 -1.86 5.59 5.02
C SER A 32 -2.47 5.67 3.62
N LYS A 33 -2.43 6.84 3.01
CA LYS A 33 -3.00 7.01 1.64
C LYS A 33 -2.21 6.15 0.65
N ARG A 34 -0.90 6.09 0.81
CA ARG A 34 -0.05 5.26 -0.12
C ARG A 34 -0.42 3.78 0.02
N CYS A 35 -0.59 3.29 1.23
CA CYS A 35 -0.95 1.86 1.44
C CYS A 35 -2.27 1.57 0.71
N GLN A 36 -3.28 2.38 0.93
CA GLN A 36 -4.60 2.17 0.25
C GLN A 36 -4.42 2.33 -1.27
N LEU A 37 -3.54 3.22 -1.68
CA LEU A 37 -3.30 3.44 -3.14
C LEU A 37 -2.68 2.16 -3.74
N ILE A 38 -1.46 1.84 -3.37
CA ILE A 38 -0.79 0.61 -3.92
C ILE A 38 -1.72 -0.61 -3.80
N ASP A 39 -2.59 -0.63 -2.81
CA ASP A 39 -3.53 -1.79 -2.65
C ASP A 39 -4.31 -2.05 -3.94
N LEU A 40 -4.79 -1.01 -4.59
CA LEU A 40 -5.55 -1.20 -5.87
C LEU A 40 -4.61 -1.79 -6.92
N GLY A 41 -3.54 -1.09 -7.23
CA GLY A 41 -2.57 -1.61 -8.25
C GLY A 41 -2.64 -0.80 -9.55
N GLU A 42 -3.18 0.40 -9.51
CA GLU A 42 -3.27 1.23 -10.75
C GLU A 42 -2.53 2.56 -10.53
N TRP A 43 -1.33 2.50 -9.98
CA TRP A 43 -0.54 3.74 -9.71
C TRP A 43 0.89 3.54 -10.21
N ALA A 44 1.30 4.36 -11.15
CA ALA A 44 2.68 4.21 -11.72
C ALA A 44 3.68 5.08 -10.94
N ALA A 45 4.41 4.48 -10.03
CA ALA A 45 5.43 5.26 -9.25
C ALA A 45 6.74 5.31 -10.03
N GLU A 46 7.14 4.17 -10.60
CA GLU A 46 8.40 4.10 -11.41
C GLU A 46 9.59 4.65 -10.61
N GLU A 47 10.35 3.77 -9.97
CA GLU A 47 11.52 4.24 -9.16
C GLU A 47 12.83 4.09 -9.95
N LYS A 48 12.87 3.19 -10.92
CA LYS A 48 14.15 2.99 -11.69
C LYS A 48 14.07 3.63 -13.07
N ARG A 49 15.08 4.41 -13.42
CA ARG A 49 15.11 5.06 -14.77
C ARG A 49 15.81 4.12 -15.77
N ILE A 50 15.88 4.51 -17.03
CA ILE A 50 16.54 3.65 -18.07
C ILE A 50 15.71 2.38 -18.28
N PRO A 51 14.99 2.34 -19.38
CA PRO A 51 14.15 1.19 -19.73
C PRO A 51 15.02 0.01 -20.17
N SER A 52 15.41 -0.81 -19.24
CA SER A 52 16.28 -1.99 -19.55
C SER A 52 16.00 -3.13 -18.56
N SER A 53 15.99 -2.84 -17.27
CA SER A 53 15.73 -3.91 -16.26
C SER A 53 14.93 -3.35 -15.08
N GLY A 54 15.45 -2.36 -14.39
CA GLY A 54 14.72 -1.79 -13.21
C GLY A 54 13.49 -0.98 -13.66
N ASP A 55 13.58 -0.33 -14.80
CA ASP A 55 12.41 0.47 -15.30
C ASP A 55 11.15 -0.39 -15.39
N LEU A 56 10.03 0.15 -14.98
CA LEU A 56 8.75 -0.61 -15.06
C LEU A 56 8.38 -0.81 -16.53
N SER A 57 8.56 0.21 -17.34
CA SER A 57 8.24 0.11 -18.79
C SER A 57 9.54 -0.14 -19.56
N GLU A 58 9.76 -1.37 -20.00
CA GLU A 58 11.00 -1.69 -20.76
C GLU A 58 10.77 -1.39 -22.25
N SER A 59 11.73 -0.79 -22.91
CA SER A 59 11.57 -0.45 -24.35
C SER A 59 12.53 -1.28 -25.21
N ASP A 60 12.03 -2.31 -25.87
CA ASP A 60 12.91 -3.15 -26.75
C ASP A 60 13.11 -2.42 -28.08
N ASP A 61 12.05 -1.89 -28.65
CA ASP A 61 12.14 -1.14 -29.95
C ASP A 61 12.74 -2.03 -31.05
N TRP A 62 13.00 -1.46 -32.21
CA TRP A 62 13.57 -2.26 -33.34
C TRP A 62 15.11 -2.21 -33.28
N SER A 63 15.75 -3.35 -33.12
CA SER A 63 17.24 -3.38 -33.06
C SER A 63 17.77 -3.80 -34.43
N GLU A 64 18.03 -2.84 -35.29
CA GLU A 64 18.53 -3.15 -36.66
C GLU A 64 19.84 -3.96 -36.56
N GLU A 65 20.72 -3.57 -35.65
CA GLU A 65 22.01 -4.30 -35.49
C GLU A 65 21.85 -5.42 -34.44
N PRO A 66 22.27 -6.62 -34.80
CA PRO A 66 22.19 -7.79 -33.90
C PRO A 66 23.35 -7.75 -32.91
N LYS A 67 23.06 -7.84 -31.63
CA LYS A 67 24.16 -7.79 -30.60
C LYS A 67 24.36 -9.17 -29.98
N GLN A 68 25.55 -9.69 -30.06
CA GLN A 68 25.85 -11.03 -29.46
C GLN A 68 26.70 -10.83 -28.20
N MET A 4 -13.46 -6.27 25.92
CA MET A 4 -14.69 -5.59 25.41
C MET A 4 -14.38 -4.93 24.07
N SER A 5 -15.11 -5.30 23.04
CA SER A 5 -14.86 -4.72 21.69
C SER A 5 -16.09 -3.97 21.16
N GLU A 6 -16.17 -2.69 21.46
CA GLU A 6 -17.29 -1.86 20.93
C GLU A 6 -16.78 -1.20 19.64
N THR A 7 -15.49 -0.90 19.62
CA THR A 7 -14.85 -0.28 18.42
C THR A 7 -14.00 -1.35 17.72
N ILE A 8 -14.33 -1.68 16.49
CA ILE A 8 -13.54 -2.71 15.74
C ILE A 8 -12.37 -2.05 15.00
N THR A 9 -11.33 -2.80 14.74
CA THR A 9 -10.14 -2.24 14.03
C THR A 9 -9.87 -3.01 12.73
N VAL A 10 -9.79 -2.31 11.62
CA VAL A 10 -9.51 -2.97 10.31
C VAL A 10 -7.98 -3.07 10.11
N ASN A 11 -7.51 -4.21 9.67
CA ASN A 11 -6.03 -4.38 9.46
C ASN A 11 -5.67 -4.00 8.02
N CYS A 12 -4.63 -3.21 7.86
CA CYS A 12 -4.19 -2.79 6.50
C CYS A 12 -3.70 -4.02 5.72
N PRO A 13 -4.33 -4.28 4.58
CA PRO A 13 -4.00 -5.44 3.74
C PRO A 13 -2.72 -5.19 2.90
N THR A 14 -2.23 -3.97 2.86
CA THR A 14 -1.00 -3.68 2.05
C THR A 14 0.24 -3.89 2.93
N CYS A 15 0.31 -3.24 4.07
CA CYS A 15 1.50 -3.41 4.96
C CYS A 15 1.16 -4.33 6.14
N GLY A 16 -0.08 -4.32 6.59
CA GLY A 16 -0.48 -5.20 7.73
C GLY A 16 -0.41 -4.41 9.04
N LYS A 17 -1.36 -3.54 9.28
CA LYS A 17 -1.34 -2.75 10.55
C LYS A 17 -2.77 -2.53 11.07
N THR A 18 -2.94 -2.67 12.36
CA THR A 18 -4.29 -2.50 12.99
C THR A 18 -4.69 -1.01 13.02
N VAL A 19 -5.71 -0.66 12.26
CA VAL A 19 -6.19 0.76 12.23
C VAL A 19 -7.63 0.80 12.77
N VAL A 20 -7.92 1.69 13.69
CA VAL A 20 -9.30 1.76 14.27
C VAL A 20 -10.34 1.97 13.16
N TRP A 21 -11.48 1.32 13.28
CA TRP A 21 -12.55 1.45 12.24
C TRP A 21 -13.84 1.96 12.90
N GLY A 22 -14.66 2.66 12.16
CA GLY A 22 -15.94 3.19 12.73
C GLY A 22 -16.01 4.70 12.49
N GLU A 23 -15.67 5.48 13.50
CA GLU A 23 -15.71 6.96 13.35
C GLU A 23 -14.81 7.62 14.41
N ILE A 24 -13.57 7.19 14.49
CA ILE A 24 -12.63 7.77 15.51
C ILE A 24 -11.45 8.44 14.78
N SER A 25 -10.77 7.71 13.94
CA SER A 25 -9.61 8.28 13.19
C SER A 25 -10.08 8.78 11.81
N PRO A 26 -9.27 9.60 11.19
CA PRO A 26 -9.57 10.16 9.85
C PRO A 26 -9.34 9.10 8.76
N PHE A 27 -8.32 8.29 8.90
CA PHE A 27 -8.05 7.23 7.88
C PHE A 27 -8.42 5.86 8.47
N ARG A 28 -9.69 5.64 8.73
CA ARG A 28 -10.14 4.33 9.31
C ARG A 28 -9.69 3.17 8.40
N PRO A 29 -9.98 3.25 7.11
CA PRO A 29 -9.57 2.22 6.14
C PRO A 29 -8.09 2.36 5.82
N PHE A 30 -7.33 1.29 5.95
CA PHE A 30 -5.86 1.34 5.69
C PHE A 30 -5.18 2.25 6.72
N CYS A 31 -3.87 2.29 6.71
CA CYS A 31 -3.12 3.15 7.70
C CYS A 31 -2.68 4.45 7.03
N SER A 32 -2.42 4.44 5.74
CA SER A 32 -1.97 5.67 5.03
C SER A 32 -2.53 5.71 3.60
N LYS A 33 -2.51 6.87 2.98
CA LYS A 33 -3.03 6.99 1.58
C LYS A 33 -2.16 6.13 0.65
N ARG A 34 -0.87 6.03 0.93
CA ARG A 34 0.04 5.21 0.07
C ARG A 34 -0.38 3.74 0.13
N CYS A 35 -0.62 3.22 1.32
CA CYS A 35 -1.05 1.80 1.46
C CYS A 35 -2.33 1.56 0.67
N GLN A 36 -3.30 2.43 0.82
CA GLN A 36 -4.58 2.28 0.06
C GLN A 36 -4.30 2.44 -1.44
N LEU A 37 -3.37 3.28 -1.79
CA LEU A 37 -3.01 3.50 -3.23
C LEU A 37 -2.45 2.18 -3.80
N ILE A 38 -1.30 1.76 -3.34
CA ILE A 38 -0.67 0.49 -3.85
C ILE A 38 -1.68 -0.67 -3.80
N ASP A 39 -2.62 -0.64 -2.86
CA ASP A 39 -3.63 -1.73 -2.77
C ASP A 39 -4.33 -1.93 -4.13
N LEU A 40 -4.68 -0.86 -4.80
CA LEU A 40 -5.35 -0.99 -6.13
C LEU A 40 -4.38 -1.65 -7.13
N GLY A 41 -3.24 -1.04 -7.35
CA GLY A 41 -2.23 -1.63 -8.28
C GLY A 41 -2.13 -0.80 -9.58
N GLU A 42 -2.50 0.46 -9.54
CA GLU A 42 -2.42 1.30 -10.78
C GLU A 42 -1.54 2.53 -10.48
N TRP A 43 -0.42 2.32 -9.83
CA TRP A 43 0.49 3.46 -9.48
C TRP A 43 1.95 3.06 -9.77
N ALA A 44 2.76 4.00 -10.20
CA ALA A 44 4.19 3.68 -10.51
C ALA A 44 5.13 4.35 -9.48
N ALA A 45 4.64 4.62 -8.28
CA ALA A 45 5.51 5.24 -7.24
C ALA A 45 6.00 4.16 -6.29
N GLU A 46 5.09 3.39 -5.75
CA GLU A 46 5.45 2.27 -4.82
C GLU A 46 6.35 2.79 -3.68
N GLU A 47 5.83 3.70 -2.87
CA GLU A 47 6.63 4.25 -1.73
C GLU A 47 6.39 3.38 -0.49
N LYS A 48 7.44 2.94 0.16
CA LYS A 48 7.27 2.09 1.37
C LYS A 48 8.41 2.34 2.37
N ARG A 49 8.22 3.29 3.26
CA ARG A 49 9.24 3.61 4.30
C ARG A 49 10.56 4.13 3.69
N ILE A 50 10.50 4.85 2.60
CA ILE A 50 11.76 5.41 2.02
C ILE A 50 11.96 6.83 2.58
N PRO A 51 13.00 7.00 3.37
CA PRO A 51 13.30 8.31 4.00
C PRO A 51 13.97 9.26 2.99
N SER A 52 15.02 8.83 2.35
CA SER A 52 15.72 9.71 1.35
C SER A 52 15.71 9.05 -0.03
N SER A 53 14.96 9.59 -0.95
CA SER A 53 14.90 9.01 -2.33
C SER A 53 15.92 9.73 -3.23
N GLY A 54 16.01 11.04 -3.13
CA GLY A 54 16.99 11.80 -3.96
C GLY A 54 18.40 11.65 -3.37
N ASP A 55 19.09 10.60 -3.72
CA ASP A 55 20.46 10.37 -3.18
C ASP A 55 21.50 10.98 -4.13
N LEU A 56 22.69 11.26 -3.62
CA LEU A 56 23.75 11.86 -4.48
C LEU A 56 24.42 10.76 -5.32
N SER A 57 24.31 10.87 -6.63
CA SER A 57 24.93 9.86 -7.53
C SER A 57 26.46 9.94 -7.43
N GLU A 58 27.00 11.13 -7.32
CA GLU A 58 28.49 11.27 -7.22
C GLU A 58 28.99 10.77 -5.87
N SER A 59 30.27 10.55 -5.76
CA SER A 59 30.86 10.06 -4.47
C SER A 59 30.68 11.14 -3.41
N ASP A 60 29.83 10.88 -2.43
CA ASP A 60 29.60 11.89 -1.35
C ASP A 60 29.90 11.28 0.01
N ASP A 61 30.52 12.04 0.88
CA ASP A 61 30.85 11.53 2.25
C ASP A 61 29.55 11.34 3.02
N TRP A 62 29.26 10.12 3.42
CA TRP A 62 28.01 9.82 4.15
C TRP A 62 26.80 10.17 3.28
N SER A 63 26.45 9.29 2.39
CA SER A 63 25.27 9.54 1.50
C SER A 63 24.01 9.57 2.39
N GLU A 64 23.18 10.57 2.23
CA GLU A 64 21.95 10.67 3.07
C GLU A 64 21.06 9.44 2.80
N GLU A 65 21.10 8.47 3.71
CA GLU A 65 20.29 7.24 3.53
C GLU A 65 20.55 6.63 2.14
N PRO A 66 21.69 5.98 2.01
CA PRO A 66 22.11 5.35 0.74
C PRO A 66 21.31 4.06 0.53
N LYS A 67 20.10 4.20 0.02
CA LYS A 67 19.23 3.00 -0.20
C LYS A 67 18.38 3.18 -1.45
N GLN A 68 18.16 2.11 -2.17
CA GLN A 68 17.32 2.17 -3.40
C GLN A 68 16.33 0.98 -3.39
N MET A 4 -20.60 -3.37 23.19
CA MET A 4 -20.43 -2.18 24.08
C MET A 4 -18.95 -1.93 24.33
N SER A 5 -18.49 -0.74 24.01
CA SER A 5 -17.04 -0.40 24.20
C SER A 5 -16.18 -1.43 23.44
N GLU A 6 -16.65 -1.86 22.29
CA GLU A 6 -15.88 -2.86 21.48
C GLU A 6 -14.92 -2.15 20.54
N THR A 7 -15.44 -1.27 19.70
CA THR A 7 -14.59 -0.53 18.72
C THR A 7 -13.98 -1.52 17.71
N ILE A 8 -14.44 -1.50 16.48
CA ILE A 8 -13.90 -2.44 15.45
C ILE A 8 -12.56 -1.90 14.93
N THR A 9 -11.75 -2.77 14.36
CA THR A 9 -10.42 -2.33 13.83
C THR A 9 -10.16 -2.97 12.46
N VAL A 10 -9.85 -2.16 11.48
CA VAL A 10 -9.57 -2.69 10.11
C VAL A 10 -8.05 -2.84 9.93
N ASN A 11 -7.59 -4.02 9.60
CA ASN A 11 -6.12 -4.24 9.41
C ASN A 11 -5.72 -3.88 7.98
N CYS A 12 -4.65 -3.14 7.83
CA CYS A 12 -4.18 -2.74 6.46
C CYS A 12 -3.66 -3.99 5.73
N PRO A 13 -4.26 -4.29 4.60
CA PRO A 13 -3.89 -5.47 3.78
C PRO A 13 -2.61 -5.20 2.95
N THR A 14 -2.17 -3.96 2.88
CA THR A 14 -0.94 -3.65 2.08
C THR A 14 0.31 -3.86 2.94
N CYS A 15 0.36 -3.27 4.11
CA CYS A 15 1.57 -3.42 4.98
C CYS A 15 1.26 -4.33 6.19
N GLY A 16 0.03 -4.37 6.64
CA GLY A 16 -0.31 -5.22 7.82
C GLY A 16 -0.26 -4.36 9.09
N LYS A 17 -1.29 -3.59 9.31
CA LYS A 17 -1.31 -2.69 10.51
C LYS A 17 -2.74 -2.60 11.07
N THR A 18 -2.90 -2.72 12.36
CA THR A 18 -4.27 -2.65 12.97
C THR A 18 -4.70 -1.17 13.07
N VAL A 19 -5.66 -0.77 12.28
CA VAL A 19 -6.14 0.64 12.30
C VAL A 19 -7.53 0.68 12.94
N VAL A 20 -7.78 1.62 13.83
CA VAL A 20 -9.12 1.69 14.49
C VAL A 20 -10.21 2.00 13.45
N TRP A 21 -11.33 1.33 13.56
CA TRP A 21 -12.46 1.56 12.59
C TRP A 21 -13.63 2.25 13.31
N GLY A 22 -14.44 2.99 12.58
CA GLY A 22 -15.59 3.70 13.20
C GLY A 22 -15.44 5.20 12.99
N GLU A 23 -15.14 5.94 14.03
CA GLU A 23 -14.97 7.42 13.90
C GLU A 23 -13.96 7.91 14.96
N ILE A 24 -12.79 7.31 15.01
CA ILE A 24 -11.76 7.72 15.99
C ILE A 24 -10.54 8.28 15.26
N SER A 25 -10.03 7.54 14.30
CA SER A 25 -8.83 8.00 13.53
C SER A 25 -9.29 8.71 12.24
N PRO A 26 -8.39 9.46 11.66
CA PRO A 26 -8.66 10.21 10.40
C PRO A 26 -8.63 9.25 9.20
N PHE A 27 -7.85 8.19 9.29
CA PHE A 27 -7.78 7.20 8.17
C PHE A 27 -8.28 5.84 8.68
N ARG A 28 -9.57 5.73 8.89
CA ARG A 28 -10.16 4.45 9.39
C ARG A 28 -9.75 3.28 8.48
N PRO A 29 -10.03 3.40 7.20
CA PRO A 29 -9.68 2.36 6.20
C PRO A 29 -8.18 2.45 5.88
N PHE A 30 -7.47 1.34 6.01
CA PHE A 30 -5.99 1.33 5.73
C PHE A 30 -5.26 2.21 6.77
N CYS A 31 -3.95 2.19 6.74
CA CYS A 31 -3.17 3.02 7.72
C CYS A 31 -2.70 4.33 7.06
N SER A 32 -2.44 4.30 5.77
CA SER A 32 -1.97 5.54 5.08
C SER A 32 -2.56 5.61 3.66
N LYS A 33 -2.50 6.77 3.05
CA LYS A 33 -3.04 6.93 1.66
C LYS A 33 -2.21 6.10 0.68
N ARG A 34 -0.90 6.08 0.85
CA ARG A 34 -0.02 5.30 -0.07
C ARG A 34 -0.37 3.81 0.03
N CYS A 35 -0.60 3.32 1.23
CA CYS A 35 -0.96 1.86 1.40
C CYS A 35 -2.25 1.58 0.63
N GLN A 36 -3.27 2.38 0.83
CA GLN A 36 -4.56 2.17 0.10
C GLN A 36 -4.34 2.34 -1.41
N LEU A 37 -3.42 3.21 -1.79
CA LEU A 37 -3.13 3.43 -3.25
C LEU A 37 -2.54 2.15 -3.85
N ILE A 38 -1.35 1.76 -3.44
CA ILE A 38 -0.71 0.53 -3.98
C ILE A 38 -1.68 -0.67 -3.88
N ASP A 39 -2.54 -0.68 -2.88
CA ASP A 39 -3.51 -1.80 -2.73
C ASP A 39 -4.31 -2.00 -4.03
N LEU A 40 -4.73 -0.93 -4.67
CA LEU A 40 -5.50 -1.05 -5.95
C LEU A 40 -4.58 -1.67 -7.02
N GLY A 41 -3.48 -1.02 -7.32
CA GLY A 41 -2.54 -1.56 -8.35
C GLY A 41 -2.58 -0.74 -9.64
N GLU A 42 -2.95 0.52 -9.56
CA GLU A 42 -3.01 1.37 -10.79
C GLU A 42 -2.16 2.64 -10.56
N TRP A 43 -0.99 2.47 -9.98
CA TRP A 43 -0.10 3.65 -9.70
C TRP A 43 1.35 3.30 -10.05
N ALA A 44 1.81 2.16 -9.61
CA ALA A 44 3.23 1.73 -9.90
C ALA A 44 4.22 2.75 -9.35
N ALA A 45 4.21 2.98 -8.05
CA ALA A 45 5.16 3.95 -7.43
C ALA A 45 6.54 3.28 -7.33
N GLU A 46 6.61 2.20 -6.58
CA GLU A 46 7.90 1.45 -6.44
C GLU A 46 7.90 0.33 -7.49
N GLU A 47 8.77 0.41 -8.46
CA GLU A 47 8.78 -0.63 -9.55
C GLU A 47 10.13 -1.35 -9.61
N LYS A 48 10.11 -2.65 -9.83
CA LYS A 48 11.37 -3.46 -9.95
C LYS A 48 12.18 -2.94 -11.14
N ARG A 49 11.65 -3.12 -12.34
CA ARG A 49 12.33 -2.65 -13.58
C ARG A 49 11.72 -1.32 -14.02
N ILE A 50 12.54 -0.37 -14.42
CA ILE A 50 11.99 0.96 -14.86
C ILE A 50 12.37 1.23 -16.33
N PRO A 51 11.50 1.96 -17.01
CA PRO A 51 11.69 2.31 -18.44
C PRO A 51 12.73 3.43 -18.59
N SER A 52 13.77 3.19 -19.35
CA SER A 52 14.82 4.23 -19.56
C SER A 52 14.27 5.30 -20.53
N SER A 53 13.50 6.22 -20.02
CA SER A 53 12.92 7.30 -20.88
C SER A 53 13.23 8.67 -20.25
N GLY A 54 14.46 8.88 -19.85
CA GLY A 54 14.84 10.17 -19.21
C GLY A 54 14.90 10.02 -17.68
N ASP A 55 14.94 8.79 -17.18
CA ASP A 55 15.00 8.58 -15.70
C ASP A 55 16.08 7.52 -15.38
N LEU A 56 17.15 7.51 -16.16
CA LEU A 56 18.27 6.53 -15.93
C LEU A 56 17.86 5.11 -16.39
N SER A 57 18.82 4.33 -16.81
CA SER A 57 18.53 2.94 -17.28
C SER A 57 18.73 1.93 -16.13
N GLU A 58 17.76 1.08 -15.89
CA GLU A 58 17.88 0.06 -14.79
C GLU A 58 18.89 -1.03 -15.18
N SER A 59 19.59 -1.58 -14.22
CA SER A 59 20.59 -2.65 -14.50
C SER A 59 20.04 -4.02 -14.07
N ASP A 60 19.18 -4.61 -14.88
CA ASP A 60 18.60 -5.94 -14.52
C ASP A 60 19.64 -7.03 -14.82
N ASP A 61 20.06 -7.76 -13.81
CA ASP A 61 21.06 -8.84 -14.01
C ASP A 61 22.34 -8.23 -14.63
N TRP A 62 22.72 -7.05 -14.18
CA TRP A 62 23.94 -6.38 -14.72
C TRP A 62 24.71 -5.71 -13.57
N SER A 63 26.00 -5.94 -13.50
CA SER A 63 26.83 -5.33 -12.41
C SER A 63 28.08 -4.69 -13.03
N GLU A 64 28.81 -5.44 -13.82
CA GLU A 64 30.04 -4.92 -14.48
C GLU A 64 30.23 -5.66 -15.82
N GLU A 65 30.33 -6.96 -15.76
CA GLU A 65 30.49 -7.79 -16.99
C GLU A 65 29.78 -9.14 -16.79
N PRO A 66 28.69 -9.32 -17.50
CA PRO A 66 27.87 -10.55 -17.40
C PRO A 66 28.49 -11.71 -18.22
N LYS A 67 29.19 -11.40 -19.28
CA LYS A 67 29.79 -12.47 -20.13
C LYS A 67 31.32 -12.48 -19.99
N GLN A 68 31.98 -11.38 -20.29
CA GLN A 68 33.47 -11.33 -20.20
C GLN A 68 33.91 -10.39 -19.07
N MET A 4 -14.21 -4.87 17.61
CA MET A 4 -14.35 -6.11 18.42
C MET A 4 -14.74 -5.75 19.86
N SER A 5 -16.00 -5.93 20.20
CA SER A 5 -16.50 -5.57 21.58
C SER A 5 -16.59 -4.06 21.73
N GLU A 6 -15.46 -3.39 21.80
CA GLU A 6 -15.47 -1.91 21.94
C GLU A 6 -14.74 -1.30 20.73
N THR A 7 -15.49 -0.86 19.75
CA THR A 7 -14.90 -0.25 18.52
C THR A 7 -14.23 -1.34 17.66
N ILE A 8 -14.51 -1.35 16.37
CA ILE A 8 -13.88 -2.38 15.45
C ILE A 8 -12.56 -1.83 14.91
N THR A 9 -11.69 -2.71 14.47
CA THR A 9 -10.37 -2.26 13.91
C THR A 9 -10.11 -2.97 12.58
N VAL A 10 -9.90 -2.20 11.53
CA VAL A 10 -9.63 -2.81 10.19
C VAL A 10 -8.10 -2.96 10.01
N ASN A 11 -7.67 -4.08 9.49
CA ASN A 11 -6.20 -4.29 9.30
C ASN A 11 -5.80 -3.87 7.88
N CYS A 12 -4.71 -3.15 7.75
CA CYS A 12 -4.24 -2.69 6.41
C CYS A 12 -3.77 -3.90 5.59
N PRO A 13 -4.45 -4.13 4.48
CA PRO A 13 -4.14 -5.26 3.57
C PRO A 13 -2.94 -4.94 2.64
N THR A 14 -2.11 -3.97 2.98
CA THR A 14 -0.94 -3.63 2.12
C THR A 14 0.34 -3.76 2.95
N CYS A 15 0.38 -3.19 4.13
CA CYS A 15 1.59 -3.28 4.98
C CYS A 15 1.34 -4.22 6.18
N GLY A 16 0.10 -4.38 6.59
CA GLY A 16 -0.19 -5.27 7.76
C GLY A 16 -0.15 -4.44 9.03
N LYS A 17 -1.17 -3.64 9.25
CA LYS A 17 -1.21 -2.77 10.47
C LYS A 17 -2.65 -2.66 10.99
N THR A 18 -2.83 -2.74 12.29
CA THR A 18 -4.22 -2.65 12.86
C THR A 18 -4.62 -1.17 12.96
N VAL A 19 -5.62 -0.77 12.22
CA VAL A 19 -6.09 0.65 12.26
C VAL A 19 -7.51 0.69 12.81
N VAL A 20 -7.80 1.64 13.68
CA VAL A 20 -9.18 1.72 14.26
C VAL A 20 -10.21 1.98 13.15
N TRP A 21 -11.36 1.35 13.27
CA TRP A 21 -12.42 1.53 12.24
C TRP A 21 -13.73 1.99 12.91
N GLY A 22 -14.54 2.73 12.20
CA GLY A 22 -15.84 3.22 12.77
C GLY A 22 -15.92 4.74 12.61
N GLU A 23 -15.61 5.47 13.66
CA GLU A 23 -15.66 6.96 13.58
C GLU A 23 -14.81 7.55 14.71
N ILE A 24 -13.55 7.83 14.44
CA ILE A 24 -12.65 8.39 15.50
C ILE A 24 -11.37 8.96 14.84
N SER A 25 -10.78 8.20 13.95
CA SER A 25 -9.53 8.68 13.27
C SER A 25 -9.87 9.16 11.85
N PRO A 26 -8.97 9.95 11.29
CA PRO A 26 -9.14 10.49 9.93
C PRO A 26 -8.86 9.41 8.88
N PHE A 27 -7.98 8.48 9.19
CA PHE A 27 -7.65 7.39 8.22
C PHE A 27 -8.14 6.05 8.80
N ARG A 28 -9.43 5.91 8.96
CA ARG A 28 -10.00 4.63 9.51
C ARG A 28 -9.62 3.46 8.57
N PRO A 29 -9.93 3.59 7.30
CA PRO A 29 -9.60 2.56 6.30
C PRO A 29 -8.11 2.64 5.94
N PHE A 30 -7.39 1.55 6.07
CA PHE A 30 -5.91 1.55 5.77
C PHE A 30 -5.18 2.45 6.78
N CYS A 31 -3.88 2.33 6.83
CA CYS A 31 -3.08 3.17 7.79
C CYS A 31 -2.56 4.42 7.10
N SER A 32 -2.34 4.37 5.81
CA SER A 32 -1.80 5.58 5.09
C SER A 32 -2.43 5.69 3.70
N LYS A 33 -2.42 6.89 3.14
CA LYS A 33 -3.00 7.10 1.78
C LYS A 33 -2.22 6.25 0.76
N ARG A 34 -0.92 6.11 0.95
CA ARG A 34 -0.09 5.29 0.03
C ARG A 34 -0.48 3.82 0.13
N CYS A 35 -0.59 3.29 1.34
CA CYS A 35 -0.98 1.85 1.51
C CYS A 35 -2.27 1.56 0.73
N GLN A 36 -3.25 2.44 0.83
CA GLN A 36 -4.52 2.23 0.08
C GLN A 36 -4.25 2.33 -1.43
N LEU A 37 -3.33 3.19 -1.83
CA LEU A 37 -3.00 3.35 -3.28
C LEU A 37 -2.44 2.01 -3.80
N ILE A 38 -1.28 1.61 -3.33
CA ILE A 38 -0.68 0.31 -3.79
C ILE A 38 -1.69 -0.84 -3.63
N ASP A 39 -2.63 -0.72 -2.71
CA ASP A 39 -3.66 -1.79 -2.52
C ASP A 39 -4.36 -2.05 -3.85
N LEU A 40 -4.76 -1.01 -4.56
CA LEU A 40 -5.43 -1.19 -5.88
C LEU A 40 -4.46 -1.87 -6.84
N GLY A 41 -3.31 -1.25 -7.07
CA GLY A 41 -2.28 -1.89 -7.97
C GLY A 41 -2.11 -1.10 -9.28
N GLU A 42 -2.52 0.15 -9.32
CA GLU A 42 -2.35 0.96 -10.58
C GLU A 42 -1.34 2.09 -10.32
N TRP A 43 -0.35 1.82 -9.48
CA TRP A 43 0.67 2.87 -9.15
C TRP A 43 2.04 2.19 -8.99
N ALA A 44 2.13 1.26 -8.06
CA ALA A 44 3.42 0.53 -7.82
C ALA A 44 3.13 -0.90 -7.36
N ALA A 45 4.01 -1.82 -7.67
CA ALA A 45 3.82 -3.25 -7.27
C ALA A 45 4.17 -3.43 -5.78
N GLU A 46 5.20 -2.75 -5.32
CA GLU A 46 5.61 -2.87 -3.88
C GLU A 46 5.71 -1.48 -3.22
N GLU A 47 5.84 -1.45 -1.92
CA GLU A 47 5.94 -0.16 -1.18
C GLU A 47 7.42 0.15 -0.91
N LYS A 48 7.78 1.42 -0.84
CA LYS A 48 9.21 1.79 -0.58
C LYS A 48 9.65 1.23 0.77
N ARG A 49 8.94 1.56 1.83
CA ARG A 49 9.29 1.06 3.20
C ARG A 49 9.28 -0.48 3.19
N ILE A 50 8.13 -1.05 2.90
CA ILE A 50 7.99 -2.54 2.89
C ILE A 50 8.08 -3.05 1.43
N PRO A 51 9.17 -3.71 1.11
CA PRO A 51 9.39 -4.27 -0.24
C PRO A 51 8.53 -5.53 -0.42
N SER A 52 7.26 -5.34 -0.65
CA SER A 52 6.34 -6.51 -0.83
C SER A 52 5.94 -6.64 -2.30
N SER A 53 6.64 -7.49 -3.03
CA SER A 53 6.31 -7.69 -4.47
C SER A 53 5.23 -8.77 -4.60
N GLY A 54 4.18 -8.47 -5.33
CA GLY A 54 3.07 -9.47 -5.49
C GLY A 54 1.75 -8.72 -5.70
N ASP A 55 1.64 -8.00 -6.79
CA ASP A 55 0.39 -7.25 -7.07
C ASP A 55 -0.12 -7.61 -8.47
N LEU A 56 -1.22 -8.31 -8.55
CA LEU A 56 -1.78 -8.72 -9.88
C LEU A 56 -3.12 -8.02 -10.12
N SER A 57 -3.08 -6.77 -10.53
CA SER A 57 -4.33 -6.01 -10.81
C SER A 57 -4.08 -5.01 -11.93
N GLU A 58 -4.88 -5.04 -12.97
CA GLU A 58 -4.69 -4.08 -14.11
C GLU A 58 -5.61 -2.87 -13.95
N SER A 59 -6.82 -3.06 -13.44
CA SER A 59 -7.75 -1.91 -13.27
C SER A 59 -8.77 -2.23 -12.16
N ASP A 60 -8.47 -1.83 -10.94
CA ASP A 60 -9.40 -2.09 -9.79
C ASP A 60 -9.69 -3.58 -9.66
N ASP A 61 -8.68 -4.35 -9.32
CA ASP A 61 -8.87 -5.83 -9.16
C ASP A 61 -8.58 -6.23 -7.71
N TRP A 62 -7.49 -5.74 -7.15
CA TRP A 62 -7.13 -6.08 -5.74
C TRP A 62 -7.80 -5.06 -4.80
N SER A 63 -8.61 -5.52 -3.88
CA SER A 63 -9.30 -4.58 -2.95
C SER A 63 -9.27 -5.12 -1.51
N GLU A 64 -9.69 -6.36 -1.31
CA GLU A 64 -9.71 -6.93 0.08
C GLU A 64 -8.73 -8.10 0.20
N GLU A 65 -7.55 -7.96 -0.35
CA GLU A 65 -6.54 -9.06 -0.26
C GLU A 65 -5.15 -8.48 0.07
N PRO A 66 -4.42 -9.18 0.91
CA PRO A 66 -3.06 -8.76 1.32
C PRO A 66 -2.01 -9.04 0.23
N LYS A 67 -0.94 -8.29 0.22
CA LYS A 67 0.13 -8.48 -0.81
C LYS A 67 0.90 -9.78 -0.52
N GLN A 68 0.99 -10.65 -1.51
CA GLN A 68 1.71 -11.96 -1.34
C GLN A 68 0.87 -12.94 -0.50
N MET A 4 -19.71 4.76 13.80
CA MET A 4 -19.91 3.33 14.19
C MET A 4 -20.10 3.22 15.70
N SER A 5 -21.14 2.55 16.14
CA SER A 5 -21.39 2.39 17.60
C SER A 5 -20.29 1.51 18.21
N GLU A 6 -19.99 0.40 17.57
CA GLU A 6 -18.91 -0.50 18.08
C GLU A 6 -17.58 -0.09 17.45
N THR A 7 -16.57 0.12 18.25
CA THR A 7 -15.24 0.53 17.71
C THR A 7 -14.47 -0.69 17.21
N ILE A 8 -14.65 -1.05 15.97
CA ILE A 8 -13.93 -2.23 15.41
C ILE A 8 -12.60 -1.77 14.79
N THR A 9 -11.68 -2.68 14.58
CA THR A 9 -10.35 -2.30 13.99
C THR A 9 -10.11 -3.06 12.69
N VAL A 10 -9.79 -2.34 11.63
CA VAL A 10 -9.52 -3.00 10.31
C VAL A 10 -8.01 -3.09 10.10
N ASN A 11 -7.52 -4.22 9.63
CA ASN A 11 -6.06 -4.38 9.40
C ASN A 11 -5.70 -3.98 7.96
N CYS A 12 -4.62 -3.24 7.80
CA CYS A 12 -4.18 -2.80 6.44
C CYS A 12 -3.69 -4.04 5.66
N PRO A 13 -4.30 -4.28 4.52
CA PRO A 13 -3.95 -5.42 3.65
C PRO A 13 -2.68 -5.16 2.84
N THR A 14 -2.12 -3.96 2.91
CA THR A 14 -0.89 -3.66 2.13
C THR A 14 0.36 -3.88 3.00
N CYS A 15 0.39 -3.29 4.18
CA CYS A 15 1.59 -3.46 5.08
C CYS A 15 1.24 -4.37 6.26
N GLY A 16 0.02 -4.36 6.72
CA GLY A 16 -0.36 -5.23 7.88
C GLY A 16 -0.34 -4.37 9.16
N LYS A 17 -1.27 -3.46 9.28
CA LYS A 17 -1.33 -2.57 10.48
C LYS A 17 -2.76 -2.50 11.00
N THR A 18 -2.94 -2.68 12.29
CA THR A 18 -4.32 -2.62 12.87
C THR A 18 -4.76 -1.16 12.97
N VAL A 19 -5.63 -0.73 12.09
CA VAL A 19 -6.12 0.69 12.12
C VAL A 19 -7.53 0.72 12.71
N VAL A 20 -7.76 1.58 13.68
CA VAL A 20 -9.11 1.67 14.32
C VAL A 20 -10.15 2.14 13.29
N TRP A 21 -11.30 1.51 13.28
CA TRP A 21 -12.38 1.89 12.32
C TRP A 21 -13.54 2.55 13.08
N GLY A 22 -14.29 3.41 12.43
CA GLY A 22 -15.43 4.10 13.10
C GLY A 22 -15.15 5.59 13.23
N GLU A 23 -15.91 6.28 14.05
CA GLU A 23 -15.68 7.75 14.22
C GLU A 23 -14.62 7.98 15.30
N ILE A 24 -13.37 8.10 14.91
CA ILE A 24 -12.28 8.31 15.90
C ILE A 24 -10.99 8.76 15.17
N SER A 25 -10.69 8.16 14.04
CA SER A 25 -9.47 8.54 13.28
C SER A 25 -9.86 9.08 11.89
N PRO A 26 -8.97 9.84 11.31
CA PRO A 26 -9.18 10.45 9.97
C PRO A 26 -8.99 9.39 8.87
N PHE A 27 -8.06 8.48 9.04
CA PHE A 27 -7.82 7.43 8.02
C PHE A 27 -8.29 6.07 8.58
N ARG A 28 -9.57 5.90 8.74
CA ARG A 28 -10.12 4.61 9.29
C ARG A 28 -9.71 3.44 8.37
N PRO A 29 -9.97 3.57 7.07
CA PRO A 29 -9.60 2.52 6.09
C PRO A 29 -8.09 2.60 5.80
N PHE A 30 -7.39 1.50 5.96
CA PHE A 30 -5.91 1.48 5.70
C PHE A 30 -5.19 2.38 6.73
N CYS A 31 -3.88 2.36 6.73
CA CYS A 31 -3.12 3.20 7.71
C CYS A 31 -2.64 4.49 7.03
N SER A 32 -2.34 4.43 5.76
CA SER A 32 -1.86 5.65 5.03
C SER A 32 -2.47 5.71 3.62
N LYS A 33 -2.42 6.86 3.00
CA LYS A 33 -2.98 7.01 1.61
C LYS A 33 -2.16 6.19 0.61
N ARG A 34 -0.86 6.05 0.84
CA ARG A 34 -0.01 5.26 -0.11
C ARG A 34 -0.34 3.77 0.03
N CYS A 35 -0.67 3.31 1.21
CA CYS A 35 -1.02 1.87 1.41
C CYS A 35 -2.32 1.58 0.65
N GLN A 36 -3.32 2.43 0.82
CA GLN A 36 -4.61 2.25 0.10
C GLN A 36 -4.37 2.40 -1.41
N LEU A 37 -3.44 3.26 -1.78
CA LEU A 37 -3.13 3.47 -3.23
C LEU A 37 -2.55 2.19 -3.82
N ILE A 38 -1.36 1.80 -3.39
CA ILE A 38 -0.70 0.55 -3.90
C ILE A 38 -1.68 -0.64 -3.81
N ASP A 39 -2.58 -0.62 -2.86
CA ASP A 39 -3.56 -1.75 -2.71
C ASP A 39 -4.31 -1.97 -4.03
N LEU A 40 -4.73 -0.91 -4.68
CA LEU A 40 -5.46 -1.06 -5.98
C LEU A 40 -4.52 -1.68 -7.02
N GLY A 41 -3.41 -1.04 -7.30
CA GLY A 41 -2.43 -1.59 -8.28
C GLY A 41 -2.44 -0.78 -9.59
N GLU A 42 -2.84 0.47 -9.55
CA GLU A 42 -2.87 1.31 -10.79
C GLU A 42 -2.06 2.59 -10.54
N TRP A 43 -0.90 2.46 -9.93
CA TRP A 43 -0.06 3.67 -9.64
C TRP A 43 1.40 3.37 -10.00
N ALA A 44 1.99 4.17 -10.85
CA ALA A 44 3.40 3.94 -11.25
C ALA A 44 4.34 4.70 -10.30
N ALA A 45 4.00 5.93 -9.97
CA ALA A 45 4.86 6.74 -9.06
C ALA A 45 6.30 6.73 -9.58
N GLU A 46 6.49 7.10 -10.82
CA GLU A 46 7.86 7.12 -11.42
C GLU A 46 8.64 8.32 -10.86
N GLU A 47 9.52 8.08 -9.93
CA GLU A 47 10.29 9.21 -9.32
C GLU A 47 11.64 9.40 -10.03
N LYS A 48 12.31 8.33 -10.38
CA LYS A 48 13.64 8.47 -11.07
C LYS A 48 13.69 7.56 -12.31
N ARG A 49 14.23 8.05 -13.41
CA ARG A 49 14.31 7.22 -14.65
C ARG A 49 15.72 6.59 -14.75
N ILE A 50 15.84 5.32 -14.44
CA ILE A 50 17.17 4.64 -14.54
C ILE A 50 17.38 4.21 -16.00
N PRO A 51 18.41 4.72 -16.61
CA PRO A 51 18.74 4.40 -18.01
C PRO A 51 19.27 2.97 -18.10
N SER A 52 18.53 2.11 -18.74
CA SER A 52 18.95 0.67 -18.87
C SER A 52 19.71 0.45 -20.18
N SER A 53 20.73 -0.38 -20.13
CA SER A 53 21.54 -0.67 -21.36
C SER A 53 20.88 -1.83 -22.12
N GLY A 54 20.63 -1.66 -23.39
CA GLY A 54 19.99 -2.74 -24.20
C GLY A 54 20.92 -3.97 -24.27
N ASP A 55 22.17 -3.76 -24.61
CA ASP A 55 23.13 -4.89 -24.70
C ASP A 55 24.14 -4.81 -23.55
N LEU A 56 24.24 -5.86 -22.76
CA LEU A 56 25.20 -5.86 -21.62
C LEU A 56 25.83 -7.25 -21.46
N SER A 57 26.94 -7.35 -20.79
CA SER A 57 27.61 -8.67 -20.61
C SER A 57 27.12 -9.34 -19.32
N GLU A 58 26.44 -10.46 -19.44
CA GLU A 58 25.93 -11.19 -18.24
C GLU A 58 26.96 -12.24 -17.79
N SER A 59 27.26 -13.19 -18.64
CA SER A 59 28.25 -14.25 -18.27
C SER A 59 29.66 -13.79 -18.66
N ASP A 60 30.50 -13.57 -17.68
CA ASP A 60 31.90 -13.12 -17.96
C ASP A 60 32.88 -14.09 -17.30
N ASP A 61 33.70 -14.74 -18.10
CA ASP A 61 34.69 -15.71 -17.53
C ASP A 61 35.85 -14.94 -16.87
N TRP A 62 36.22 -15.32 -15.67
CA TRP A 62 37.34 -14.64 -14.96
C TRP A 62 38.56 -15.56 -14.90
N SER A 63 39.69 -15.11 -15.40
CA SER A 63 40.91 -15.96 -15.39
C SER A 63 42.02 -15.26 -14.59
N GLU A 64 42.00 -15.41 -13.28
CA GLU A 64 43.04 -14.76 -12.43
C GLU A 64 44.15 -15.76 -12.12
N GLU A 65 43.79 -16.91 -11.57
CA GLU A 65 44.81 -17.96 -11.23
C GLU A 65 45.91 -17.36 -10.33
N PRO A 66 45.58 -17.24 -9.07
CA PRO A 66 46.51 -16.69 -8.05
C PRO A 66 47.57 -17.73 -7.66
N LYS A 67 48.81 -17.47 -7.97
CA LYS A 67 49.91 -18.43 -7.63
C LYS A 67 50.51 -18.05 -6.27
N GLN A 68 50.90 -16.80 -6.11
CA GLN A 68 51.48 -16.35 -4.81
C GLN A 68 50.46 -15.50 -4.04
N MET A 4 -20.53 -2.11 26.60
CA MET A 4 -21.48 -1.11 26.04
C MET A 4 -20.99 -0.63 24.66
N SER A 5 -19.85 0.01 24.60
CA SER A 5 -19.32 0.50 23.29
C SER A 5 -18.32 -0.51 22.73
N GLU A 6 -18.48 -0.89 21.48
CA GLU A 6 -17.55 -1.88 20.85
C GLU A 6 -16.75 -1.18 19.75
N THR A 7 -15.46 -1.07 19.91
CA THR A 7 -14.61 -0.39 18.88
C THR A 7 -14.04 -1.45 17.91
N ILE A 8 -14.31 -1.30 16.64
CA ILE A 8 -13.80 -2.28 15.62
C ILE A 8 -12.44 -1.80 15.10
N THR A 9 -11.67 -2.69 14.51
CA THR A 9 -10.33 -2.29 13.97
C THR A 9 -10.09 -2.96 12.60
N VAL A 10 -9.82 -2.17 11.59
CA VAL A 10 -9.57 -2.72 10.22
C VAL A 10 -8.06 -2.83 9.99
N ASN A 11 -7.58 -4.01 9.66
CA ASN A 11 -6.11 -4.20 9.42
C ASN A 11 -5.77 -3.86 7.96
N CYS A 12 -4.70 -3.13 7.76
CA CYS A 12 -4.28 -2.76 6.37
C CYS A 12 -3.77 -4.01 5.64
N PRO A 13 -4.39 -4.31 4.51
CA PRO A 13 -4.01 -5.49 3.69
C PRO A 13 -2.75 -5.21 2.86
N THR A 14 -2.27 -3.99 2.83
CA THR A 14 -1.04 -3.67 2.03
C THR A 14 0.20 -3.88 2.89
N CYS A 15 0.28 -3.22 4.02
CA CYS A 15 1.49 -3.37 4.91
C CYS A 15 1.18 -4.31 6.09
N GLY A 16 -0.08 -4.41 6.49
CA GLY A 16 -0.42 -5.29 7.65
C GLY A 16 -0.34 -4.49 8.95
N LYS A 17 -1.28 -3.61 9.17
CA LYS A 17 -1.27 -2.77 10.41
C LYS A 17 -2.70 -2.62 10.95
N THR A 18 -2.87 -2.77 12.24
CA THR A 18 -4.24 -2.64 12.85
C THR A 18 -4.63 -1.17 12.94
N VAL A 19 -5.59 -0.75 12.13
CA VAL A 19 -6.05 0.67 12.17
C VAL A 19 -7.42 0.73 12.84
N VAL A 20 -7.59 1.59 13.81
CA VAL A 20 -8.90 1.69 14.53
C VAL A 20 -10.03 2.01 13.54
N TRP A 21 -11.14 1.33 13.66
CA TRP A 21 -12.30 1.57 12.74
C TRP A 21 -13.42 2.28 13.52
N GLY A 22 -14.26 3.02 12.83
CA GLY A 22 -15.37 3.75 13.50
C GLY A 22 -15.07 5.25 13.52
N GLU A 23 -15.81 6.01 14.28
CA GLU A 23 -15.58 7.49 14.35
C GLU A 23 -14.49 7.79 15.38
N ILE A 24 -13.27 7.98 14.94
CA ILE A 24 -12.15 8.27 15.89
C ILE A 24 -10.89 8.71 15.12
N SER A 25 -10.55 7.99 14.07
CA SER A 25 -9.33 8.35 13.27
C SER A 25 -9.74 8.96 11.92
N PRO A 26 -8.81 9.68 11.32
CA PRO A 26 -9.03 10.32 10.01
C PRO A 26 -8.93 9.29 8.88
N PHE A 27 -8.10 8.28 9.04
CA PHE A 27 -7.95 7.23 7.98
C PHE A 27 -8.40 5.88 8.56
N ARG A 28 -9.69 5.71 8.74
CA ARG A 28 -10.23 4.42 9.30
C ARG A 28 -9.82 3.25 8.39
N PRO A 29 -10.14 3.35 7.11
CA PRO A 29 -9.77 2.30 6.13
C PRO A 29 -8.28 2.43 5.80
N PHE A 30 -7.53 1.36 5.96
CA PHE A 30 -6.06 1.41 5.69
C PHE A 30 -5.39 2.35 6.72
N CYS A 31 -4.07 2.44 6.70
CA CYS A 31 -3.38 3.35 7.69
C CYS A 31 -2.96 4.65 7.00
N SER A 32 -2.61 4.61 5.73
CA SER A 32 -2.19 5.85 5.02
C SER A 32 -2.71 5.84 3.58
N LYS A 33 -2.66 6.99 2.92
CA LYS A 33 -3.15 7.08 1.50
C LYS A 33 -2.30 6.18 0.60
N ARG A 34 -1.01 6.15 0.81
CA ARG A 34 -0.11 5.30 -0.04
C ARG A 34 -0.48 3.82 0.13
N CYS A 35 -0.80 3.39 1.33
CA CYS A 35 -1.18 1.96 1.55
C CYS A 35 -2.45 1.65 0.76
N GLN A 36 -3.47 2.48 0.86
CA GLN A 36 -4.73 2.24 0.10
C GLN A 36 -4.43 2.36 -1.40
N LEU A 37 -3.51 3.24 -1.76
CA LEU A 37 -3.14 3.41 -3.20
C LEU A 37 -2.49 2.12 -3.71
N ILE A 38 -1.33 1.78 -3.20
CA ILE A 38 -0.62 0.53 -3.65
C ILE A 38 -1.58 -0.68 -3.60
N ASP A 39 -2.55 -0.66 -2.72
CA ASP A 39 -3.52 -1.80 -2.63
C ASP A 39 -4.14 -2.06 -4.00
N LEU A 40 -4.53 -1.03 -4.71
CA LEU A 40 -5.13 -1.22 -6.07
C LEU A 40 -4.08 -1.80 -7.01
N GLY A 41 -2.97 -1.11 -7.19
CA GLY A 41 -1.88 -1.61 -8.07
C GLY A 41 -1.78 -0.80 -9.36
N GLU A 42 -2.21 0.45 -9.33
CA GLU A 42 -2.13 1.30 -10.56
C GLU A 42 -1.34 2.58 -10.25
N TRP A 43 -0.30 2.47 -9.45
CA TRP A 43 0.52 3.66 -9.07
C TRP A 43 2.01 3.31 -9.10
N ALA A 44 2.87 4.29 -9.01
CA ALA A 44 4.34 4.03 -9.04
C ALA A 44 4.85 3.91 -7.59
N ALA A 45 4.82 2.71 -7.03
CA ALA A 45 5.30 2.51 -5.63
C ALA A 45 6.80 2.78 -5.55
N GLU A 46 7.57 2.07 -6.33
CA GLU A 46 9.05 2.26 -6.33
C GLU A 46 9.56 2.32 -7.77
N GLU A 47 10.18 3.41 -8.14
CA GLU A 47 10.70 3.57 -9.54
C GLU A 47 12.14 3.04 -9.64
N LYS A 48 12.95 3.30 -8.64
CA LYS A 48 14.37 2.82 -8.66
C LYS A 48 14.69 2.11 -7.33
N ARG A 49 15.57 1.13 -7.36
CA ARG A 49 15.93 0.38 -6.10
C ARG A 49 17.34 0.77 -5.67
N ILE A 50 17.56 2.04 -5.38
CA ILE A 50 18.93 2.51 -4.97
C ILE A 50 18.90 3.13 -3.56
N PRO A 51 19.52 2.46 -2.63
CA PRO A 51 19.61 2.92 -1.22
C PRO A 51 20.67 4.03 -1.08
N SER A 52 20.29 5.25 -1.39
CA SER A 52 21.23 6.40 -1.28
C SER A 52 20.44 7.69 -1.53
N SER A 53 19.73 7.74 -2.63
CA SER A 53 18.91 8.95 -2.96
C SER A 53 17.60 8.48 -3.60
N GLY A 54 16.58 8.30 -2.79
CA GLY A 54 15.26 7.85 -3.32
C GLY A 54 15.10 6.35 -3.04
N ASP A 55 15.01 5.99 -1.79
CA ASP A 55 14.86 4.55 -1.41
C ASP A 55 13.43 4.29 -0.92
N LEU A 56 12.73 3.39 -1.55
CA LEU A 56 11.32 3.08 -1.13
C LEU A 56 11.20 1.60 -0.77
N SER A 57 11.93 1.16 0.23
CA SER A 57 11.86 -0.27 0.67
C SER A 57 11.23 -0.35 2.07
N GLU A 58 11.61 0.56 2.95
CA GLU A 58 11.05 0.56 4.33
C GLU A 58 9.67 1.26 4.31
N SER A 59 8.62 0.55 4.63
CA SER A 59 7.26 1.16 4.63
C SER A 59 6.80 1.41 6.07
N ASP A 60 6.75 0.38 6.89
CA ASP A 60 6.31 0.56 8.31
C ASP A 60 7.44 0.16 9.27
N ASP A 61 7.86 1.09 10.11
CA ASP A 61 8.94 0.79 11.09
C ASP A 61 8.41 -0.14 12.18
N TRP A 62 9.05 -1.26 12.39
CA TRP A 62 8.59 -2.23 13.44
C TRP A 62 9.43 -2.03 14.70
N SER A 63 8.80 -1.63 15.78
CA SER A 63 9.54 -1.40 17.07
C SER A 63 9.49 -2.65 17.96
N GLU A 64 8.67 -3.62 17.62
CA GLU A 64 8.57 -4.86 18.45
C GLU A 64 9.41 -5.99 17.84
N GLU A 65 9.57 -7.08 18.56
CA GLU A 65 10.37 -8.22 18.04
C GLU A 65 9.41 -9.33 17.58
N PRO A 66 9.48 -9.64 16.30
CA PRO A 66 8.62 -10.69 15.69
C PRO A 66 9.11 -12.08 16.16
N LYS A 67 8.24 -12.82 16.81
CA LYS A 67 8.63 -14.18 17.32
C LYS A 67 9.70 -14.03 18.43
N GLN A 68 9.49 -13.09 19.31
CA GLN A 68 10.48 -12.84 20.42
C GLN A 68 9.81 -11.99 21.53
N MET A 4 -20.89 6.30 15.94
CA MET A 4 -20.83 4.87 15.52
C MET A 4 -20.76 3.97 16.75
N SER A 5 -21.56 2.93 16.77
CA SER A 5 -21.57 1.99 17.93
C SER A 5 -20.56 0.85 17.70
N GLU A 6 -19.71 0.60 18.67
CA GLU A 6 -18.69 -0.49 18.55
C GLU A 6 -17.68 -0.14 17.45
N THR A 7 -16.51 0.34 17.85
CA THR A 7 -15.46 0.71 16.86
C THR A 7 -14.64 -0.53 16.50
N ILE A 8 -14.83 -1.06 15.31
CA ILE A 8 -14.07 -2.27 14.88
C ILE A 8 -12.67 -1.84 14.39
N THR A 9 -11.78 -2.79 14.21
CA THR A 9 -10.40 -2.44 13.74
C THR A 9 -10.14 -3.03 12.34
N VAL A 10 -9.75 -2.20 11.41
CA VAL A 10 -9.48 -2.68 10.02
C VAL A 10 -7.96 -2.86 9.85
N ASN A 11 -7.52 -4.05 9.54
CA ASN A 11 -6.05 -4.30 9.37
C ASN A 11 -5.64 -3.94 7.94
N CYS A 12 -4.58 -3.18 7.80
CA CYS A 12 -4.09 -2.79 6.44
C CYS A 12 -3.60 -4.03 5.70
N PRO A 13 -4.24 -4.30 4.58
CA PRO A 13 -3.90 -5.48 3.73
C PRO A 13 -2.64 -5.23 2.90
N THR A 14 -2.11 -4.03 2.88
CA THR A 14 -0.88 -3.74 2.08
C THR A 14 0.38 -3.94 2.94
N CYS A 15 0.41 -3.35 4.11
CA CYS A 15 1.63 -3.49 4.99
C CYS A 15 1.31 -4.38 6.20
N GLY A 16 0.09 -4.34 6.69
CA GLY A 16 -0.27 -5.18 7.88
C GLY A 16 -0.24 -4.30 9.14
N LYS A 17 -1.22 -3.45 9.30
CA LYS A 17 -1.26 -2.55 10.49
C LYS A 17 -2.70 -2.45 11.00
N THR A 18 -2.90 -2.63 12.28
CA THR A 18 -4.28 -2.55 12.86
C THR A 18 -4.70 -1.09 12.98
N VAL A 19 -5.68 -0.67 12.21
CA VAL A 19 -6.16 0.74 12.27
C VAL A 19 -7.59 0.76 12.81
N VAL A 20 -7.85 1.53 13.84
CA VAL A 20 -9.22 1.58 14.42
C VAL A 20 -10.20 2.22 13.44
N TRP A 21 -11.39 1.67 13.35
CA TRP A 21 -12.43 2.22 12.42
C TRP A 21 -13.53 2.91 13.24
N GLY A 22 -14.18 3.89 12.67
CA GLY A 22 -15.27 4.61 13.41
C GLY A 22 -15.18 6.11 13.15
N GLU A 23 -14.97 6.88 14.21
CA GLU A 23 -14.87 8.36 14.06
C GLU A 23 -13.80 8.89 15.02
N ILE A 24 -12.78 8.09 15.29
CA ILE A 24 -11.70 8.52 16.23
C ILE A 24 -10.40 8.80 15.45
N SER A 25 -10.16 8.05 14.39
CA SER A 25 -8.92 8.25 13.59
C SER A 25 -9.26 8.98 12.28
N PRO A 26 -8.28 9.69 11.74
CA PRO A 26 -8.43 10.43 10.48
C PRO A 26 -8.38 9.46 9.29
N PHE A 27 -7.50 8.49 9.35
CA PHE A 27 -7.39 7.49 8.24
C PHE A 27 -7.83 6.12 8.77
N ARG A 28 -9.10 5.98 9.07
CA ARG A 28 -9.64 4.68 9.60
C ARG A 28 -9.38 3.55 8.58
N PRO A 29 -9.73 3.77 7.32
CA PRO A 29 -9.51 2.77 6.26
C PRO A 29 -8.02 2.75 5.88
N PHE A 30 -7.37 1.63 6.07
CA PHE A 30 -5.90 1.52 5.76
C PHE A 30 -5.11 2.38 6.75
N CYS A 31 -3.81 2.17 6.85
CA CYS A 31 -2.98 2.98 7.80
C CYS A 31 -2.53 4.28 7.12
N SER A 32 -2.32 4.27 5.83
CA SER A 32 -1.88 5.50 5.11
C SER A 32 -2.50 5.54 3.71
N LYS A 33 -2.59 6.72 3.12
CA LYS A 33 -3.18 6.83 1.74
C LYS A 33 -2.29 6.09 0.74
N ARG A 34 -1.00 6.00 1.00
CA ARG A 34 -0.09 5.28 0.07
C ARG A 34 -0.41 3.78 0.12
N CYS A 35 -0.63 3.24 1.30
CA CYS A 35 -0.95 1.79 1.42
C CYS A 35 -2.26 1.50 0.66
N GLN A 36 -3.27 2.33 0.87
CA GLN A 36 -4.56 2.14 0.14
C GLN A 36 -4.31 2.29 -1.37
N LEU A 37 -3.40 3.17 -1.73
CA LEU A 37 -3.08 3.36 -3.18
C LEU A 37 -2.50 2.06 -3.74
N ILE A 38 -1.35 1.64 -3.25
CA ILE A 38 -0.73 0.36 -3.75
C ILE A 38 -1.76 -0.77 -3.72
N ASP A 39 -2.67 -0.76 -2.77
CA ASP A 39 -3.70 -1.84 -2.69
C ASP A 39 -4.44 -1.95 -4.03
N LEU A 40 -4.83 -0.82 -4.61
CA LEU A 40 -5.55 -0.85 -5.93
C LEU A 40 -4.62 -1.46 -6.98
N GLY A 41 -3.46 -0.86 -7.19
CA GLY A 41 -2.50 -1.40 -8.19
C GLY A 41 -2.55 -0.54 -9.46
N GLU A 42 -2.79 0.73 -9.32
CA GLU A 42 -2.85 1.64 -10.51
C GLU A 42 -1.97 2.87 -10.23
N TRP A 43 -0.82 2.67 -9.63
CA TRP A 43 0.08 3.83 -9.30
C TRP A 43 1.53 3.49 -9.62
N ALA A 44 2.19 4.33 -10.38
CA ALA A 44 3.62 4.09 -10.73
C ALA A 44 4.43 5.34 -10.44
N ALA A 45 4.01 6.48 -10.96
CA ALA A 45 4.76 7.75 -10.73
C ALA A 45 3.77 8.92 -10.59
N GLU A 46 3.21 9.11 -9.42
CA GLU A 46 2.26 10.24 -9.20
C GLU A 46 3.09 11.51 -8.98
N GLU A 47 3.76 11.59 -7.84
CA GLU A 47 4.62 12.78 -7.54
C GLU A 47 5.93 12.62 -8.31
N LYS A 48 6.26 13.56 -9.18
CA LYS A 48 7.52 13.42 -9.98
C LYS A 48 8.63 14.33 -9.44
N ARG A 49 9.78 13.75 -9.20
CA ARG A 49 10.95 14.54 -8.71
C ARG A 49 12.08 14.41 -9.73
N ILE A 50 12.38 13.19 -10.11
CA ILE A 50 13.47 12.95 -11.12
C ILE A 50 12.97 13.31 -12.52
N PRO A 51 13.88 13.78 -13.35
CA PRO A 51 13.56 14.17 -14.74
C PRO A 51 13.43 12.94 -15.65
N SER A 52 14.37 12.03 -15.59
CA SER A 52 14.30 10.81 -16.44
C SER A 52 14.61 9.57 -15.60
N SER A 53 15.73 9.56 -14.92
CA SER A 53 16.09 8.39 -14.06
C SER A 53 16.60 8.89 -12.70
N GLY A 54 16.34 8.13 -11.66
CA GLY A 54 16.79 8.56 -10.29
C GLY A 54 18.20 8.03 -10.01
N ASP A 55 19.19 8.56 -10.68
CA ASP A 55 20.60 8.14 -10.45
C ASP A 55 21.23 9.05 -9.37
N LEU A 56 22.49 9.41 -9.52
CA LEU A 56 23.16 10.29 -8.51
C LEU A 56 22.59 11.72 -8.63
N SER A 57 22.82 12.56 -7.65
CA SER A 57 22.32 13.97 -7.71
C SER A 57 23.18 14.74 -8.73
N GLU A 58 22.97 14.47 -10.00
CA GLU A 58 23.77 15.12 -11.08
C GLU A 58 22.96 16.20 -11.81
N SER A 59 22.83 17.38 -11.24
CA SER A 59 22.08 18.48 -11.93
C SER A 59 23.00 19.14 -12.96
N ASP A 60 23.41 18.38 -13.96
CA ASP A 60 24.32 18.92 -15.01
C ASP A 60 23.75 18.59 -16.40
N ASP A 61 23.37 17.36 -16.64
CA ASP A 61 22.81 16.99 -17.97
C ASP A 61 21.45 16.29 -17.80
N TRP A 62 20.60 16.36 -18.79
CA TRP A 62 19.25 15.70 -18.70
C TRP A 62 19.43 14.17 -18.67
N SER A 63 20.30 13.66 -19.51
CA SER A 63 20.52 12.19 -19.60
C SER A 63 21.40 11.66 -18.45
N GLU A 64 20.82 11.34 -17.32
CA GLU A 64 21.65 10.78 -16.19
C GLU A 64 22.23 9.44 -16.68
N GLU A 65 21.37 8.57 -17.18
CA GLU A 65 21.81 7.25 -17.73
C GLU A 65 22.39 6.32 -16.65
N PRO A 66 22.16 5.04 -16.83
CA PRO A 66 22.66 4.00 -15.93
C PRO A 66 24.12 3.74 -16.24
N LYS A 67 25.00 4.10 -15.33
CA LYS A 67 26.48 3.93 -15.55
C LYS A 67 26.99 5.14 -16.36
N GLN A 68 27.86 5.94 -15.77
CA GLN A 68 28.39 7.13 -16.48
C GLN A 68 29.89 6.96 -16.76
N MET A 4 -22.47 -2.08 21.43
CA MET A 4 -22.75 -0.61 21.40
C MET A 4 -21.44 0.16 21.30
N SER A 5 -21.37 1.11 20.41
CA SER A 5 -20.10 1.89 20.23
C SER A 5 -18.94 0.93 19.97
N GLU A 6 -19.24 -0.22 19.37
CA GLU A 6 -18.19 -1.24 19.08
C GLU A 6 -17.21 -0.69 18.05
N THR A 7 -16.02 -0.34 18.49
CA THR A 7 -15.01 0.21 17.54
C THR A 7 -14.15 -0.95 17.02
N ILE A 8 -14.52 -1.49 15.88
CA ILE A 8 -13.74 -2.62 15.31
C ILE A 8 -12.48 -2.07 14.62
N THR A 9 -11.41 -2.83 14.60
CA THR A 9 -10.15 -2.33 13.97
C THR A 9 -9.87 -3.09 12.67
N VAL A 10 -9.80 -2.36 11.57
CA VAL A 10 -9.51 -3.01 10.26
C VAL A 10 -7.99 -3.08 10.05
N ASN A 11 -7.49 -4.20 9.59
CA ASN A 11 -6.01 -4.33 9.38
C ASN A 11 -5.64 -3.94 7.95
N CYS A 12 -4.59 -3.16 7.79
CA CYS A 12 -4.16 -2.73 6.43
C CYS A 12 -3.69 -3.98 5.64
N PRO A 13 -4.34 -4.22 4.53
CA PRO A 13 -4.03 -5.38 3.66
C PRO A 13 -2.77 -5.15 2.81
N THR A 14 -2.21 -3.95 2.85
CA THR A 14 -0.98 -3.68 2.03
C THR A 14 0.28 -3.91 2.89
N CYS A 15 0.33 -3.35 4.08
CA CYS A 15 1.52 -3.53 4.97
C CYS A 15 1.18 -4.43 6.17
N GLY A 16 -0.02 -4.34 6.67
CA GLY A 16 -0.40 -5.18 7.86
C GLY A 16 -0.35 -4.31 9.12
N LYS A 17 -1.31 -3.44 9.29
CA LYS A 17 -1.32 -2.55 10.50
C LYS A 17 -2.76 -2.44 11.03
N THR A 18 -2.93 -2.61 12.33
CA THR A 18 -4.30 -2.52 12.93
C THR A 18 -4.73 -1.04 13.00
N VAL A 19 -5.74 -0.69 12.25
CA VAL A 19 -6.24 0.72 12.26
C VAL A 19 -7.68 0.74 12.77
N VAL A 20 -7.97 1.62 13.70
CA VAL A 20 -9.35 1.70 14.27
C VAL A 20 -10.37 2.03 13.16
N TRP A 21 -11.53 1.40 13.21
CA TRP A 21 -12.58 1.64 12.18
C TRP A 21 -13.87 2.10 12.86
N GLY A 22 -14.67 2.89 12.17
CA GLY A 22 -15.96 3.37 12.76
C GLY A 22 -16.01 4.89 12.66
N GLU A 23 -15.68 5.59 13.72
CA GLU A 23 -15.70 7.08 13.71
C GLU A 23 -14.82 7.61 14.85
N ILE A 24 -13.56 7.85 14.57
CA ILE A 24 -12.63 8.37 15.63
C ILE A 24 -11.33 8.86 14.98
N SER A 25 -10.79 8.12 14.03
CA SER A 25 -9.53 8.54 13.36
C SER A 25 -9.83 9.10 11.97
N PRO A 26 -8.88 9.83 11.43
CA PRO A 26 -9.01 10.45 10.09
C PRO A 26 -8.84 9.39 8.99
N PHE A 27 -7.88 8.51 9.15
CA PHE A 27 -7.66 7.44 8.13
C PHE A 27 -8.08 6.08 8.72
N ARG A 28 -9.37 5.93 8.99
CA ARG A 28 -9.88 4.64 9.56
C ARG A 28 -9.55 3.47 8.61
N PRO A 29 -9.86 3.63 7.33
CA PRO A 29 -9.58 2.59 6.31
C PRO A 29 -8.09 2.64 5.95
N PHE A 30 -7.40 1.53 6.06
CA PHE A 30 -5.93 1.49 5.75
C PHE A 30 -5.17 2.35 6.78
N CYS A 31 -3.86 2.32 6.74
CA CYS A 31 -3.05 3.13 7.71
C CYS A 31 -2.49 4.39 7.03
N SER A 32 -2.29 4.35 5.73
CA SER A 32 -1.73 5.55 5.02
C SER A 32 -2.33 5.66 3.61
N LYS A 33 -2.27 6.83 3.03
CA LYS A 33 -2.81 7.04 1.65
C LYS A 33 -2.04 6.15 0.66
N ARG A 34 -0.75 6.02 0.85
CA ARG A 34 0.08 5.17 -0.06
C ARG A 34 -0.36 3.70 0.05
N CYS A 35 -0.59 3.23 1.25
CA CYS A 35 -1.03 1.81 1.44
C CYS A 35 -2.34 1.59 0.69
N GLN A 36 -3.30 2.46 0.87
CA GLN A 36 -4.60 2.32 0.15
C GLN A 36 -4.36 2.45 -1.36
N LEU A 37 -3.44 3.30 -1.75
CA LEU A 37 -3.13 3.49 -3.20
C LEU A 37 -2.56 2.18 -3.77
N ILE A 38 -1.37 1.80 -3.34
CA ILE A 38 -0.72 0.55 -3.83
C ILE A 38 -1.71 -0.63 -3.77
N ASP A 39 -2.59 -0.66 -2.79
CA ASP A 39 -3.57 -1.78 -2.66
C ASP A 39 -4.30 -2.01 -3.99
N LEU A 40 -4.68 -0.94 -4.67
CA LEU A 40 -5.40 -1.10 -5.98
C LEU A 40 -4.45 -1.74 -6.99
N GLY A 41 -3.33 -1.12 -7.26
CA GLY A 41 -2.34 -1.69 -8.23
C GLY A 41 -2.24 -0.86 -9.52
N GLU A 42 -2.75 0.36 -9.52
CA GLU A 42 -2.67 1.21 -10.75
C GLU A 42 -1.80 2.45 -10.45
N TRP A 43 -0.69 2.23 -9.79
CA TRP A 43 0.22 3.37 -9.44
C TRP A 43 1.68 2.94 -9.63
N ALA A 44 2.08 1.89 -8.96
CA ALA A 44 3.48 1.39 -9.09
C ALA A 44 3.49 0.05 -9.84
N ALA A 45 4.34 -0.07 -10.83
CA ALA A 45 4.43 -1.35 -11.61
C ALA A 45 5.82 -1.95 -11.42
N GLU A 46 6.15 -2.31 -10.20
CA GLU A 46 7.49 -2.91 -9.91
C GLU A 46 7.47 -4.41 -10.19
N GLU A 47 8.45 -4.89 -10.91
CA GLU A 47 8.51 -6.36 -11.21
C GLU A 47 8.74 -7.14 -9.91
N LYS A 48 9.85 -6.89 -9.27
CA LYS A 48 10.17 -7.60 -7.99
C LYS A 48 9.09 -7.36 -6.93
N ARG A 49 8.87 -6.13 -6.55
CA ARG A 49 7.84 -5.81 -5.49
C ARG A 49 6.42 -6.13 -5.98
N ILE A 50 5.49 -6.18 -5.06
CA ILE A 50 4.06 -6.47 -5.40
C ILE A 50 3.34 -5.14 -5.68
N PRO A 51 2.95 -4.93 -6.92
CA PRO A 51 2.25 -3.69 -7.33
C PRO A 51 0.78 -3.69 -6.87
N SER A 52 0.10 -4.81 -6.98
CA SER A 52 -1.33 -4.88 -6.53
C SER A 52 -1.38 -5.07 -5.02
N SER A 53 -0.87 -6.18 -4.54
CA SER A 53 -0.86 -6.46 -3.06
C SER A 53 -2.30 -6.49 -2.52
N GLY A 54 -2.90 -7.66 -2.45
CA GLY A 54 -4.29 -7.77 -1.93
C GLY A 54 -5.26 -7.89 -3.11
N ASP A 55 -5.10 -7.06 -4.11
CA ASP A 55 -6.02 -7.11 -5.30
C ASP A 55 -5.44 -8.05 -6.36
N LEU A 56 -6.26 -8.90 -6.92
CA LEU A 56 -5.78 -9.84 -7.98
C LEU A 56 -5.60 -9.06 -9.28
N SER A 57 -6.60 -8.27 -9.64
CA SER A 57 -6.52 -7.44 -10.89
C SER A 57 -6.24 -8.32 -12.13
N GLU A 58 -6.01 -7.69 -13.27
CA GLU A 58 -5.74 -8.47 -14.51
C GLU A 58 -4.35 -8.13 -15.05
N SER A 59 -3.96 -6.87 -15.01
CA SER A 59 -2.60 -6.48 -15.51
C SER A 59 -1.73 -6.09 -14.32
N ASP A 60 -0.96 -7.02 -13.81
CA ASP A 60 -0.07 -6.73 -12.65
C ASP A 60 1.10 -7.72 -12.66
N ASP A 61 2.28 -7.26 -12.28
CA ASP A 61 3.46 -8.17 -12.27
C ASP A 61 3.32 -9.19 -11.15
N TRP A 62 3.12 -10.44 -11.50
CA TRP A 62 2.97 -11.52 -10.48
C TRP A 62 4.35 -11.96 -9.99
N SER A 63 4.96 -11.20 -9.11
CA SER A 63 6.31 -11.57 -8.61
C SER A 63 6.21 -12.28 -7.26
N GLU A 64 6.29 -13.59 -7.25
CA GLU A 64 6.23 -14.35 -5.97
C GLU A 64 7.64 -14.44 -5.39
N GLU A 65 7.81 -13.98 -4.17
CA GLU A 65 9.16 -14.01 -3.52
C GLU A 65 10.08 -13.01 -4.25
N PRO A 66 10.01 -11.77 -3.84
CA PRO A 66 10.81 -10.67 -4.42
C PRO A 66 12.27 -10.76 -3.98
N LYS A 67 12.52 -11.24 -2.78
CA LYS A 67 13.91 -11.35 -2.27
C LYS A 67 14.07 -12.69 -1.55
N GLN A 68 13.20 -12.97 -0.60
CA GLN A 68 13.27 -14.26 0.16
C GLN A 68 11.87 -14.87 0.32
N MET A 4 -22.80 -6.61 18.94
CA MET A 4 -23.56 -5.39 18.49
C MET A 4 -22.91 -4.12 19.05
N SER A 5 -23.02 -3.03 18.31
CA SER A 5 -22.43 -1.73 18.77
C SER A 5 -20.94 -1.95 19.09
N GLU A 6 -20.17 -2.35 18.11
CA GLU A 6 -18.72 -2.60 18.34
C GLU A 6 -17.88 -1.82 17.34
N THR A 7 -16.72 -1.38 17.77
CA THR A 7 -15.81 -0.63 16.86
C THR A 7 -14.85 -1.63 16.23
N ILE A 8 -15.07 -2.00 15.00
CA ILE A 8 -14.18 -2.99 14.33
C ILE A 8 -12.89 -2.31 13.86
N THR A 9 -11.85 -3.07 13.64
CA THR A 9 -10.56 -2.48 13.20
C THR A 9 -10.16 -3.02 11.82
N VAL A 10 -10.00 -2.15 10.86
CA VAL A 10 -9.59 -2.59 9.49
C VAL A 10 -8.06 -2.76 9.46
N ASN A 11 -7.60 -3.96 9.25
CA ASN A 11 -6.11 -4.20 9.21
C ASN A 11 -5.57 -3.88 7.81
N CYS A 12 -4.53 -3.09 7.73
CA CYS A 12 -3.94 -2.73 6.41
C CYS A 12 -3.28 -3.97 5.80
N PRO A 13 -3.77 -4.37 4.64
CA PRO A 13 -3.25 -5.55 3.93
C PRO A 13 -1.95 -5.20 3.17
N THR A 14 -1.72 -3.95 2.90
CA THR A 14 -0.47 -3.53 2.17
C THR A 14 0.76 -3.69 3.07
N CYS A 15 0.73 -3.14 4.26
CA CYS A 15 1.90 -3.24 5.18
C CYS A 15 1.60 -4.18 6.36
N GLY A 16 0.37 -4.20 6.82
CA GLY A 16 0.01 -5.09 7.98
C GLY A 16 -0.05 -4.24 9.26
N LYS A 17 -1.10 -3.46 9.40
CA LYS A 17 -1.25 -2.59 10.61
C LYS A 17 -2.73 -2.50 11.00
N THR A 18 -3.05 -2.79 12.24
CA THR A 18 -4.47 -2.72 12.70
C THR A 18 -4.89 -1.25 12.87
N VAL A 19 -5.85 -0.81 12.09
CA VAL A 19 -6.32 0.60 12.19
C VAL A 19 -7.79 0.61 12.62
N VAL A 20 -8.13 1.41 13.61
CA VAL A 20 -9.55 1.47 14.09
C VAL A 20 -10.48 1.92 12.96
N TRP A 21 -11.65 1.33 12.88
CA TRP A 21 -12.64 1.70 11.81
C TRP A 21 -13.93 2.21 12.46
N GLY A 22 -14.63 3.10 11.80
CA GLY A 22 -15.92 3.63 12.34
C GLY A 22 -15.90 5.17 12.25
N GLU A 23 -15.59 5.82 13.34
CA GLU A 23 -15.55 7.32 13.35
C GLU A 23 -14.71 7.80 14.54
N ILE A 24 -13.41 7.84 14.38
CA ILE A 24 -12.51 8.29 15.49
C ILE A 24 -11.18 8.79 14.92
N SER A 25 -10.64 8.08 13.96
CA SER A 25 -9.34 8.50 13.35
C SER A 25 -9.58 9.09 11.94
N PRO A 26 -8.61 9.84 11.45
CA PRO A 26 -8.69 10.47 10.12
C PRO A 26 -8.48 9.43 9.02
N PHE A 27 -7.57 8.50 9.23
CA PHE A 27 -7.32 7.44 8.21
C PHE A 27 -7.86 6.10 8.73
N ARG A 28 -9.16 6.01 8.91
CA ARG A 28 -9.77 4.74 9.43
C ARG A 28 -9.45 3.57 8.49
N PRO A 29 -9.70 3.74 7.19
CA PRO A 29 -9.41 2.70 6.19
C PRO A 29 -7.90 2.66 5.92
N PHE A 30 -7.27 1.54 6.19
CA PHE A 30 -5.78 1.43 5.97
C PHE A 30 -5.05 2.36 6.95
N CYS A 31 -3.75 2.53 6.79
CA CYS A 31 -3.00 3.41 7.73
C CYS A 31 -2.37 4.61 6.99
N SER A 32 -1.99 4.45 5.74
CA SER A 32 -1.36 5.60 5.00
C SER A 32 -1.93 5.70 3.58
N LYS A 33 -1.67 6.82 2.93
CA LYS A 33 -2.18 7.03 1.54
C LYS A 33 -1.51 6.02 0.59
N ARG A 34 -0.23 5.79 0.74
CA ARG A 34 0.49 4.82 -0.14
C ARG A 34 -0.11 3.41 0.05
N CYS A 35 -0.42 3.04 1.28
CA CYS A 35 -1.01 1.69 1.54
C CYS A 35 -2.36 1.59 0.83
N GLN A 36 -3.22 2.58 0.99
CA GLN A 36 -4.55 2.55 0.31
C GLN A 36 -4.34 2.59 -1.21
N LEU A 37 -3.36 3.32 -1.67
CA LEU A 37 -3.06 3.41 -3.13
C LEU A 37 -2.73 2.00 -3.64
N ILE A 38 -1.64 1.44 -3.17
CA ILE A 38 -1.23 0.06 -3.60
C ILE A 38 -2.41 -0.91 -3.48
N ASP A 39 -3.28 -0.72 -2.50
CA ASP A 39 -4.45 -1.63 -2.33
C ASP A 39 -5.24 -1.76 -3.64
N LEU A 40 -5.48 -0.67 -4.33
CA LEU A 40 -6.23 -0.73 -5.63
C LEU A 40 -5.50 -1.67 -6.60
N GLY A 41 -4.29 -1.34 -6.96
CA GLY A 41 -3.51 -2.24 -7.88
C GLY A 41 -3.11 -1.50 -9.16
N GLU A 42 -3.10 -0.19 -9.16
CA GLU A 42 -2.70 0.57 -10.40
C GLU A 42 -1.49 1.47 -10.08
N TRP A 43 -0.65 1.07 -9.16
CA TRP A 43 0.55 1.91 -8.79
C TRP A 43 1.74 1.00 -8.47
N ALA A 44 2.88 1.26 -9.08
CA ALA A 44 4.08 0.43 -8.82
C ALA A 44 5.27 1.34 -8.48
N ALA A 45 5.36 1.76 -7.24
CA ALA A 45 6.48 2.64 -6.81
C ALA A 45 7.33 1.91 -5.76
N GLU A 46 6.75 1.62 -4.62
CA GLU A 46 7.51 0.90 -3.55
C GLU A 46 7.12 -0.59 -3.54
N GLU A 47 5.89 -0.90 -3.90
CA GLU A 47 5.44 -2.33 -3.93
C GLU A 47 5.15 -2.74 -5.39
N LYS A 48 5.30 -4.00 -5.71
CA LYS A 48 5.04 -4.46 -7.11
C LYS A 48 3.69 -5.18 -7.16
N ARG A 49 2.72 -4.58 -7.82
CA ARG A 49 1.37 -5.22 -7.93
C ARG A 49 1.21 -5.86 -9.32
N ILE A 50 1.49 -5.12 -10.37
CA ILE A 50 1.35 -5.67 -11.76
C ILE A 50 2.46 -6.71 -12.04
N PRO A 51 2.10 -7.76 -12.74
CA PRO A 51 3.06 -8.83 -13.10
C PRO A 51 3.95 -8.39 -14.26
N SER A 52 3.37 -7.81 -15.30
CA SER A 52 4.18 -7.34 -16.47
C SER A 52 4.51 -5.86 -16.28
N SER A 53 5.78 -5.52 -16.19
CA SER A 53 6.18 -4.10 -15.98
C SER A 53 6.73 -3.50 -17.28
N GLY A 54 7.50 -4.25 -18.02
CA GLY A 54 8.08 -3.72 -19.30
C GLY A 54 9.46 -3.12 -19.01
N ASP A 55 10.43 -3.95 -18.74
CA ASP A 55 11.80 -3.46 -18.40
C ASP A 55 12.76 -3.72 -19.58
N LEU A 56 12.69 -4.88 -20.20
CA LEU A 56 13.60 -5.18 -21.36
C LEU A 56 12.80 -5.64 -22.58
N SER A 57 11.52 -5.35 -22.65
CA SER A 57 10.70 -5.77 -23.82
C SER A 57 10.98 -4.85 -25.02
N GLU A 58 10.86 -3.55 -24.84
CA GLU A 58 11.14 -2.61 -25.95
C GLU A 58 12.13 -1.53 -25.48
N SER A 59 13.21 -1.94 -24.87
CA SER A 59 14.24 -0.97 -24.38
C SER A 59 13.60 -0.01 -23.36
N ASP A 60 13.68 -0.35 -22.10
CA ASP A 60 13.08 0.52 -21.03
C ASP A 60 14.13 0.77 -19.94
N ASP A 61 14.83 -0.27 -19.55
CA ASP A 61 15.88 -0.15 -18.50
C ASP A 61 17.23 -0.61 -19.09
N TRP A 62 17.23 -1.71 -19.81
CA TRP A 62 18.50 -2.24 -20.43
C TRP A 62 18.81 -1.45 -21.70
N SER A 63 20.03 -1.01 -21.85
CA SER A 63 20.43 -0.23 -23.07
C SER A 63 19.49 0.97 -23.26
N GLU A 64 18.83 1.40 -22.20
CA GLU A 64 17.88 2.55 -22.29
C GLU A 64 17.63 3.10 -20.88
N GLU A 65 18.21 4.21 -20.56
CA GLU A 65 18.01 4.81 -19.21
C GLU A 65 17.02 5.99 -19.32
N PRO A 66 15.81 5.80 -18.81
CA PRO A 66 14.78 6.84 -18.84
C PRO A 66 15.15 7.92 -17.81
N LYS A 67 15.16 9.16 -18.23
CA LYS A 67 15.57 10.25 -17.31
C LYS A 67 14.36 11.09 -16.87
N GLN A 68 14.35 11.46 -15.62
CA GLN A 68 13.24 12.29 -15.07
C GLN A 68 13.79 13.64 -14.58
N MET A 4 -24.39 2.61 17.07
CA MET A 4 -24.27 3.03 18.50
C MET A 4 -22.87 2.72 19.03
N SER A 5 -22.53 1.46 19.16
CA SER A 5 -21.17 1.08 19.67
C SER A 5 -20.49 0.17 18.64
N GLU A 6 -19.87 0.76 17.63
CA GLU A 6 -19.18 -0.04 16.58
C GLU A 6 -17.74 0.45 16.44
N THR A 7 -16.79 -0.37 16.82
CA THR A 7 -15.34 0.03 16.71
C THR A 7 -14.54 -1.16 16.16
N ILE A 8 -14.78 -1.52 14.91
CA ILE A 8 -14.04 -2.65 14.29
C ILE A 8 -12.68 -2.17 13.77
N THR A 9 -11.61 -2.82 14.14
CA THR A 9 -10.26 -2.39 13.67
C THR A 9 -9.94 -3.08 12.34
N VAL A 10 -9.71 -2.30 11.31
CA VAL A 10 -9.38 -2.88 9.97
C VAL A 10 -7.86 -2.95 9.82
N ASN A 11 -7.33 -4.13 9.55
CA ASN A 11 -5.86 -4.28 9.40
C ASN A 11 -5.44 -3.94 7.96
N CYS A 12 -4.44 -3.10 7.81
CA CYS A 12 -3.96 -2.72 6.45
C CYS A 12 -3.49 -3.98 5.69
N PRO A 13 -4.14 -4.25 4.58
CA PRO A 13 -3.82 -5.43 3.75
C PRO A 13 -2.56 -5.22 2.90
N THR A 14 -2.04 -3.99 2.84
CA THR A 14 -0.82 -3.73 2.03
C THR A 14 0.44 -4.02 2.88
N CYS A 15 0.48 -3.52 4.10
CA CYS A 15 1.68 -3.75 4.98
C CYS A 15 1.30 -4.55 6.23
N GLY A 16 0.10 -4.34 6.76
CA GLY A 16 -0.32 -5.08 7.99
C GLY A 16 -0.28 -4.11 9.18
N LYS A 17 -1.36 -3.41 9.41
CA LYS A 17 -1.41 -2.44 10.54
C LYS A 17 -2.85 -2.33 11.07
N THR A 18 -3.02 -2.51 12.37
CA THR A 18 -4.40 -2.43 12.96
C THR A 18 -4.87 -0.96 12.93
N VAL A 19 -5.91 -0.69 12.18
CA VAL A 19 -6.43 0.71 12.08
C VAL A 19 -7.87 0.74 12.62
N VAL A 20 -8.07 1.35 13.76
CA VAL A 20 -9.44 1.41 14.37
C VAL A 20 -10.43 2.04 13.37
N TRP A 21 -11.59 1.41 13.22
CA TRP A 21 -12.62 1.93 12.27
C TRP A 21 -14.00 1.91 12.93
N GLY A 22 -14.92 2.73 12.47
CA GLY A 22 -16.29 2.77 13.07
C GLY A 22 -16.62 4.18 13.55
N GLU A 23 -16.58 4.40 14.84
CA GLU A 23 -16.88 5.77 15.39
C GLU A 23 -15.57 6.52 15.67
N ILE A 24 -14.49 6.13 15.01
CA ILE A 24 -13.19 6.81 15.22
C ILE A 24 -12.28 6.50 14.02
N SER A 25 -12.26 7.38 13.05
CA SER A 25 -11.43 7.15 11.82
C SER A 25 -10.33 8.22 11.74
N PRO A 26 -9.14 7.85 12.17
CA PRO A 26 -7.98 8.75 12.16
C PRO A 26 -7.39 8.88 10.74
N PHE A 27 -7.16 7.77 10.09
CA PHE A 27 -6.58 7.81 8.70
C PHE A 27 -7.24 6.71 7.85
N ARG A 28 -8.56 6.64 7.86
CA ARG A 28 -9.28 5.58 7.07
C ARG A 28 -8.90 4.21 7.65
N PRO A 29 -9.39 3.13 7.04
CA PRO A 29 -9.08 1.76 7.50
C PRO A 29 -7.64 1.37 7.13
N PHE A 30 -6.99 2.14 6.28
CA PHE A 30 -5.59 1.83 5.90
C PHE A 30 -4.65 2.61 6.81
N CYS A 31 -3.43 2.14 7.00
CA CYS A 31 -2.47 2.86 7.88
C CYS A 31 -2.03 4.17 7.21
N SER A 32 -1.94 4.18 5.90
CA SER A 32 -1.52 5.42 5.17
C SER A 32 -2.21 5.48 3.81
N LYS A 33 -2.17 6.62 3.17
CA LYS A 33 -2.81 6.77 1.84
C LYS A 33 -2.04 5.97 0.78
N ARG A 34 -0.73 5.96 0.89
CA ARG A 34 0.10 5.19 -0.09
C ARG A 34 -0.27 3.71 -0.01
N CYS A 35 -0.46 3.20 1.18
CA CYS A 35 -0.85 1.75 1.34
C CYS A 35 -2.19 1.52 0.64
N GLN A 36 -3.16 2.37 0.89
CA GLN A 36 -4.49 2.22 0.22
C GLN A 36 -4.31 2.36 -1.29
N LEU A 37 -3.41 3.22 -1.71
CA LEU A 37 -3.15 3.42 -3.16
C LEU A 37 -2.60 2.12 -3.75
N ILE A 38 -1.44 1.70 -3.34
CA ILE A 38 -0.84 0.42 -3.87
C ILE A 38 -1.86 -0.72 -3.77
N ASP A 39 -2.72 -0.70 -2.75
CA ASP A 39 -3.73 -1.78 -2.59
C ASP A 39 -4.58 -1.89 -3.87
N LEU A 40 -4.95 -0.77 -4.46
CA LEU A 40 -5.77 -0.80 -5.72
C LEU A 40 -4.93 -1.44 -6.83
N GLY A 41 -3.80 -0.86 -7.15
CA GLY A 41 -2.91 -1.43 -8.22
C GLY A 41 -3.00 -0.58 -9.49
N GLU A 42 -3.25 0.70 -9.37
CA GLU A 42 -3.34 1.58 -10.57
C GLU A 42 -2.46 2.82 -10.35
N TRP A 43 -1.30 2.65 -9.77
CA TRP A 43 -0.39 3.81 -9.50
C TRP A 43 1.05 3.42 -9.83
N ALA A 44 1.56 2.41 -9.17
CA ALA A 44 2.96 1.95 -9.42
C ALA A 44 2.97 0.45 -9.73
N ALA A 45 3.77 0.06 -10.70
CA ALA A 45 3.85 -1.39 -11.07
C ALA A 45 2.47 -1.89 -11.54
N GLU A 46 2.11 -1.56 -12.75
CA GLU A 46 0.78 -1.99 -13.29
C GLU A 46 0.99 -3.26 -14.12
N GLU A 47 0.35 -4.34 -13.75
CA GLU A 47 0.52 -5.62 -14.51
C GLU A 47 -0.46 -5.68 -15.70
N LYS A 48 -1.14 -4.59 -16.00
CA LYS A 48 -2.10 -4.57 -17.16
C LYS A 48 -1.44 -3.81 -18.31
N ARG A 49 -0.90 -4.51 -19.28
CA ARG A 49 -0.23 -3.81 -20.43
C ARG A 49 -0.72 -4.37 -21.78
N ILE A 50 -1.15 -3.49 -22.66
CA ILE A 50 -1.61 -3.92 -24.01
C ILE A 50 -0.85 -3.10 -25.06
N PRO A 51 0.32 -3.59 -25.42
CA PRO A 51 1.19 -2.92 -26.40
C PRO A 51 0.69 -3.11 -27.84
N SER A 52 1.06 -2.20 -28.71
CA SER A 52 0.63 -2.30 -30.14
C SER A 52 0.94 -3.72 -30.67
N SER A 53 2.08 -4.25 -30.31
CA SER A 53 2.46 -5.62 -30.76
C SER A 53 2.24 -6.59 -29.59
N GLY A 54 1.51 -7.66 -29.81
CA GLY A 54 1.25 -8.63 -28.71
C GLY A 54 -0.12 -8.34 -28.09
N ASP A 55 -0.24 -7.21 -27.41
CA ASP A 55 -1.54 -6.84 -26.77
C ASP A 55 -1.97 -7.96 -25.81
N LEU A 56 -1.28 -8.11 -24.71
CA LEU A 56 -1.64 -9.19 -23.72
C LEU A 56 -2.79 -8.70 -22.83
N SER A 57 -3.92 -9.37 -22.90
CA SER A 57 -5.10 -8.96 -22.07
C SER A 57 -5.58 -10.13 -21.21
N GLU A 58 -5.47 -10.02 -19.90
CA GLU A 58 -5.93 -11.11 -18.99
C GLU A 58 -7.46 -11.12 -19.02
N SER A 59 -8.06 -12.20 -19.47
CA SER A 59 -9.56 -12.23 -19.54
C SER A 59 -10.11 -13.63 -19.23
N ASP A 60 -10.92 -13.73 -18.20
CA ASP A 60 -11.53 -15.03 -17.84
C ASP A 60 -13.06 -14.89 -17.91
N ASP A 61 -13.61 -13.93 -17.19
CA ASP A 61 -15.09 -13.72 -17.20
C ASP A 61 -15.80 -15.01 -16.77
N TRP A 62 -15.69 -15.39 -15.50
CA TRP A 62 -16.33 -16.65 -15.02
C TRP A 62 -15.52 -17.84 -15.60
N SER A 63 -15.18 -18.82 -14.79
CA SER A 63 -14.38 -19.97 -15.31
C SER A 63 -15.27 -20.95 -16.11
N GLU A 64 -16.04 -20.44 -17.05
CA GLU A 64 -16.92 -21.32 -17.89
C GLU A 64 -16.27 -21.46 -19.26
N GLU A 65 -15.83 -20.35 -19.79
CA GLU A 65 -15.17 -20.36 -21.12
C GLU A 65 -13.80 -19.68 -20.97
N PRO A 66 -12.86 -20.12 -21.77
CA PRO A 66 -11.51 -19.55 -21.77
C PRO A 66 -11.50 -18.22 -22.55
N LYS A 67 -12.38 -18.07 -23.52
CA LYS A 67 -12.43 -16.82 -24.33
C LYS A 67 -13.70 -16.03 -24.02
N GLN A 68 -13.59 -14.99 -23.22
CA GLN A 68 -14.78 -14.15 -22.87
C GLN A 68 -14.33 -12.92 -22.06
N MET A 4 -15.24 -5.10 19.12
CA MET A 4 -16.43 -4.23 19.36
C MET A 4 -17.34 -4.22 18.13
N SER A 5 -18.63 -4.17 18.33
CA SER A 5 -19.59 -4.15 17.19
C SER A 5 -19.58 -2.76 16.53
N GLU A 6 -19.67 -1.71 17.32
CA GLU A 6 -19.66 -0.33 16.75
C GLU A 6 -18.23 0.03 16.33
N THR A 7 -17.29 -0.08 17.24
CA THR A 7 -15.87 0.25 16.91
C THR A 7 -15.18 -0.98 16.31
N ILE A 8 -15.09 -1.04 15.00
CA ILE A 8 -14.43 -2.20 14.33
C ILE A 8 -12.98 -1.83 13.99
N THR A 9 -12.13 -2.81 13.78
CA THR A 9 -10.69 -2.51 13.45
C THR A 9 -10.31 -3.20 12.14
N VAL A 10 -9.85 -2.44 11.17
CA VAL A 10 -9.44 -3.04 9.87
C VAL A 10 -7.91 -3.10 9.79
N ASN A 11 -7.36 -4.22 9.39
CA ASN A 11 -5.88 -4.36 9.29
C ASN A 11 -5.40 -4.01 7.88
N CYS A 12 -4.32 -3.27 7.79
CA CYS A 12 -3.76 -2.89 6.46
C CYS A 12 -3.28 -4.15 5.73
N PRO A 13 -3.88 -4.42 4.60
CA PRO A 13 -3.54 -5.60 3.77
C PRO A 13 -2.25 -5.37 2.96
N THR A 14 -1.73 -4.15 2.96
CA THR A 14 -0.48 -3.87 2.19
C THR A 14 0.75 -3.99 3.10
N CYS A 15 0.79 -3.26 4.19
CA CYS A 15 1.97 -3.33 5.11
C CYS A 15 1.63 -4.13 6.37
N GLY A 16 0.39 -4.13 6.80
CA GLY A 16 0.02 -4.90 8.03
C GLY A 16 -0.05 -3.95 9.23
N LYS A 17 -1.18 -3.31 9.42
CA LYS A 17 -1.33 -2.36 10.56
C LYS A 17 -2.80 -2.30 11.00
N THR A 18 -3.06 -2.54 12.26
CA THR A 18 -4.47 -2.51 12.76
C THR A 18 -4.94 -1.05 12.89
N VAL A 19 -5.86 -0.64 12.04
CA VAL A 19 -6.38 0.75 12.11
C VAL A 19 -7.85 0.71 12.53
N VAL A 20 -8.18 1.32 13.64
CA VAL A 20 -9.60 1.32 14.11
C VAL A 20 -10.48 2.05 13.11
N TRP A 21 -11.65 1.51 12.84
CA TRP A 21 -12.58 2.15 11.85
C TRP A 21 -14.01 2.18 12.44
N GLY A 22 -14.83 3.11 12.00
CA GLY A 22 -16.22 3.19 12.52
C GLY A 22 -16.30 4.32 13.56
N GLU A 23 -16.68 5.51 13.13
CA GLU A 23 -16.79 6.67 14.07
C GLU A 23 -15.40 7.01 14.67
N ILE A 24 -14.34 6.65 13.98
CA ILE A 24 -12.97 6.94 14.49
C ILE A 24 -11.94 6.46 13.45
N SER A 25 -11.38 7.38 12.69
CA SER A 25 -10.39 6.99 11.65
C SER A 25 -9.10 7.81 11.82
N PRO A 26 -8.17 7.26 12.57
CA PRO A 26 -6.86 7.90 12.82
C PRO A 26 -5.94 7.71 11.61
N PHE A 27 -5.99 6.56 10.99
CA PHE A 27 -5.13 6.29 9.79
C PHE A 27 -6.01 5.77 8.63
N ARG A 28 -7.23 6.26 8.52
CA ARG A 28 -8.15 5.82 7.42
C ARG A 28 -8.53 4.33 7.58
N PRO A 29 -9.37 3.85 6.68
CA PRO A 29 -9.83 2.45 6.69
C PRO A 29 -8.76 1.49 6.12
N PHE A 30 -7.54 1.95 5.97
CA PHE A 30 -6.45 1.07 5.44
C PHE A 30 -5.24 1.17 6.35
N CYS A 31 -4.57 2.31 6.33
CA CYS A 31 -3.35 2.51 7.18
C CYS A 31 -2.66 3.80 6.76
N SER A 32 -2.62 4.07 5.48
CA SER A 32 -1.94 5.31 4.98
C SER A 32 -2.36 5.59 3.53
N LYS A 33 -1.94 6.71 2.99
CA LYS A 33 -2.31 7.07 1.58
C LYS A 33 -1.61 6.10 0.63
N ARG A 34 -0.34 5.86 0.83
CA ARG A 34 0.42 4.94 -0.06
C ARG A 34 -0.13 3.51 0.09
N CYS A 35 -0.39 3.08 1.30
CA CYS A 35 -0.94 1.70 1.53
C CYS A 35 -2.28 1.56 0.78
N GLN A 36 -3.14 2.55 0.89
CA GLN A 36 -4.46 2.49 0.17
C GLN A 36 -4.21 2.54 -1.34
N LEU A 37 -3.18 3.24 -1.76
CA LEU A 37 -2.87 3.32 -3.22
C LEU A 37 -2.55 1.91 -3.72
N ILE A 38 -1.51 1.30 -3.19
CA ILE A 38 -1.13 -0.09 -3.61
C ILE A 38 -2.36 -1.02 -3.53
N ASP A 39 -3.28 -0.75 -2.63
CA ASP A 39 -4.49 -1.59 -2.49
C ASP A 39 -5.32 -1.58 -3.79
N LEU A 40 -5.29 -0.49 -4.53
CA LEU A 40 -6.05 -0.44 -5.82
C LEU A 40 -5.37 -1.32 -6.85
N GLY A 41 -4.12 -1.04 -7.17
CA GLY A 41 -3.37 -1.88 -8.16
C GLY A 41 -3.13 -1.11 -9.46
N GLU A 42 -3.11 0.21 -9.42
CA GLU A 42 -2.87 1.00 -10.66
C GLU A 42 -1.69 1.97 -10.42
N TRP A 43 -0.66 1.50 -9.76
CA TRP A 43 0.52 2.38 -9.46
C TRP A 43 1.82 1.62 -9.76
N ALA A 44 2.79 2.29 -10.35
CA ALA A 44 4.08 1.62 -10.69
C ALA A 44 5.15 1.98 -9.65
N ALA A 45 5.28 3.24 -9.32
CA ALA A 45 6.31 3.65 -8.32
C ALA A 45 5.73 3.67 -6.89
N GLU A 46 4.62 2.98 -6.66
CA GLU A 46 4.02 2.94 -5.29
C GLU A 46 4.22 1.55 -4.69
N GLU A 47 3.60 0.54 -5.25
CA GLU A 47 3.78 -0.85 -4.73
C GLU A 47 5.17 -1.33 -5.13
N LYS A 48 5.95 -1.79 -4.19
CA LYS A 48 7.32 -2.26 -4.51
C LYS A 48 7.56 -3.64 -3.90
N ARG A 49 7.41 -3.74 -2.60
CA ARG A 49 7.62 -5.06 -1.92
C ARG A 49 6.36 -5.91 -2.01
N ILE A 50 5.24 -5.36 -1.61
CA ILE A 50 3.96 -6.13 -1.64
C ILE A 50 3.00 -5.51 -2.67
N PRO A 51 2.59 -6.31 -3.64
CA PRO A 51 1.65 -5.86 -4.69
C PRO A 51 0.22 -5.81 -4.13
N SER A 52 -0.27 -6.91 -3.60
CA SER A 52 -1.65 -6.94 -3.02
C SER A 52 -2.71 -6.67 -4.09
N SER A 53 -3.97 -6.76 -3.72
CA SER A 53 -5.10 -6.52 -4.69
C SER A 53 -5.13 -7.67 -5.70
N GLY A 54 -6.13 -8.52 -5.62
CA GLY A 54 -6.24 -9.67 -6.56
C GLY A 54 -5.39 -10.82 -6.04
N ASP A 55 -4.10 -10.61 -5.87
CA ASP A 55 -3.21 -11.67 -5.35
C ASP A 55 -3.20 -11.63 -3.82
N LEU A 56 -2.96 -12.76 -3.19
CA LEU A 56 -2.92 -12.80 -1.71
C LEU A 56 -1.54 -12.33 -1.23
N SER A 57 -1.49 -11.28 -0.46
CA SER A 57 -0.19 -10.76 0.03
C SER A 57 0.02 -11.15 1.50
N GLU A 58 -0.65 -10.48 2.41
CA GLU A 58 -0.47 -10.80 3.86
C GLU A 58 -1.62 -10.21 4.70
N SER A 59 -1.69 -10.61 5.94
CA SER A 59 -2.76 -10.09 6.85
C SER A 59 -2.24 -10.05 8.30
N ASP A 60 -0.98 -9.72 8.48
CA ASP A 60 -0.40 -9.68 9.86
C ASP A 60 0.35 -8.35 10.07
N ASP A 61 0.47 -7.94 11.31
CA ASP A 61 1.18 -6.66 11.62
C ASP A 61 2.70 -6.89 11.50
N TRP A 62 3.19 -7.95 12.08
CA TRP A 62 4.65 -8.25 12.02
C TRP A 62 4.93 -9.20 10.84
N SER A 63 4.18 -10.26 10.72
CA SER A 63 4.39 -11.23 9.61
C SER A 63 4.06 -10.55 8.26
N GLU A 64 5.08 -10.16 7.54
CA GLU A 64 4.87 -9.48 6.22
C GLU A 64 5.24 -10.43 5.08
N GLU A 65 4.42 -10.50 4.05
CA GLU A 65 4.73 -11.41 2.91
C GLU A 65 4.28 -10.78 1.58
N PRO A 66 5.19 -10.69 0.65
CA PRO A 66 4.94 -10.12 -0.70
C PRO A 66 4.22 -11.13 -1.61
N LYS A 67 4.73 -12.33 -1.69
CA LYS A 67 4.11 -13.38 -2.57
C LYS A 67 4.29 -14.75 -1.93
N GLN A 68 5.52 -15.14 -1.69
CA GLN A 68 5.79 -16.47 -1.06
C GLN A 68 6.51 -16.26 0.29
N MET A 4 -17.65 -9.34 22.85
CA MET A 4 -18.31 -8.07 22.46
C MET A 4 -17.25 -7.07 21.99
N SER A 5 -17.50 -6.37 20.91
CA SER A 5 -16.52 -5.38 20.40
C SER A 5 -17.12 -3.97 20.41
N GLU A 6 -16.53 -3.08 21.17
CA GLU A 6 -17.04 -1.68 21.23
C GLU A 6 -16.43 -0.88 20.08
N THR A 7 -15.13 -0.99 19.90
CA THR A 7 -14.45 -0.26 18.78
C THR A 7 -13.93 -1.27 17.76
N ILE A 8 -14.32 -1.13 16.51
CA ILE A 8 -13.85 -2.09 15.46
C ILE A 8 -12.47 -1.65 14.95
N THR A 9 -11.74 -2.55 14.35
CA THR A 9 -10.37 -2.19 13.83
C THR A 9 -10.13 -2.88 12.48
N VAL A 10 -9.83 -2.10 11.46
CA VAL A 10 -9.57 -2.69 10.11
C VAL A 10 -8.04 -2.82 9.91
N ASN A 11 -7.58 -4.01 9.61
CA ASN A 11 -6.12 -4.22 9.42
C ASN A 11 -5.72 -3.86 7.98
N CYS A 12 -4.66 -3.12 7.82
CA CYS A 12 -4.18 -2.72 6.46
C CYS A 12 -3.66 -3.96 5.72
N PRO A 13 -4.28 -4.26 4.59
CA PRO A 13 -3.91 -5.43 3.77
C PRO A 13 -2.64 -5.16 2.94
N THR A 14 -2.16 -3.94 2.90
CA THR A 14 -0.93 -3.62 2.10
C THR A 14 0.32 -3.83 2.97
N CYS A 15 0.37 -3.24 4.14
CA CYS A 15 1.57 -3.38 5.01
C CYS A 15 1.26 -4.31 6.21
N GLY A 16 0.02 -4.46 6.59
CA GLY A 16 -0.33 -5.34 7.75
C GLY A 16 -0.25 -4.50 9.02
N LYS A 17 -1.27 -3.72 9.28
CA LYS A 17 -1.26 -2.85 10.50
C LYS A 17 -2.70 -2.68 11.03
N THR A 18 -2.88 -2.82 12.32
CA THR A 18 -4.26 -2.68 12.91
C THR A 18 -4.63 -1.19 12.98
N VAL A 19 -5.59 -0.77 12.18
CA VAL A 19 -6.03 0.65 12.19
C VAL A 19 -7.41 0.73 12.83
N VAL A 20 -7.65 1.71 13.66
CA VAL A 20 -8.98 1.83 14.34
C VAL A 20 -10.08 2.08 13.28
N TRP A 21 -11.22 1.45 13.46
CA TRP A 21 -12.34 1.62 12.50
C TRP A 21 -13.53 2.30 13.21
N GLY A 22 -14.36 2.99 12.46
CA GLY A 22 -15.54 3.68 13.08
C GLY A 22 -15.42 5.19 12.83
N GLU A 23 -15.07 5.94 13.85
CA GLU A 23 -14.95 7.42 13.69
C GLU A 23 -14.01 7.98 14.77
N ILE A 24 -12.82 7.44 14.87
CA ILE A 24 -11.83 7.92 15.89
C ILE A 24 -10.62 8.54 15.18
N SER A 25 -10.01 7.82 14.28
CA SER A 25 -8.83 8.36 13.54
C SER A 25 -9.28 9.00 12.21
N PRO A 26 -8.39 9.75 11.61
CA PRO A 26 -8.65 10.43 10.33
C PRO A 26 -8.56 9.43 9.16
N PHE A 27 -7.85 8.34 9.34
CA PHE A 27 -7.72 7.32 8.25
C PHE A 27 -8.26 5.97 8.76
N ARG A 28 -9.56 5.85 8.86
CA ARG A 28 -10.17 4.57 9.35
C ARG A 28 -9.75 3.41 8.44
N PRO A 29 -10.01 3.53 7.16
CA PRO A 29 -9.64 2.50 6.16
C PRO A 29 -8.14 2.59 5.85
N PHE A 30 -7.42 1.51 6.03
CA PHE A 30 -5.94 1.51 5.78
C PHE A 30 -5.24 2.43 6.78
N CYS A 31 -3.93 2.36 6.87
CA CYS A 31 -3.18 3.23 7.82
C CYS A 31 -2.75 4.54 7.13
N SER A 32 -2.48 4.49 5.83
CA SER A 32 -2.05 5.72 5.11
C SER A 32 -2.63 5.73 3.69
N LYS A 33 -2.62 6.87 3.04
CA LYS A 33 -3.15 6.97 1.64
C LYS A 33 -2.30 6.09 0.72
N ARG A 34 -1.01 5.96 1.02
CA ARG A 34 -0.10 5.13 0.18
C ARG A 34 -0.54 3.66 0.22
N CYS A 35 -0.76 3.12 1.40
CA CYS A 35 -1.19 1.69 1.52
C CYS A 35 -2.47 1.46 0.70
N GLN A 36 -3.46 2.32 0.87
CA GLN A 36 -4.72 2.15 0.09
C GLN A 36 -4.43 2.33 -1.41
N LEU A 37 -3.54 3.25 -1.75
CA LEU A 37 -3.19 3.48 -3.18
C LEU A 37 -2.56 2.20 -3.76
N ILE A 38 -1.40 1.83 -3.28
CA ILE A 38 -0.71 0.60 -3.77
C ILE A 38 -1.67 -0.61 -3.74
N ASP A 39 -2.61 -0.62 -2.81
CA ASP A 39 -3.58 -1.76 -2.72
C ASP A 39 -4.27 -2.00 -4.09
N LEU A 40 -4.66 -0.93 -4.76
CA LEU A 40 -5.32 -1.10 -6.10
C LEU A 40 -4.31 -1.69 -7.09
N GLY A 41 -3.20 -1.03 -7.29
CA GLY A 41 -2.15 -1.56 -8.23
C GLY A 41 -2.07 -0.72 -9.51
N GLU A 42 -2.52 0.52 -9.47
CA GLU A 42 -2.44 1.38 -10.69
C GLU A 42 -1.60 2.63 -10.38
N TRP A 43 -0.52 2.45 -9.65
CA TRP A 43 0.36 3.62 -9.28
C TRP A 43 1.82 3.19 -9.38
N ALA A 44 2.21 2.19 -8.60
CA ALA A 44 3.62 1.71 -8.63
C ALA A 44 3.66 0.29 -9.21
N ALA A 45 4.47 0.07 -10.23
CA ALA A 45 4.55 -1.28 -10.86
C ALA A 45 5.31 -2.25 -9.95
N GLU A 46 6.40 -1.82 -9.37
CA GLU A 46 7.19 -2.71 -8.46
C GLU A 46 6.86 -2.37 -7.01
N GLU A 47 6.40 -3.33 -6.25
CA GLU A 47 6.06 -3.08 -4.82
C GLU A 47 7.23 -3.52 -3.92
N LYS A 48 7.81 -4.66 -4.20
CA LYS A 48 8.95 -5.15 -3.36
C LYS A 48 10.02 -5.79 -4.26
N ARG A 49 11.27 -5.37 -4.11
CA ARG A 49 12.38 -5.95 -4.94
C ARG A 49 13.59 -6.24 -4.05
N ILE A 50 14.46 -7.14 -4.48
CA ILE A 50 15.67 -7.48 -3.67
C ILE A 50 16.64 -6.29 -3.62
N PRO A 51 16.99 -5.90 -2.40
CA PRO A 51 17.92 -4.77 -2.17
C PRO A 51 19.37 -5.21 -2.41
N SER A 52 19.90 -4.89 -3.56
CA SER A 52 21.30 -5.29 -3.89
C SER A 52 22.26 -4.13 -3.57
N SER A 53 22.99 -4.25 -2.49
CA SER A 53 23.95 -3.16 -2.11
C SER A 53 25.39 -3.70 -2.26
N GLY A 54 26.10 -3.23 -3.25
CA GLY A 54 27.49 -3.71 -3.48
C GLY A 54 27.48 -4.96 -4.37
N ASP A 55 26.96 -6.05 -3.86
CA ASP A 55 26.92 -7.31 -4.68
C ASP A 55 25.50 -7.54 -5.21
N LEU A 56 25.39 -8.03 -6.42
CA LEU A 56 24.03 -8.28 -7.02
C LEU A 56 23.57 -9.71 -6.66
N SER A 57 22.33 -10.03 -6.98
CA SER A 57 21.79 -11.40 -6.68
C SER A 57 22.69 -12.45 -7.35
N GLU A 58 23.01 -12.26 -8.61
CA GLU A 58 23.91 -13.21 -9.33
C GLU A 58 25.09 -12.43 -9.91
N SER A 59 26.13 -12.25 -9.13
CA SER A 59 27.32 -11.48 -9.61
C SER A 59 28.60 -12.24 -9.26
N ASP A 60 29.21 -12.86 -10.24
CA ASP A 60 30.49 -13.61 -9.99
C ASP A 60 31.46 -13.35 -11.15
N ASP A 61 32.71 -13.13 -10.84
CA ASP A 61 33.72 -12.87 -11.91
C ASP A 61 34.37 -14.19 -12.35
N TRP A 62 34.47 -14.41 -13.64
CA TRP A 62 35.08 -15.68 -14.15
C TRP A 62 36.60 -15.51 -14.27
N SER A 63 37.07 -14.31 -14.54
CA SER A 63 38.54 -14.08 -14.66
C SER A 63 39.14 -13.85 -13.27
N GLU A 64 38.64 -12.88 -12.54
CA GLU A 64 39.15 -12.61 -11.17
C GLU A 64 38.51 -13.59 -10.18
N GLU A 65 38.57 -13.30 -8.90
CA GLU A 65 37.97 -14.21 -7.89
C GLU A 65 36.45 -14.00 -7.84
N PRO A 66 35.71 -15.07 -8.08
CA PRO A 66 34.24 -15.04 -8.08
C PRO A 66 33.71 -15.00 -6.63
N LYS A 67 33.37 -13.83 -6.15
CA LYS A 67 32.85 -13.71 -4.77
C LYS A 67 31.33 -13.88 -4.79
N GLN A 68 30.83 -14.88 -4.13
CA GLN A 68 29.36 -15.12 -4.10
C GLN A 68 28.74 -14.35 -2.93
#